data_6VL4
# 
_entry.id   6VL4 
# 
_audit_conform.dict_name       mmcif_pdbx.dic 
_audit_conform.dict_version    5.397 
_audit_conform.dict_location   http://mmcif.pdb.org/dictionaries/ascii/mmcif_pdbx.dic 
# 
loop_
_database_2.database_id 
_database_2.database_code 
_database_2.pdbx_database_accession 
_database_2.pdbx_DOI 
PDB   6VL4         pdb_00006vl4 10.2210/pdb6vl4/pdb 
WWPDB D_1000246575 ?            ?                   
# 
loop_
_pdbx_audit_revision_history.ordinal 
_pdbx_audit_revision_history.data_content_type 
_pdbx_audit_revision_history.major_revision 
_pdbx_audit_revision_history.minor_revision 
_pdbx_audit_revision_history.revision_date 
1 'Structure model' 1 0 2020-12-02 
2 'Structure model' 1 1 2020-12-09 
3 'Structure model' 1 2 2020-12-16 
4 'Structure model' 1 3 2024-10-23 
# 
_pdbx_audit_revision_details.ordinal             1 
_pdbx_audit_revision_details.revision_ordinal    1 
_pdbx_audit_revision_details.data_content_type   'Structure model' 
_pdbx_audit_revision_details.provider            repository 
_pdbx_audit_revision_details.type                'Initial release' 
_pdbx_audit_revision_details.description         ? 
_pdbx_audit_revision_details.details             ? 
# 
loop_
_pdbx_audit_revision_group.ordinal 
_pdbx_audit_revision_group.revision_ordinal 
_pdbx_audit_revision_group.data_content_type 
_pdbx_audit_revision_group.group 
1 2 'Structure model' 'Database references'    
2 3 'Structure model' 'Database references'    
3 4 'Structure model' 'Data collection'        
4 4 'Structure model' 'Database references'    
5 4 'Structure model' 'Refinement description' 
6 4 'Structure model' 'Structure summary'      
# 
loop_
_pdbx_audit_revision_category.ordinal 
_pdbx_audit_revision_category.revision_ordinal 
_pdbx_audit_revision_category.data_content_type 
_pdbx_audit_revision_category.category 
1  2 'Structure model' citation                      
2  2 'Structure model' citation_author               
3  3 'Structure model' citation                      
4  4 'Structure model' chem_comp_atom                
5  4 'Structure model' chem_comp_bond                
6  4 'Structure model' database_2                    
7  4 'Structure model' pdbx_entry_details            
8  4 'Structure model' pdbx_initial_refinement_model 
9  4 'Structure model' pdbx_modification_feature     
10 4 'Structure model' refine                        
# 
loop_
_pdbx_audit_revision_item.ordinal 
_pdbx_audit_revision_item.revision_ordinal 
_pdbx_audit_revision_item.data_content_type 
_pdbx_audit_revision_item.item 
1  2 'Structure model' '_citation.journal_id_ISSN'                    
2  2 'Structure model' '_citation.page_first'                         
3  2 'Structure model' '_citation.page_last'                          
4  2 'Structure model' '_citation.pdbx_database_id_PubMed'            
5  2 'Structure model' '_citation.title'                              
6  2 'Structure model' '_citation_author.identifier_ORCID'            
7  3 'Structure model' '_citation.journal_volume'                     
8  4 'Structure model' '_database_2.pdbx_DOI'                         
9  4 'Structure model' '_database_2.pdbx_database_accession'          
10 4 'Structure model' '_pdbx_entry_details.has_protein_modification' 
11 4 'Structure model' '_refine.pdbx_starting_model'                  
# 
_pdbx_database_status.status_code                     REL 
_pdbx_database_status.status_code_sf                  REL 
_pdbx_database_status.status_code_mr                  ? 
_pdbx_database_status.entry_id                        6VL4 
_pdbx_database_status.recvd_initial_deposition_date   2020-01-22 
_pdbx_database_status.SG_entry                        N 
_pdbx_database_status.deposit_site                    RCSB 
_pdbx_database_status.process_site                    RCSB 
_pdbx_database_status.status_code_cs                  ? 
_pdbx_database_status.status_code_nmr_data            ? 
_pdbx_database_status.methods_development_category    ? 
_pdbx_database_status.pdb_format_compatible           Y 
# 
loop_
_audit_author.name 
_audit_author.pdbx_ordinal 
_audit_author.identifier_ORCID 
'Ho, J.D.'          1  0000-0002-9636-5527 
'Lee, M.R.'         2  ?                   
'Rauch, C.T.'       3  ?                   
'Aznavour, K.'      4  ?                   
'Park, J.S.'        5  ?                   
'Luz, J.G.'         6  ?                   
'Antonysamy, S.'    7  ?                   
'Condon, B.'        8  ?                   
'Maletic, M.'       9  ?                   
'Zhang, A.'         10 ?                   
'Hickey, M.J.'      11 ?                   
'Hughes, N.E.'      12 ?                   
'Chandrasekhar, S.' 13 ?                   
'Sloan, A.V.'       14 ?                   
'Gooding, K.'       15 ?                   
'Harvey, A.'        16 ?                   
'Yu, X.P.'          17 ?                   
'Kahl, S.D.'        18 ?                   
'Norman, B.H.'      19 0000-0002-0765-8548 
# 
_citation.abstract                  ? 
_citation.abstract_id_CAS           ? 
_citation.book_id_ISBN              ? 
_citation.book_publisher            ? 
_citation.book_publisher_city       ? 
_citation.book_title                ? 
_citation.coordinate_linkage        ? 
_citation.country                   ? 
_citation.database_id_Medline       ? 
_citation.details                   ? 
_citation.id                        primary 
_citation.journal_abbrev            'Biochim Biophys Acta Gen Subj' 
_citation.journal_id_ASTM           ? 
_citation.journal_id_CSD            ? 
_citation.journal_id_ISSN           1872-8006 
_citation.journal_full              ? 
_citation.journal_issue             ? 
_citation.journal_volume            1865 
_citation.language                  ? 
_citation.page_first                129800 
_citation.page_last                 129800 
_citation.title                     
;Structure-based, multi-targeted drug discovery approach to eicosanoid inhibition: Dual inhibitors of mPGES-1 and 5-lipoxygenase activating protein (FLAP).
;
_citation.year                      2020 
_citation.database_id_CSD           ? 
_citation.pdbx_database_id_DOI      10.1016/j.bbagen.2020.129800 
_citation.pdbx_database_id_PubMed   33246032 
_citation.unpublished_flag          ? 
# 
loop_
_citation_author.citation_id 
_citation_author.name 
_citation_author.ordinal 
_citation_author.identifier_ORCID 
primary 'Ho, J.D.'          1  ? 
primary 'Lee, M.R.'         2  ? 
primary 'Rauch, C.T.'       3  ? 
primary 'Aznavour, K.'      4  ? 
primary 'Park, J.S.'        5  ? 
primary 'Luz, J.G.'         6  ? 
primary 'Antonysamy, S.'    7  ? 
primary 'Condon, B.'        8  ? 
primary 'Maletic, M.'       9  ? 
primary 'Zhang, A.'         10 ? 
primary 'Hickey, M.J.'      11 ? 
primary 'Hughes, N.E.'      12 ? 
primary 'Chandrasekhar, S.' 13 ? 
primary 'Sloan, A.V.'       14 ? 
primary 'Gooding, K.'       15 ? 
primary 'Harvey, A.'        16 ? 
primary 'Yu, X.P.'          17 ? 
primary 'Kahl, S.D.'        18 ? 
primary 'Norman, B.H.'      19 ? 
# 
loop_
_entity.id 
_entity.type 
_entity.src_method 
_entity.pdbx_description 
_entity.formula_weight 
_entity.pdbx_number_of_molecules 
_entity.pdbx_ec 
_entity.pdbx_mutation 
_entity.pdbx_fragment 
_entity.details 
1 polymer     man 'Prostaglandin E synthase'                                      17323.559 1  5.3.99.3 ? ? ? 
2 non-polymer syn '(2R)-cyclopentyl{4-[(quinolin-2-yl)methoxy]phenyl}acetic acid' 361.434   1  ?        ? ? ? 
3 non-polymer man 'octyl beta-D-glucopyranoside'                                  292.369   1  ?        ? ? ? 
4 non-polymer syn 'TETRAETHYLENE GLYCOL'                                          194.226   2  ?        ? ? ? 
5 water       nat water                                                           18.015    61 ?        ? ? ? 
# 
_entity_name_com.entity_id   1 
_entity_name_com.name        
'Microsomal glutathione S-transferase 1-like 1,MGST1-L1,Microsomal prostaglandin E synthase 1,MPGES-1,p53-induced gene 12 protein' 
# 
_entity_poly.entity_id                      1 
_entity_poly.type                           'polypeptide(L)' 
_entity_poly.nstd_linkage                   no 
_entity_poly.nstd_monomer                   yes 
_entity_poly.pdbx_seq_one_letter_code       
;MALPAHSLVMSSPALPAFLLCSTLLVIKMYVVAIITGQVRLRKKAFANPEDALRHGGPQY(CSO)RSDPDVERCLRAHRN
DMETIYPFLFLGFVYSFLGPNPFVAWMHFLVFLVGRVAHTVAYLGKLRAPIRSVTYTLAQLPCASMALQILWEAARHL
;
_entity_poly.pdbx_seq_one_letter_code_can   
;MALPAHSLVMSSPALPAFLLCSTLLVIKMYVVAIITGQVRLRKKAFANPEDALRHGGPQYCRSDPDVERCLRAHRNDMET
IYPFLFLGFVYSFLGPNPFVAWMHFLVFLVGRVAHTVAYLGKLRAPIRSVTYTLAQLPCASMALQILWEAARHL
;
_entity_poly.pdbx_strand_id                 A 
_entity_poly.pdbx_target_identifier         ? 
# 
loop_
_pdbx_entity_nonpoly.entity_id 
_pdbx_entity_nonpoly.name 
_pdbx_entity_nonpoly.comp_id 
2 '(2R)-cyclopentyl{4-[(quinolin-2-yl)methoxy]phenyl}acetic acid' QY1 
3 'octyl beta-D-glucopyranoside'                                  BOG 
4 'TETRAETHYLENE GLYCOL'                                          PG4 
5 water                                                           HOH 
# 
loop_
_entity_poly_seq.entity_id 
_entity_poly_seq.num 
_entity_poly_seq.mon_id 
_entity_poly_seq.hetero 
1 1   MET n 
1 2   ALA n 
1 3   LEU n 
1 4   PRO n 
1 5   ALA n 
1 6   HIS n 
1 7   SER n 
1 8   LEU n 
1 9   VAL n 
1 10  MET n 
1 11  SER n 
1 12  SER n 
1 13  PRO n 
1 14  ALA n 
1 15  LEU n 
1 16  PRO n 
1 17  ALA n 
1 18  PHE n 
1 19  LEU n 
1 20  LEU n 
1 21  CYS n 
1 22  SER n 
1 23  THR n 
1 24  LEU n 
1 25  LEU n 
1 26  VAL n 
1 27  ILE n 
1 28  LYS n 
1 29  MET n 
1 30  TYR n 
1 31  VAL n 
1 32  VAL n 
1 33  ALA n 
1 34  ILE n 
1 35  ILE n 
1 36  THR n 
1 37  GLY n 
1 38  GLN n 
1 39  VAL n 
1 40  ARG n 
1 41  LEU n 
1 42  ARG n 
1 43  LYS n 
1 44  LYS n 
1 45  ALA n 
1 46  PHE n 
1 47  ALA n 
1 48  ASN n 
1 49  PRO n 
1 50  GLU n 
1 51  ASP n 
1 52  ALA n 
1 53  LEU n 
1 54  ARG n 
1 55  HIS n 
1 56  GLY n 
1 57  GLY n 
1 58  PRO n 
1 59  GLN n 
1 60  TYR n 
1 61  CSO n 
1 62  ARG n 
1 63  SER n 
1 64  ASP n 
1 65  PRO n 
1 66  ASP n 
1 67  VAL n 
1 68  GLU n 
1 69  ARG n 
1 70  CYS n 
1 71  LEU n 
1 72  ARG n 
1 73  ALA n 
1 74  HIS n 
1 75  ARG n 
1 76  ASN n 
1 77  ASP n 
1 78  MET n 
1 79  GLU n 
1 80  THR n 
1 81  ILE n 
1 82  TYR n 
1 83  PRO n 
1 84  PHE n 
1 85  LEU n 
1 86  PHE n 
1 87  LEU n 
1 88  GLY n 
1 89  PHE n 
1 90  VAL n 
1 91  TYR n 
1 92  SER n 
1 93  PHE n 
1 94  LEU n 
1 95  GLY n 
1 96  PRO n 
1 97  ASN n 
1 98  PRO n 
1 99  PHE n 
1 100 VAL n 
1 101 ALA n 
1 102 TRP n 
1 103 MET n 
1 104 HIS n 
1 105 PHE n 
1 106 LEU n 
1 107 VAL n 
1 108 PHE n 
1 109 LEU n 
1 110 VAL n 
1 111 GLY n 
1 112 ARG n 
1 113 VAL n 
1 114 ALA n 
1 115 HIS n 
1 116 THR n 
1 117 VAL n 
1 118 ALA n 
1 119 TYR n 
1 120 LEU n 
1 121 GLY n 
1 122 LYS n 
1 123 LEU n 
1 124 ARG n 
1 125 ALA n 
1 126 PRO n 
1 127 ILE n 
1 128 ARG n 
1 129 SER n 
1 130 VAL n 
1 131 THR n 
1 132 TYR n 
1 133 THR n 
1 134 LEU n 
1 135 ALA n 
1 136 GLN n 
1 137 LEU n 
1 138 PRO n 
1 139 CYS n 
1 140 ALA n 
1 141 SER n 
1 142 MET n 
1 143 ALA n 
1 144 LEU n 
1 145 GLN n 
1 146 ILE n 
1 147 LEU n 
1 148 TRP n 
1 149 GLU n 
1 150 ALA n 
1 151 ALA n 
1 152 ARG n 
1 153 HIS n 
1 154 LEU n 
# 
_entity_src_gen.entity_id                          1 
_entity_src_gen.pdbx_src_id                        1 
_entity_src_gen.pdbx_alt_source_flag               sample 
_entity_src_gen.pdbx_seq_type                      'Biological sequence' 
_entity_src_gen.pdbx_beg_seq_num                   1 
_entity_src_gen.pdbx_end_seq_num                   154 
_entity_src_gen.gene_src_common_name               Human 
_entity_src_gen.gene_src_genus                     ? 
_entity_src_gen.pdbx_gene_src_gene                 'PTGES, MGST1L1, MPGES1, PGES, PIG12' 
_entity_src_gen.gene_src_species                   ? 
_entity_src_gen.gene_src_strain                    ? 
_entity_src_gen.gene_src_tissue                    ? 
_entity_src_gen.gene_src_tissue_fraction           ? 
_entity_src_gen.gene_src_details                   ? 
_entity_src_gen.pdbx_gene_src_fragment             ? 
_entity_src_gen.pdbx_gene_src_scientific_name      'Homo sapiens' 
_entity_src_gen.pdbx_gene_src_ncbi_taxonomy_id     9606 
_entity_src_gen.pdbx_gene_src_variant              ? 
_entity_src_gen.pdbx_gene_src_cell_line            ? 
_entity_src_gen.pdbx_gene_src_atcc                 ? 
_entity_src_gen.pdbx_gene_src_organ                ? 
_entity_src_gen.pdbx_gene_src_organelle            ? 
_entity_src_gen.pdbx_gene_src_cell                 ? 
_entity_src_gen.pdbx_gene_src_cellular_location    ? 
_entity_src_gen.host_org_common_name               ? 
_entity_src_gen.pdbx_host_org_scientific_name      'Spodoptera frugiperda' 
_entity_src_gen.pdbx_host_org_ncbi_taxonomy_id     7108 
_entity_src_gen.host_org_genus                     ? 
_entity_src_gen.pdbx_host_org_gene                 ? 
_entity_src_gen.pdbx_host_org_organ                ? 
_entity_src_gen.host_org_species                   ? 
_entity_src_gen.pdbx_host_org_tissue               ? 
_entity_src_gen.pdbx_host_org_tissue_fraction      ? 
_entity_src_gen.pdbx_host_org_strain               ? 
_entity_src_gen.pdbx_host_org_variant              ? 
_entity_src_gen.pdbx_host_org_cell_line            ? 
_entity_src_gen.pdbx_host_org_atcc                 ? 
_entity_src_gen.pdbx_host_org_culture_collection   ? 
_entity_src_gen.pdbx_host_org_cell                 ? 
_entity_src_gen.pdbx_host_org_organelle            ? 
_entity_src_gen.pdbx_host_org_cellular_location    ? 
_entity_src_gen.pdbx_host_org_vector_type          ? 
_entity_src_gen.pdbx_host_org_vector               ? 
_entity_src_gen.host_org_details                   ? 
_entity_src_gen.expression_system_id               ? 
_entity_src_gen.plasmid_name                       ? 
_entity_src_gen.plasmid_details                    ? 
_entity_src_gen.pdbx_description                   ? 
# 
loop_
_chem_comp.id 
_chem_comp.type 
_chem_comp.mon_nstd_flag 
_chem_comp.name 
_chem_comp.pdbx_synonyms 
_chem_comp.formula 
_chem_comp.formula_weight 
ALA 'L-peptide linking' y ALANINE                                                         ? 'C3 H7 N O2'     89.093  
ARG 'L-peptide linking' y ARGININE                                                        ? 'C6 H15 N4 O2 1' 175.209 
ASN 'L-peptide linking' y ASPARAGINE                                                      ? 'C4 H8 N2 O3'    132.118 
ASP 'L-peptide linking' y 'ASPARTIC ACID'                                                 ? 'C4 H7 N O4'     133.103 
BOG D-saccharide        n 'octyl beta-D-glucopyranoside'                                  
'Beta-Octylglucoside; octyl beta-D-glucoside; octyl D-glucoside; octyl glucoside' 'C14 H28 O6'     292.369 
CSO 'L-peptide linking' n S-HYDROXYCYSTEINE                                               ? 'C3 H7 N O3 S'   137.158 
CYS 'L-peptide linking' y CYSTEINE                                                        ? 'C3 H7 N O2 S'   121.158 
GLN 'L-peptide linking' y GLUTAMINE                                                       ? 'C5 H10 N2 O3'   146.144 
GLU 'L-peptide linking' y 'GLUTAMIC ACID'                                                 ? 'C5 H9 N O4'     147.129 
GLY 'peptide linking'   y GLYCINE                                                         ? 'C2 H5 N O2'     75.067  
HIS 'L-peptide linking' y HISTIDINE                                                       ? 'C6 H10 N3 O2 1' 156.162 
HOH non-polymer         . WATER                                                           ? 'H2 O'           18.015  
ILE 'L-peptide linking' y ISOLEUCINE                                                      ? 'C6 H13 N O2'    131.173 
LEU 'L-peptide linking' y LEUCINE                                                         ? 'C6 H13 N O2'    131.173 
LYS 'L-peptide linking' y LYSINE                                                          ? 'C6 H15 N2 O2 1' 147.195 
MET 'L-peptide linking' y METHIONINE                                                      ? 'C5 H11 N O2 S'  149.211 
PG4 non-polymer         . 'TETRAETHYLENE GLYCOL'                                          ? 'C8 H18 O5'      194.226 
PHE 'L-peptide linking' y PHENYLALANINE                                                   ? 'C9 H11 N O2'    165.189 
PRO 'L-peptide linking' y PROLINE                                                         ? 'C5 H9 N O2'     115.130 
QY1 non-polymer         . '(2R)-cyclopentyl{4-[(quinolin-2-yl)methoxy]phenyl}acetic acid' ? 'C23 H23 N O3'   361.434 
SER 'L-peptide linking' y SERINE                                                          ? 'C3 H7 N O3'     105.093 
THR 'L-peptide linking' y THREONINE                                                       ? 'C4 H9 N O3'     119.119 
TRP 'L-peptide linking' y TRYPTOPHAN                                                      ? 'C11 H12 N2 O2'  204.225 
TYR 'L-peptide linking' y TYROSINE                                                        ? 'C9 H11 N O3'    181.189 
VAL 'L-peptide linking' y VALINE                                                          ? 'C5 H11 N O2'    117.146 
# 
_pdbx_chem_comp_identifier.comp_id           BOG 
_pdbx_chem_comp_identifier.type              'IUPAC CARBOHYDRATE SYMBOL' 
_pdbx_chem_comp_identifier.program           PDB-CARE 
_pdbx_chem_comp_identifier.program_version   1.0 
_pdbx_chem_comp_identifier.identifier        b-octylglucoside 
# 
loop_
_pdbx_poly_seq_scheme.asym_id 
_pdbx_poly_seq_scheme.entity_id 
_pdbx_poly_seq_scheme.seq_id 
_pdbx_poly_seq_scheme.mon_id 
_pdbx_poly_seq_scheme.ndb_seq_num 
_pdbx_poly_seq_scheme.pdb_seq_num 
_pdbx_poly_seq_scheme.auth_seq_num 
_pdbx_poly_seq_scheme.pdb_mon_id 
_pdbx_poly_seq_scheme.auth_mon_id 
_pdbx_poly_seq_scheme.pdb_strand_id 
_pdbx_poly_seq_scheme.pdb_ins_code 
_pdbx_poly_seq_scheme.hetero 
A 1 1   MET 1   -1  ?   ?   ?   A . n 
A 1 2   ALA 2   0   ?   ?   ?   A . n 
A 1 3   LEU 3   1   ?   ?   ?   A . n 
A 1 4   PRO 4   2   ?   ?   ?   A . n 
A 1 5   ALA 5   3   ?   ?   ?   A . n 
A 1 6   HIS 6   4   ?   ?   ?   A . n 
A 1 7   SER 7   5   ?   ?   ?   A . n 
A 1 8   LEU 8   6   ?   ?   ?   A . n 
A 1 9   VAL 9   7   ?   ?   ?   A . n 
A 1 10  MET 10  8   ?   ?   ?   A . n 
A 1 11  SER 11  9   ?   ?   ?   A . n 
A 1 12  SER 12  10  10  SER SER A . n 
A 1 13  PRO 13  11  11  PRO PRO A . n 
A 1 14  ALA 14  12  12  ALA ALA A . n 
A 1 15  LEU 15  13  13  LEU LEU A . n 
A 1 16  PRO 16  14  14  PRO PRO A . n 
A 1 17  ALA 17  15  15  ALA ALA A . n 
A 1 18  PHE 18  16  16  PHE PHE A . n 
A 1 19  LEU 19  17  17  LEU LEU A . n 
A 1 20  LEU 20  18  18  LEU LEU A . n 
A 1 21  CYS 21  19  19  CYS CYS A . n 
A 1 22  SER 22  20  20  SER SER A . n 
A 1 23  THR 23  21  21  THR THR A . n 
A 1 24  LEU 24  22  22  LEU LEU A . n 
A 1 25  LEU 25  23  23  LEU LEU A . n 
A 1 26  VAL 26  24  24  VAL VAL A . n 
A 1 27  ILE 27  25  25  ILE ILE A . n 
A 1 28  LYS 28  26  26  LYS LYS A . n 
A 1 29  MET 29  27  27  MET MET A . n 
A 1 30  TYR 30  28  28  TYR TYR A . n 
A 1 31  VAL 31  29  29  VAL VAL A . n 
A 1 32  VAL 32  30  30  VAL VAL A . n 
A 1 33  ALA 33  31  31  ALA ALA A . n 
A 1 34  ILE 34  32  32  ILE ILE A . n 
A 1 35  ILE 35  33  33  ILE ILE A . n 
A 1 36  THR 36  34  34  THR THR A . n 
A 1 37  GLY 37  35  35  GLY GLY A . n 
A 1 38  GLN 38  36  36  GLN GLN A . n 
A 1 39  VAL 39  37  37  VAL VAL A . n 
A 1 40  ARG 40  38  38  ARG ARG A . n 
A 1 41  LEU 41  39  39  LEU LEU A . n 
A 1 42  ARG 42  40  40  ARG ARG A . n 
A 1 43  LYS 43  41  41  LYS LYS A . n 
A 1 44  LYS 44  42  42  LYS LYS A . n 
A 1 45  ALA 45  43  43  ALA ALA A . n 
A 1 46  PHE 46  44  44  PHE PHE A . n 
A 1 47  ALA 47  45  45  ALA ALA A . n 
A 1 48  ASN 48  46  46  ASN ASN A . n 
A 1 49  PRO 49  47  47  PRO PRO A . n 
A 1 50  GLU 50  48  48  GLU GLU A . n 
A 1 51  ASP 51  49  49  ASP ASP A . n 
A 1 52  ALA 52  50  50  ALA ALA A . n 
A 1 53  LEU 53  51  51  LEU LEU A . n 
A 1 54  ARG 54  52  52  ARG ARG A . n 
A 1 55  HIS 55  53  53  HIS HIS A . n 
A 1 56  GLY 56  54  54  GLY GLY A . n 
A 1 57  GLY 57  55  55  GLY GLY A . n 
A 1 58  PRO 58  56  56  PRO PRO A . n 
A 1 59  GLN 59  57  57  GLN GLN A . n 
A 1 60  TYR 60  58  58  TYR TYR A . n 
A 1 61  CSO 61  59  59  CSO CSO A . n 
A 1 62  ARG 62  60  60  ARG ARG A . n 
A 1 63  SER 63  61  61  SER SER A . n 
A 1 64  ASP 64  62  62  ASP ASP A . n 
A 1 65  PRO 65  63  63  PRO PRO A . n 
A 1 66  ASP 66  64  64  ASP ASP A . n 
A 1 67  VAL 67  65  65  VAL VAL A . n 
A 1 68  GLU 68  66  66  GLU GLU A . n 
A 1 69  ARG 69  67  67  ARG ARG A . n 
A 1 70  CYS 70  68  68  CYS CYS A . n 
A 1 71  LEU 71  69  69  LEU LEU A . n 
A 1 72  ARG 72  70  70  ARG ARG A . n 
A 1 73  ALA 73  71  71  ALA ALA A . n 
A 1 74  HIS 74  72  72  HIS HIS A . n 
A 1 75  ARG 75  73  73  ARG ARG A . n 
A 1 76  ASN 76  74  74  ASN ASN A . n 
A 1 77  ASP 77  75  75  ASP ASP A . n 
A 1 78  MET 78  76  76  MET MET A . n 
A 1 79  GLU 79  77  77  GLU GLU A . n 
A 1 80  THR 80  78  78  THR THR A . n 
A 1 81  ILE 81  79  79  ILE ILE A . n 
A 1 82  TYR 82  80  80  TYR TYR A . n 
A 1 83  PRO 83  81  81  PRO PRO A . n 
A 1 84  PHE 84  82  82  PHE PHE A . n 
A 1 85  LEU 85  83  83  LEU LEU A . n 
A 1 86  PHE 86  84  84  PHE PHE A . n 
A 1 87  LEU 87  85  85  LEU LEU A . n 
A 1 88  GLY 88  86  86  GLY GLY A . n 
A 1 89  PHE 89  87  87  PHE PHE A . n 
A 1 90  VAL 90  88  88  VAL VAL A . n 
A 1 91  TYR 91  89  89  TYR TYR A . n 
A 1 92  SER 92  90  90  SER SER A . n 
A 1 93  PHE 93  91  91  PHE PHE A . n 
A 1 94  LEU 94  92  92  LEU LEU A . n 
A 1 95  GLY 95  93  93  GLY GLY A . n 
A 1 96  PRO 96  94  94  PRO PRO A . n 
A 1 97  ASN 97  95  95  ASN ASN A . n 
A 1 98  PRO 98  96  96  PRO PRO A . n 
A 1 99  PHE 99  97  97  PHE PHE A . n 
A 1 100 VAL 100 98  98  VAL VAL A . n 
A 1 101 ALA 101 99  99  ALA ALA A . n 
A 1 102 TRP 102 100 100 TRP TRP A . n 
A 1 103 MET 103 101 101 MET MET A . n 
A 1 104 HIS 104 102 102 HIS HIS A . n 
A 1 105 PHE 105 103 103 PHE PHE A . n 
A 1 106 LEU 106 104 104 LEU LEU A . n 
A 1 107 VAL 107 105 105 VAL VAL A . n 
A 1 108 PHE 108 106 106 PHE PHE A . n 
A 1 109 LEU 109 107 107 LEU LEU A . n 
A 1 110 VAL 110 108 108 VAL VAL A . n 
A 1 111 GLY 111 109 109 GLY GLY A . n 
A 1 112 ARG 112 110 110 ARG ARG A . n 
A 1 113 VAL 113 111 111 VAL VAL A . n 
A 1 114 ALA 114 112 112 ALA ALA A . n 
A 1 115 HIS 115 113 113 HIS HIS A . n 
A 1 116 THR 116 114 114 THR THR A . n 
A 1 117 VAL 117 115 115 VAL VAL A . n 
A 1 118 ALA 118 116 116 ALA ALA A . n 
A 1 119 TYR 119 117 117 TYR TYR A . n 
A 1 120 LEU 120 118 118 LEU LEU A . n 
A 1 121 GLY 121 119 119 GLY GLY A . n 
A 1 122 LYS 122 120 120 LYS LYS A . n 
A 1 123 LEU 123 121 121 LEU LEU A . n 
A 1 124 ARG 124 122 122 ARG ARG A . n 
A 1 125 ALA 125 123 123 ALA ALA A . n 
A 1 126 PRO 126 124 124 PRO PRO A . n 
A 1 127 ILE 127 125 125 ILE ILE A . n 
A 1 128 ARG 128 126 126 ARG ARG A . n 
A 1 129 SER 129 127 127 SER SER A . n 
A 1 130 VAL 130 128 128 VAL VAL A . n 
A 1 131 THR 131 129 129 THR THR A . n 
A 1 132 TYR 132 130 130 TYR TYR A . n 
A 1 133 THR 133 131 131 THR THR A . n 
A 1 134 LEU 134 132 132 LEU LEU A . n 
A 1 135 ALA 135 133 133 ALA ALA A . n 
A 1 136 GLN 136 134 134 GLN GLN A . n 
A 1 137 LEU 137 135 135 LEU LEU A . n 
A 1 138 PRO 138 136 136 PRO PRO A . n 
A 1 139 CYS 139 137 137 CYS CYS A . n 
A 1 140 ALA 140 138 138 ALA ALA A . n 
A 1 141 SER 141 139 139 SER SER A . n 
A 1 142 MET 142 140 140 MET MET A . n 
A 1 143 ALA 143 141 141 ALA ALA A . n 
A 1 144 LEU 144 142 142 LEU LEU A . n 
A 1 145 GLN 145 143 143 GLN GLN A . n 
A 1 146 ILE 146 144 144 ILE ILE A . n 
A 1 147 LEU 147 145 145 LEU LEU A . n 
A 1 148 TRP 148 146 146 TRP TRP A . n 
A 1 149 GLU 149 147 147 GLU GLU A . n 
A 1 150 ALA 150 148 148 ALA ALA A . n 
A 1 151 ALA 151 149 149 ALA ALA A . n 
A 1 152 ARG 152 150 150 ARG ARG A . n 
A 1 153 HIS 153 151 151 HIS HIS A . n 
A 1 154 LEU 154 152 152 LEU LEU A . n 
# 
_pdbx_entity_instance_feature.ordinal        1 
_pdbx_entity_instance_feature.comp_id        QY1 
_pdbx_entity_instance_feature.asym_id        ? 
_pdbx_entity_instance_feature.seq_num        ? 
_pdbx_entity_instance_feature.auth_comp_id   QY1 
_pdbx_entity_instance_feature.auth_asym_id   ? 
_pdbx_entity_instance_feature.auth_seq_num   ? 
_pdbx_entity_instance_feature.feature_type   'SUBJECT OF INVESTIGATION' 
_pdbx_entity_instance_feature.details        ? 
# 
loop_
_pdbx_nonpoly_scheme.asym_id 
_pdbx_nonpoly_scheme.entity_id 
_pdbx_nonpoly_scheme.mon_id 
_pdbx_nonpoly_scheme.ndb_seq_num 
_pdbx_nonpoly_scheme.pdb_seq_num 
_pdbx_nonpoly_scheme.auth_seq_num 
_pdbx_nonpoly_scheme.pdb_mon_id 
_pdbx_nonpoly_scheme.auth_mon_id 
_pdbx_nonpoly_scheme.pdb_strand_id 
_pdbx_nonpoly_scheme.pdb_ins_code 
B 2 QY1 1  201 1  QY1 SX1 A . 
C 3 BOG 1  202 1  BOG BOG A . 
D 4 PG4 1  203 2  PG4 PG4 A . 
E 4 PG4 1  204 3  PG4 PG4 A . 
F 5 HOH 1  301 47 HOH HOH A . 
F 5 HOH 2  302 21 HOH HOH A . 
F 5 HOH 3  303 25 HOH HOH A . 
F 5 HOH 4  304 15 HOH HOH A . 
F 5 HOH 5  305 27 HOH HOH A . 
F 5 HOH 6  306 13 HOH HOH A . 
F 5 HOH 7  307 49 HOH HOH A . 
F 5 HOH 8  308 6  HOH HOH A . 
F 5 HOH 9  309 28 HOH HOH A . 
F 5 HOH 10 310 14 HOH HOH A . 
F 5 HOH 11 311 30 HOH HOH A . 
F 5 HOH 12 312 34 HOH HOH A . 
F 5 HOH 13 313 56 HOH HOH A . 
F 5 HOH 14 314 31 HOH HOH A . 
F 5 HOH 15 315 52 HOH HOH A . 
F 5 HOH 16 316 39 HOH HOH A . 
F 5 HOH 17 317 18 HOH HOH A . 
F 5 HOH 18 318 20 HOH HOH A . 
F 5 HOH 19 319 40 HOH HOH A . 
F 5 HOH 20 320 60 HOH HOH A . 
F 5 HOH 21 321 29 HOH HOH A . 
F 5 HOH 22 322 44 HOH HOH A . 
F 5 HOH 23 323 48 HOH HOH A . 
F 5 HOH 24 324 5  HOH HOH A . 
F 5 HOH 25 325 54 HOH HOH A . 
F 5 HOH 26 326 26 HOH HOH A . 
F 5 HOH 27 327 61 HOH HOH A . 
F 5 HOH 28 328 16 HOH HOH A . 
F 5 HOH 29 329 12 HOH HOH A . 
F 5 HOH 30 330 43 HOH HOH A . 
F 5 HOH 31 331 42 HOH HOH A . 
F 5 HOH 32 332 38 HOH HOH A . 
F 5 HOH 33 333 22 HOH HOH A . 
F 5 HOH 34 334 46 HOH HOH A . 
F 5 HOH 35 335 23 HOH HOH A . 
F 5 HOH 36 336 19 HOH HOH A . 
F 5 HOH 37 337 32 HOH HOH A . 
F 5 HOH 38 338 8  HOH HOH A . 
F 5 HOH 39 339 36 HOH HOH A . 
F 5 HOH 40 340 2  HOH HOH A . 
F 5 HOH 41 341 24 HOH HOH A . 
F 5 HOH 42 342 53 HOH HOH A . 
F 5 HOH 43 343 57 HOH HOH A . 
F 5 HOH 44 344 50 HOH HOH A . 
F 5 HOH 45 345 55 HOH HOH A . 
F 5 HOH 46 346 11 HOH HOH A . 
F 5 HOH 47 347 10 HOH HOH A . 
F 5 HOH 48 348 59 HOH HOH A . 
F 5 HOH 49 349 7  HOH HOH A . 
F 5 HOH 50 350 17 HOH HOH A . 
F 5 HOH 51 351 9  HOH HOH A . 
F 5 HOH 52 352 35 HOH HOH A . 
F 5 HOH 53 353 41 HOH HOH A . 
F 5 HOH 54 354 1  HOH HOH A . 
F 5 HOH 55 355 58 HOH HOH A . 
F 5 HOH 56 356 45 HOH HOH A . 
F 5 HOH 57 357 3  HOH HOH A . 
F 5 HOH 58 358 33 HOH HOH A . 
F 5 HOH 59 359 37 HOH HOH A . 
F 5 HOH 60 360 51 HOH HOH A . 
F 5 HOH 61 361 4  HOH HOH A . 
# 
loop_
_pdbx_unobs_or_zero_occ_atoms.id 
_pdbx_unobs_or_zero_occ_atoms.PDB_model_num 
_pdbx_unobs_or_zero_occ_atoms.polymer_flag 
_pdbx_unobs_or_zero_occ_atoms.occupancy_flag 
_pdbx_unobs_or_zero_occ_atoms.auth_asym_id 
_pdbx_unobs_or_zero_occ_atoms.auth_comp_id 
_pdbx_unobs_or_zero_occ_atoms.auth_seq_id 
_pdbx_unobs_or_zero_occ_atoms.PDB_ins_code 
_pdbx_unobs_or_zero_occ_atoms.auth_atom_id 
_pdbx_unobs_or_zero_occ_atoms.label_alt_id 
_pdbx_unobs_or_zero_occ_atoms.label_asym_id 
_pdbx_unobs_or_zero_occ_atoms.label_comp_id 
_pdbx_unobs_or_zero_occ_atoms.label_seq_id 
_pdbx_unobs_or_zero_occ_atoms.label_atom_id 
1 1 Y 1 A SER 10  ? OG ? A SER 12 OG 
2 1 N 1 A PG4 204 ? C5 ? E PG4 1  C5 
3 1 N 1 A PG4 204 ? C6 ? E PG4 1  C6 
4 1 N 1 A PG4 204 ? O4 ? E PG4 1  O4 
5 1 N 1 A PG4 204 ? C7 ? E PG4 1  C7 
6 1 N 1 A PG4 204 ? C8 ? E PG4 1  C8 
7 1 N 1 A PG4 204 ? O5 ? E PG4 1  O5 
# 
loop_
_software.citation_id 
_software.classification 
_software.compiler_name 
_software.compiler_version 
_software.contact_author 
_software.contact_author_email 
_software.date 
_software.description 
_software.dependencies 
_software.hardware 
_software.language 
_software.location 
_software.mods 
_software.name 
_software.os 
_software.os_version 
_software.type 
_software.version 
_software.pdbx_ordinal 
? refinement        ? ? ? ? ? ? ? ? ? ? ? REFMAC      ? ? ? 5.8.0103 1 
? 'data extraction' ? ? ? ? ? ? ? ? ? ? ? PDB_EXTRACT ? ? ? 3.25     2 
? 'data reduction'  ? ? ? ? ? ? ? ? ? ? ? MOSFLM      ? ? ? .        3 
? 'data scaling'    ? ? ? ? ? ? ? ? ? ? ? SCALA       ? ? ? .        4 
? phasing           ? ? ? ? ? ? ? ? ? ? ? PHASER      ? ? ? .        5 
# 
_cell.angle_alpha                  90.000 
_cell.angle_alpha_esd              ? 
_cell.angle_beta                   90.000 
_cell.angle_beta_esd               ? 
_cell.angle_gamma                  120.000 
_cell.angle_gamma_esd              ? 
_cell.entry_id                     6VL4 
_cell.details                      ? 
_cell.formula_units_Z              ? 
_cell.length_a                     76.417 
_cell.length_a_esd                 ? 
_cell.length_b                     76.417 
_cell.length_b_esd                 ? 
_cell.length_c                     123.784 
_cell.length_c_esd                 ? 
_cell.volume                       ? 
_cell.volume_esd                   ? 
_cell.Z_PDB                        9 
_cell.reciprocal_angle_alpha       ? 
_cell.reciprocal_angle_beta        ? 
_cell.reciprocal_angle_gamma       ? 
_cell.reciprocal_angle_alpha_esd   ? 
_cell.reciprocal_angle_beta_esd    ? 
_cell.reciprocal_angle_gamma_esd   ? 
_cell.reciprocal_length_a          ? 
_cell.reciprocal_length_b          ? 
_cell.reciprocal_length_c          ? 
_cell.reciprocal_length_a_esd      ? 
_cell.reciprocal_length_b_esd      ? 
_cell.reciprocal_length_c_esd      ? 
_cell.pdbx_unique_axis             ? 
# 
_symmetry.entry_id                         6VL4 
_symmetry.cell_setting                     ? 
_symmetry.Int_Tables_number                146 
_symmetry.space_group_name_Hall            ? 
_symmetry.space_group_name_H-M             'H 3' 
_symmetry.pdbx_full_space_group_name_H-M   ? 
# 
_exptl.absorpt_coefficient_mu     ? 
_exptl.absorpt_correction_T_max   ? 
_exptl.absorpt_correction_T_min   ? 
_exptl.absorpt_correction_type    ? 
_exptl.absorpt_process_details    ? 
_exptl.entry_id                   6VL4 
_exptl.crystals_number            1 
_exptl.details                    ? 
_exptl.method                     'X-RAY DIFFRACTION' 
_exptl.method_details             ? 
# 
_exptl_crystal.colour                      ? 
_exptl_crystal.density_diffrn              ? 
_exptl_crystal.density_Matthews            ? 
_exptl_crystal.density_method              ? 
_exptl_crystal.density_percent_sol         ? 
_exptl_crystal.description                 ? 
_exptl_crystal.F_000                       ? 
_exptl_crystal.id                          1 
_exptl_crystal.preparation                 ? 
_exptl_crystal.size_max                    ? 
_exptl_crystal.size_mid                    ? 
_exptl_crystal.size_min                    ? 
_exptl_crystal.size_rad                    ? 
_exptl_crystal.colour_lustre               ? 
_exptl_crystal.colour_modifier             ? 
_exptl_crystal.colour_primary              ? 
_exptl_crystal.density_meas                ? 
_exptl_crystal.density_meas_esd            ? 
_exptl_crystal.density_meas_gt             ? 
_exptl_crystal.density_meas_lt             ? 
_exptl_crystal.density_meas_temp           ? 
_exptl_crystal.density_meas_temp_esd       ? 
_exptl_crystal.density_meas_temp_gt        ? 
_exptl_crystal.density_meas_temp_lt        ? 
_exptl_crystal.pdbx_crystal_image_url      ? 
_exptl_crystal.pdbx_crystal_image_format   ? 
_exptl_crystal.pdbx_mosaicity              ? 
_exptl_crystal.pdbx_mosaicity_esd          ? 
# 
_exptl_crystal_grow.apparatus       ? 
_exptl_crystal_grow.atmosphere      ? 
_exptl_crystal_grow.crystal_id      1 
_exptl_crystal_grow.details         ? 
_exptl_crystal_grow.method          'VAPOR DIFFUSION' 
_exptl_crystal_grow.method_ref      ? 
_exptl_crystal_grow.pH              8.2 
_exptl_crystal_grow.pressure        ? 
_exptl_crystal_grow.pressure_esd    ? 
_exptl_crystal_grow.seeding         ? 
_exptl_crystal_grow.seeding_ref     ? 
_exptl_crystal_grow.temp            298 
_exptl_crystal_grow.temp_details    ? 
_exptl_crystal_grow.temp_esd        ? 
_exptl_crystal_grow.time            ? 
_exptl_crystal_grow.pdbx_details    '100mM Tris HCl pH 8.2, 29% PEG 1K, 1mM DG-031' 
_exptl_crystal_grow.pdbx_pH_range   ? 
# 
_diffrn.ambient_environment              ? 
_diffrn.ambient_temp                     100 
_diffrn.ambient_temp_details             ? 
_diffrn.ambient_temp_esd                 ? 
_diffrn.crystal_id                       1 
_diffrn.crystal_support                  ? 
_diffrn.crystal_treatment                ? 
_diffrn.details                          ? 
_diffrn.id                               1 
_diffrn.ambient_pressure                 ? 
_diffrn.ambient_pressure_esd             ? 
_diffrn.ambient_pressure_gt              ? 
_diffrn.ambient_pressure_lt              ? 
_diffrn.ambient_temp_gt                  ? 
_diffrn.ambient_temp_lt                  ? 
_diffrn.pdbx_serial_crystal_experiment   N 
# 
_diffrn_detector.details                      ? 
_diffrn_detector.detector                     CCD 
_diffrn_detector.diffrn_id                    1 
_diffrn_detector.type                         'RAYONIX MX-225' 
_diffrn_detector.area_resol_mean              ? 
_diffrn_detector.dtime                        ? 
_diffrn_detector.pdbx_frames_total            ? 
_diffrn_detector.pdbx_collection_time_total   ? 
_diffrn_detector.pdbx_collection_date         2013-05-30 
_diffrn_detector.pdbx_frequency               ? 
# 
_diffrn_radiation.collimation                      ? 
_diffrn_radiation.diffrn_id                        1 
_diffrn_radiation.filter_edge                      ? 
_diffrn_radiation.inhomogeneity                    ? 
_diffrn_radiation.monochromator                    ? 
_diffrn_radiation.polarisn_norm                    ? 
_diffrn_radiation.polarisn_ratio                   ? 
_diffrn_radiation.probe                            ? 
_diffrn_radiation.type                             ? 
_diffrn_radiation.xray_symbol                      ? 
_diffrn_radiation.wavelength_id                    1 
_diffrn_radiation.pdbx_monochromatic_or_laue_m_l   M 
_diffrn_radiation.pdbx_wavelength_list             ? 
_diffrn_radiation.pdbx_wavelength                  ? 
_diffrn_radiation.pdbx_diffrn_protocol             'SINGLE WAVELENGTH' 
_diffrn_radiation.pdbx_analyzer                    ? 
_diffrn_radiation.pdbx_scattering_type             x-ray 
# 
_diffrn_radiation_wavelength.id           1 
_diffrn_radiation_wavelength.wavelength   0.9793 
_diffrn_radiation_wavelength.wt           1.0 
# 
_diffrn_source.current                     ? 
_diffrn_source.details                     ? 
_diffrn_source.diffrn_id                   1 
_diffrn_source.power                       ? 
_diffrn_source.size                        ? 
_diffrn_source.source                      SYNCHROTRON 
_diffrn_source.target                      ? 
_diffrn_source.type                        'APS BEAMLINE 31-ID' 
_diffrn_source.voltage                     ? 
_diffrn_source.take-off_angle              ? 
_diffrn_source.pdbx_wavelength_list        0.9793 
_diffrn_source.pdbx_wavelength             ? 
_diffrn_source.pdbx_synchrotron_beamline   31-ID 
_diffrn_source.pdbx_synchrotron_site       APS 
# 
_reflns.B_iso_Wilson_estimate            ? 
_reflns.entry_id                         6VL4 
_reflns.data_reduction_details           ? 
_reflns.data_reduction_method            ? 
_reflns.d_resolution_high                1.4 
_reflns.d_resolution_low                 23.19 
_reflns.details                          ? 
_reflns.limit_h_max                      ? 
_reflns.limit_h_min                      ? 
_reflns.limit_k_max                      ? 
_reflns.limit_k_min                      ? 
_reflns.limit_l_max                      ? 
_reflns.limit_l_min                      ? 
_reflns.number_all                       ? 
_reflns.number_obs                       52754 
_reflns.observed_criterion               ? 
_reflns.observed_criterion_F_max         ? 
_reflns.observed_criterion_F_min         ? 
_reflns.observed_criterion_I_max         ? 
_reflns.observed_criterion_I_min         ? 
_reflns.observed_criterion_sigma_F       ? 
_reflns.observed_criterion_sigma_I       ? 
_reflns.percent_possible_obs             99.3 
_reflns.R_free_details                   ? 
_reflns.Rmerge_F_all                     ? 
_reflns.Rmerge_F_obs                     ? 
_reflns.Friedel_coverage                 ? 
_reflns.number_gt                        ? 
_reflns.threshold_expression             ? 
_reflns.pdbx_redundancy                  5.6 
_reflns.pdbx_Rmerge_I_obs                ? 
_reflns.pdbx_Rmerge_I_all                ? 
_reflns.pdbx_Rsym_value                  0.082 
_reflns.pdbx_netI_over_av_sigmaI         ? 
_reflns.pdbx_netI_over_sigmaI            10.3 
_reflns.pdbx_res_netI_over_av_sigmaI_2   ? 
_reflns.pdbx_res_netI_over_sigmaI_2      ? 
_reflns.pdbx_chi_squared                 ? 
_reflns.pdbx_scaling_rejects             ? 
_reflns.pdbx_d_res_high_opt              ? 
_reflns.pdbx_d_res_low_opt               ? 
_reflns.pdbx_d_res_opt_method            ? 
_reflns.phase_calculation_details        ? 
_reflns.pdbx_Rrim_I_all                  ? 
_reflns.pdbx_Rpim_I_all                  ? 
_reflns.pdbx_d_opt                       ? 
_reflns.pdbx_number_measured_all         ? 
_reflns.pdbx_diffrn_id                   1 
_reflns.pdbx_ordinal                     1 
_reflns.pdbx_CC_half                     ? 
_reflns.pdbx_CC_star                     ? 
_reflns.pdbx_R_split                     ? 
# 
_reflns_shell.d_res_high                  1.4 
_reflns_shell.d_res_low                   1.48 
_reflns_shell.meanI_over_sigI_all         ? 
_reflns_shell.meanI_over_sigI_obs         2.4 
_reflns_shell.number_measured_all         ? 
_reflns_shell.number_measured_obs         ? 
_reflns_shell.number_possible             ? 
_reflns_shell.number_unique_all           ? 
_reflns_shell.number_unique_obs           7803 
_reflns_shell.percent_possible_all        ? 
_reflns_shell.percent_possible_obs        ? 
_reflns_shell.Rmerge_F_all                ? 
_reflns_shell.Rmerge_F_obs                ? 
_reflns_shell.Rmerge_I_all                ? 
_reflns_shell.Rmerge_I_obs                ? 
_reflns_shell.meanI_over_sigI_gt          ? 
_reflns_shell.meanI_over_uI_all           ? 
_reflns_shell.meanI_over_uI_gt            ? 
_reflns_shell.number_measured_gt          ? 
_reflns_shell.number_unique_gt            ? 
_reflns_shell.percent_possible_gt         ? 
_reflns_shell.Rmerge_F_gt                 ? 
_reflns_shell.Rmerge_I_gt                 ? 
_reflns_shell.pdbx_redundancy             ? 
_reflns_shell.pdbx_Rsym_value             0.72 
_reflns_shell.pdbx_chi_squared            ? 
_reflns_shell.pdbx_netI_over_sigmaI_all   ? 
_reflns_shell.pdbx_netI_over_sigmaI_obs   ? 
_reflns_shell.pdbx_Rrim_I_all             ? 
_reflns_shell.pdbx_Rpim_I_all             ? 
_reflns_shell.pdbx_rejects                ? 
_reflns_shell.pdbx_ordinal                1 
_reflns_shell.pdbx_diffrn_id              1 
_reflns_shell.pdbx_CC_half                ? 
_reflns_shell.pdbx_CC_star                ? 
_reflns_shell.pdbx_R_split                ? 
# 
_refine.aniso_B[1][1]                            2.5100 
_refine.aniso_B[1][2]                            0.0000 
_refine.aniso_B[1][3]                            0.0000 
_refine.aniso_B[2][2]                            2.5100 
_refine.aniso_B[2][3]                            0.0000 
_refine.aniso_B[3][3]                            -5.0200 
_refine.B_iso_max                                81.660 
_refine.B_iso_mean                               19.1960 
_refine.B_iso_min                                5.220 
_refine.correlation_coeff_Fo_to_Fc               0.9730 
_refine.correlation_coeff_Fo_to_Fc_free          0.9730 
_refine.details                                  
'HYDROGENS HAVE BEEN USED IF PRESENT IN THE INPUT U VALUES      : REFINED INDIVIDUALLY' 
_refine.diff_density_max                         ? 
_refine.diff_density_max_esd                     ? 
_refine.diff_density_min                         ? 
_refine.diff_density_min_esd                     ? 
_refine.diff_density_rms                         ? 
_refine.diff_density_rms_esd                     ? 
_refine.entry_id                                 6VL4 
_refine.pdbx_refine_id                           'X-RAY DIFFRACTION' 
_refine.ls_abs_structure_details                 ? 
_refine.ls_abs_structure_Flack                   ? 
_refine.ls_abs_structure_Flack_esd               ? 
_refine.ls_abs_structure_Rogers                  ? 
_refine.ls_abs_structure_Rogers_esd              ? 
_refine.ls_d_res_high                            1.4000 
_refine.ls_d_res_low                             17.6000 
_refine.ls_extinction_coef                       ? 
_refine.ls_extinction_coef_esd                   ? 
_refine.ls_extinction_expression                 ? 
_refine.ls_extinction_method                     ? 
_refine.ls_goodness_of_fit_all                   ? 
_refine.ls_goodness_of_fit_all_esd               ? 
_refine.ls_goodness_of_fit_obs                   ? 
_refine.ls_goodness_of_fit_obs_esd               ? 
_refine.ls_hydrogen_treatment                    ? 
_refine.ls_matrix_type                           ? 
_refine.ls_number_constraints                    ? 
_refine.ls_number_parameters                     ? 
_refine.ls_number_reflns_all                     ? 
_refine.ls_number_reflns_obs                     50099 
_refine.ls_number_reflns_R_free                  2652 
_refine.ls_number_reflns_R_work                  ? 
_refine.ls_number_restraints                     ? 
_refine.ls_percent_reflns_obs                    99.3600 
_refine.ls_percent_reflns_R_free                 5.0000 
_refine.ls_R_factor_all                          ? 
_refine.ls_R_factor_obs                          0.1398 
_refine.ls_R_factor_R_free                       0.1450 
_refine.ls_R_factor_R_free_error                 ? 
_refine.ls_R_factor_R_free_error_details         ? 
_refine.ls_R_factor_R_work                       0.1396 
_refine.ls_R_Fsqd_factor_obs                     ? 
_refine.ls_R_I_factor_obs                        ? 
_refine.ls_redundancy_reflns_all                 ? 
_refine.ls_redundancy_reflns_obs                 ? 
_refine.ls_restrained_S_all                      ? 
_refine.ls_restrained_S_obs                      ? 
_refine.ls_shift_over_esd_max                    ? 
_refine.ls_shift_over_esd_mean                   ? 
_refine.ls_structure_factor_coef                 ? 
_refine.ls_weighting_details                     ? 
_refine.ls_weighting_scheme                      ? 
_refine.ls_wR_factor_all                         ? 
_refine.ls_wR_factor_obs                         ? 
_refine.ls_wR_factor_R_free                      ? 
_refine.ls_wR_factor_R_work                      ? 
_refine.occupancy_max                            ? 
_refine.occupancy_min                            ? 
_refine.solvent_model_details                    ? 
_refine.solvent_model_param_bsol                 ? 
_refine.solvent_model_param_ksol                 ? 
_refine.pdbx_R_complete                          ? 
_refine.ls_R_factor_gt                           ? 
_refine.ls_goodness_of_fit_gt                    ? 
_refine.ls_goodness_of_fit_ref                   ? 
_refine.ls_shift_over_su_max                     ? 
_refine.ls_shift_over_su_max_lt                  ? 
_refine.ls_shift_over_su_mean                    ? 
_refine.ls_shift_over_su_mean_lt                 ? 
_refine.pdbx_ls_sigma_I                          ? 
_refine.pdbx_ls_sigma_F                          0.000 
_refine.pdbx_ls_sigma_Fsqd                       ? 
_refine.pdbx_data_cutoff_high_absF               ? 
_refine.pdbx_data_cutoff_high_rms_absF           ? 
_refine.pdbx_data_cutoff_low_absF                ? 
_refine.pdbx_isotropic_thermal_model             ? 
_refine.pdbx_ls_cross_valid_method               THROUGHOUT 
_refine.pdbx_method_to_determine_struct          'MOLECULAR REPLACEMENT' 
_refine.pdbx_starting_model                      ? 
_refine.pdbx_stereochemistry_target_values       ? 
_refine.pdbx_R_Free_selection_details            RANDOM 
_refine.pdbx_stereochem_target_val_spec_case     ? 
_refine.pdbx_overall_ESU_R                       0.0070 
_refine.pdbx_overall_ESU_R_Free                  0.0070 
_refine.pdbx_solvent_vdw_probe_radii             1.2000 
_refine.pdbx_solvent_ion_probe_radii             0.8000 
_refine.pdbx_solvent_shrinkage_radii             0.8000 
_refine.pdbx_real_space_R                        ? 
_refine.pdbx_density_correlation                 ? 
_refine.pdbx_pd_number_of_powder_patterns        ? 
_refine.pdbx_pd_number_of_points                 ? 
_refine.pdbx_pd_meas_number_of_points            ? 
_refine.pdbx_pd_proc_ls_prof_R_factor            ? 
_refine.pdbx_pd_proc_ls_prof_wR_factor           ? 
_refine.pdbx_pd_Marquardt_correlation_coeff      ? 
_refine.pdbx_pd_Fsqrd_R_factor                   ? 
_refine.pdbx_pd_ls_matrix_band_width             ? 
_refine.pdbx_overall_phase_error                 ? 
_refine.pdbx_overall_SU_R_free_Cruickshank_DPI   ? 
_refine.pdbx_overall_SU_R_free_Blow_DPI          ? 
_refine.pdbx_overall_SU_R_Blow_DPI               ? 
_refine.pdbx_TLS_residual_ADP_flag               ? 
_refine.pdbx_diffrn_id                           1 
_refine.overall_SU_B                             0.3400 
_refine.overall_SU_ML                            0.0150 
_refine.overall_SU_R_Cruickshank_DPI             ? 
_refine.overall_SU_R_free                        ? 
_refine.overall_FOM_free_R_set                   ? 
_refine.overall_FOM_work_R_set                   ? 
_refine.pdbx_average_fsc_overall                 ? 
_refine.pdbx_average_fsc_work                    ? 
_refine.pdbx_average_fsc_free                    ? 
# 
_refine_hist.pdbx_refine_id                   'X-RAY DIFFRACTION' 
_refine_hist.cycle_id                         final 
_refine_hist.details                          ? 
_refine_hist.d_res_high                       1.4000 
_refine_hist.d_res_low                        17.6000 
_refine_hist.number_atoms_solvent             61 
_refine_hist.number_atoms_total               1267 
_refine_hist.number_reflns_all                ? 
_refine_hist.number_reflns_obs                ? 
_refine_hist.number_reflns_R_free             ? 
_refine_hist.number_reflns_R_work             ? 
_refine_hist.R_factor_all                     ? 
_refine_hist.R_factor_obs                     ? 
_refine_hist.R_factor_R_free                  ? 
_refine_hist.R_factor_R_work                  ? 
_refine_hist.pdbx_number_residues_total       143 
_refine_hist.pdbx_B_iso_mean_ligand           42.26 
_refine_hist.pdbx_B_iso_mean_solvent          24.77 
_refine_hist.pdbx_number_atoms_protein        1139 
_refine_hist.pdbx_number_atoms_nucleic_acid   0 
_refine_hist.pdbx_number_atoms_ligand         67 
_refine_hist.pdbx_number_atoms_lipid          ? 
_refine_hist.pdbx_number_atoms_carb           ? 
_refine_hist.pdbx_pseudo_atom_details         ? 
# 
loop_
_refine_ls_restr.pdbx_refine_id 
_refine_ls_restr.criterion 
_refine_ls_restr.dev_ideal 
_refine_ls_restr.dev_ideal_target 
_refine_ls_restr.number 
_refine_ls_restr.rejects 
_refine_ls_restr.type 
_refine_ls_restr.weight 
_refine_ls_restr.pdbx_restraint_function 
'X-RAY DIFFRACTION' ? 0.003  0.012  1277 ? r_bond_refined_d       ? ? 
'X-RAY DIFFRACTION' ? 1.002  1.701  1736 ? r_angle_refined_deg    ? ? 
'X-RAY DIFFRACTION' ? 4.006  5.000  152  ? r_dihedral_angle_1_deg ? ? 
'X-RAY DIFFRACTION' ? 41.093 21.176 51   ? r_dihedral_angle_2_deg ? ? 
'X-RAY DIFFRACTION' ? 13.066 15.000 194  ? r_dihedral_angle_3_deg ? ? 
'X-RAY DIFFRACTION' ? 11.019 15.000 11   ? r_dihedral_angle_4_deg ? ? 
'X-RAY DIFFRACTION' ? 0.091  0.200  161  ? r_chiral_restr         ? ? 
'X-RAY DIFFRACTION' ? 0.004  0.020  930  ? r_gen_planes_refined   ? ? 
# 
_refine_ls_shell.pdbx_refine_id                   'X-RAY DIFFRACTION' 
_refine_ls_shell.d_res_high                       1.4000 
_refine_ls_shell.d_res_low                        1.4360 
_refine_ls_shell.number_reflns_all                3934 
_refine_ls_shell.number_reflns_obs                ? 
_refine_ls_shell.number_reflns_R_free             196 
_refine_ls_shell.number_reflns_R_work             3738 
_refine_ls_shell.percent_reflns_obs               99.9700 
_refine_ls_shell.percent_reflns_R_free            ? 
_refine_ls_shell.R_factor_all                     ? 
_refine_ls_shell.R_factor_obs                     ? 
_refine_ls_shell.R_factor_R_free                  0.2650 
_refine_ls_shell.R_factor_R_free_error            0.0000 
_refine_ls_shell.R_factor_R_work                  0.2430 
_refine_ls_shell.redundancy_reflns_all            ? 
_refine_ls_shell.redundancy_reflns_obs            ? 
_refine_ls_shell.wR_factor_all                    ? 
_refine_ls_shell.wR_factor_obs                    ? 
_refine_ls_shell.wR_factor_R_free                 ? 
_refine_ls_shell.wR_factor_R_work                 ? 
_refine_ls_shell.pdbx_R_complete                  ? 
_refine_ls_shell.pdbx_total_number_of_bins_used   20 
_refine_ls_shell.pdbx_phase_error                 ? 
_refine_ls_shell.pdbx_fsc_work                    ? 
_refine_ls_shell.pdbx_fsc_free                    ? 
# 
_struct.entry_id                     6VL4 
_struct.title                        'Crystal Structure of mPGES-1 bound to DG-031' 
_struct.pdbx_model_details           ? 
_struct.pdbx_formula_weight          ? 
_struct.pdbx_formula_weight_method   ? 
_struct.pdbx_model_type_details      ? 
_struct.pdbx_CASP_flag               N 
# 
_struct_keywords.entry_id        6VL4 
_struct_keywords.text            'mPGES-1, MEMBRANE PROTEIN, ISOMERASE' 
_struct_keywords.pdbx_keywords   'ISOMERASE, MEMBRANE PROTEIN' 
# 
loop_
_struct_asym.id 
_struct_asym.pdbx_blank_PDB_chainid_flag 
_struct_asym.pdbx_modified 
_struct_asym.entity_id 
_struct_asym.details 
A N N 1 ? 
B N N 2 ? 
C N N 3 ? 
D N N 4 ? 
E N N 4 ? 
F N N 5 ? 
# 
_struct_ref.id                         1 
_struct_ref.db_name                    UNP 
_struct_ref.db_code                    PTGES_HUMAN 
_struct_ref.pdbx_db_accession          O14684 
_struct_ref.pdbx_db_isoform            ? 
_struct_ref.entity_id                  1 
_struct_ref.pdbx_seq_one_letter_code   
;PAHSLVMSSPALPAFLLCSTLLVIKMYVVAIITGQVRLRKKAFANPEDALRHGGPQYCRSDPDVERCLRAHRNDMETIYP
FLFLGFVYSFLGPNPFVAWMHFLVFLVGRVAHTVAYLGKLRAPIRSVTYTLAQLPCASMALQILWEAARHL
;
_struct_ref.pdbx_align_begin           2 
# 
_struct_ref_seq.align_id                      1 
_struct_ref_seq.ref_id                        1 
_struct_ref_seq.pdbx_PDB_id_code              6VL4 
_struct_ref_seq.pdbx_strand_id                A 
_struct_ref_seq.seq_align_beg                 4 
_struct_ref_seq.pdbx_seq_align_beg_ins_code   ? 
_struct_ref_seq.seq_align_end                 154 
_struct_ref_seq.pdbx_seq_align_end_ins_code   ? 
_struct_ref_seq.pdbx_db_accession             O14684 
_struct_ref_seq.db_align_beg                  2 
_struct_ref_seq.pdbx_db_align_beg_ins_code    ? 
_struct_ref_seq.db_align_end                  152 
_struct_ref_seq.pdbx_db_align_end_ins_code    ? 
_struct_ref_seq.pdbx_auth_seq_align_beg       2 
_struct_ref_seq.pdbx_auth_seq_align_end       152 
# 
loop_
_struct_ref_seq_dif.align_id 
_struct_ref_seq_dif.pdbx_pdb_id_code 
_struct_ref_seq_dif.mon_id 
_struct_ref_seq_dif.pdbx_pdb_strand_id 
_struct_ref_seq_dif.seq_num 
_struct_ref_seq_dif.pdbx_pdb_ins_code 
_struct_ref_seq_dif.pdbx_seq_db_name 
_struct_ref_seq_dif.pdbx_seq_db_accession_code 
_struct_ref_seq_dif.db_mon_id 
_struct_ref_seq_dif.pdbx_seq_db_seq_num 
_struct_ref_seq_dif.details 
_struct_ref_seq_dif.pdbx_auth_seq_num 
_struct_ref_seq_dif.pdbx_ordinal 
1 6VL4 MET A 1 ? UNP O14684 ? ? 'initiating methionine' -1 1 
1 6VL4 ALA A 2 ? UNP O14684 ? ? 'expression tag'        0  2 
1 6VL4 LEU A 3 ? UNP O14684 ? ? 'expression tag'        1  3 
# 
_pdbx_struct_assembly.id                   1 
_pdbx_struct_assembly.details              author_and_software_defined_assembly 
_pdbx_struct_assembly.method_details       PISA 
_pdbx_struct_assembly.oligomeric_details   trimeric 
_pdbx_struct_assembly.oligomeric_count     3 
# 
loop_
_pdbx_struct_assembly_prop.biol_id 
_pdbx_struct_assembly_prop.type 
_pdbx_struct_assembly_prop.value 
_pdbx_struct_assembly_prop.details 
1 'ABSA (A^2)' 11370 ? 
1 MORE         -23   ? 
1 'SSA (A^2)'  18130 ? 
# 
_pdbx_struct_assembly_gen.assembly_id       1 
_pdbx_struct_assembly_gen.oper_expression   1,2,3 
_pdbx_struct_assembly_gen.asym_id_list      A,B,C,D,E,F 
# 
_pdbx_struct_assembly_auth_evidence.id                     1 
_pdbx_struct_assembly_auth_evidence.assembly_id            1 
_pdbx_struct_assembly_auth_evidence.experimental_support   'gel filtration' 
_pdbx_struct_assembly_auth_evidence.details                ? 
# 
loop_
_pdbx_struct_oper_list.id 
_pdbx_struct_oper_list.type 
_pdbx_struct_oper_list.name 
_pdbx_struct_oper_list.symmetry_operation 
_pdbx_struct_oper_list.matrix[1][1] 
_pdbx_struct_oper_list.matrix[1][2] 
_pdbx_struct_oper_list.matrix[1][3] 
_pdbx_struct_oper_list.vector[1] 
_pdbx_struct_oper_list.matrix[2][1] 
_pdbx_struct_oper_list.matrix[2][2] 
_pdbx_struct_oper_list.matrix[2][3] 
_pdbx_struct_oper_list.vector[2] 
_pdbx_struct_oper_list.matrix[3][1] 
_pdbx_struct_oper_list.matrix[3][2] 
_pdbx_struct_oper_list.matrix[3][3] 
_pdbx_struct_oper_list.vector[3] 
1 'identity operation'         1_555 x,y,z     1.0000000000  0.0000000000  0.0000000000  0.0000000000   0.0000000000  1.0000000000 0.0000000000  0.0000000000  0.0000000000  0.0000000000  1.0000000000  0.0000000000   
2 'crystal symmetry operation' 2_555 -y,x-y,z  -0.2796063009 -0.1663294939 0.9455975973  3.1114103513   -0.8069097446 0.5744347721 -0.1375549222 -5.6216390554 -0.5203046997 -0.8014731387 -0.2948284712 -16.0893121570 
3 'crystal symmetry operation' 3_555 -x+y,-x,z -0.2796063009 -0.8069097446 -0.5203046997 -12.0375301261 -0.1663294939 0.5744347721 -0.8014731387 -9.1483672546 0.9455975973  -0.1375549222 -0.2948284712 -8.4590135811 
# 
loop_
_struct_conf.conf_type_id 
_struct_conf.id 
_struct_conf.pdbx_PDB_helix_id 
_struct_conf.beg_label_comp_id 
_struct_conf.beg_label_asym_id 
_struct_conf.beg_label_seq_id 
_struct_conf.pdbx_beg_PDB_ins_code 
_struct_conf.end_label_comp_id 
_struct_conf.end_label_asym_id 
_struct_conf.end_label_seq_id 
_struct_conf.pdbx_end_PDB_ins_code 
_struct_conf.beg_auth_comp_id 
_struct_conf.beg_auth_asym_id 
_struct_conf.beg_auth_seq_id 
_struct_conf.end_auth_comp_id 
_struct_conf.end_auth_asym_id 
_struct_conf.end_auth_seq_id 
_struct_conf.pdbx_PDB_helix_class 
_struct_conf.details 
_struct_conf.pdbx_PDB_helix_length 
HELX_P HELX_P1 AA1 ALA A 14  ? LYS A 44  ? ALA A 12  LYS A 42  1 ? 31 
HELX_P HELX_P2 AA2 ASN A 48  ? HIS A 55  ? ASN A 46  HIS A 53  1 ? 8  
HELX_P HELX_P3 AA3 GLY A 57  ? CSO A 61  ? GLY A 55  CSO A 59  5 ? 5  
HELX_P HELX_P4 AA4 ASP A 64  ? PHE A 93  ? ASP A 62  PHE A 91  1 ? 30 
HELX_P HELX_P5 AA5 ASN A 97  ? GLY A 121 ? ASN A 95  GLY A 119 1 ? 25 
HELX_P HELX_P6 AA6 PRO A 126 ? HIS A 153 ? PRO A 124 HIS A 151 1 ? 28 
# 
_struct_conf_type.id          HELX_P 
_struct_conf_type.criteria    ? 
_struct_conf_type.reference   ? 
# 
loop_
_struct_conn.id 
_struct_conn.conn_type_id 
_struct_conn.pdbx_leaving_atom_flag 
_struct_conn.pdbx_PDB_id 
_struct_conn.ptnr1_label_asym_id 
_struct_conn.ptnr1_label_comp_id 
_struct_conn.ptnr1_label_seq_id 
_struct_conn.ptnr1_label_atom_id 
_struct_conn.pdbx_ptnr1_label_alt_id 
_struct_conn.pdbx_ptnr1_PDB_ins_code 
_struct_conn.pdbx_ptnr1_standard_comp_id 
_struct_conn.ptnr1_symmetry 
_struct_conn.ptnr2_label_asym_id 
_struct_conn.ptnr2_label_comp_id 
_struct_conn.ptnr2_label_seq_id 
_struct_conn.ptnr2_label_atom_id 
_struct_conn.pdbx_ptnr2_label_alt_id 
_struct_conn.pdbx_ptnr2_PDB_ins_code 
_struct_conn.ptnr1_auth_asym_id 
_struct_conn.ptnr1_auth_comp_id 
_struct_conn.ptnr1_auth_seq_id 
_struct_conn.ptnr2_auth_asym_id 
_struct_conn.ptnr2_auth_comp_id 
_struct_conn.ptnr2_auth_seq_id 
_struct_conn.ptnr2_symmetry 
_struct_conn.pdbx_ptnr3_label_atom_id 
_struct_conn.pdbx_ptnr3_label_seq_id 
_struct_conn.pdbx_ptnr3_label_comp_id 
_struct_conn.pdbx_ptnr3_label_asym_id 
_struct_conn.pdbx_ptnr3_label_alt_id 
_struct_conn.pdbx_ptnr3_PDB_ins_code 
_struct_conn.details 
_struct_conn.pdbx_dist_value 
_struct_conn.pdbx_value_order 
_struct_conn.pdbx_role 
covale1 covale both ? A TYR 60 C ? ? ? 1_555 A CSO 61 N ? ? A TYR 58 A CSO 59 1_555 ? ? ? ? ? ? ? 1.341 ? ? 
covale2 covale both ? A CSO 61 C ? ? ? 1_555 A ARG 62 N ? ? A CSO 59 A ARG 60 1_555 ? ? ? ? ? ? ? 1.338 ? ? 
# 
_struct_conn_type.id          covale 
_struct_conn_type.criteria    ? 
_struct_conn_type.reference   ? 
# 
_pdbx_modification_feature.ordinal                            1 
_pdbx_modification_feature.label_comp_id                      CSO 
_pdbx_modification_feature.label_asym_id                      A 
_pdbx_modification_feature.label_seq_id                       61 
_pdbx_modification_feature.label_alt_id                       ? 
_pdbx_modification_feature.modified_residue_label_comp_id     . 
_pdbx_modification_feature.modified_residue_label_asym_id     . 
_pdbx_modification_feature.modified_residue_label_seq_id      . 
_pdbx_modification_feature.modified_residue_label_alt_id      . 
_pdbx_modification_feature.auth_comp_id                       CSO 
_pdbx_modification_feature.auth_asym_id                       A 
_pdbx_modification_feature.auth_seq_id                        59 
_pdbx_modification_feature.PDB_ins_code                       ? 
_pdbx_modification_feature.symmetry                           1_555 
_pdbx_modification_feature.modified_residue_auth_comp_id      . 
_pdbx_modification_feature.modified_residue_auth_asym_id      . 
_pdbx_modification_feature.modified_residue_auth_seq_id       . 
_pdbx_modification_feature.modified_residue_PDB_ins_code      . 
_pdbx_modification_feature.modified_residue_symmetry          . 
_pdbx_modification_feature.comp_id_linking_atom               . 
_pdbx_modification_feature.modified_residue_id_linking_atom   . 
_pdbx_modification_feature.modified_residue_id                CYS 
_pdbx_modification_feature.ref_pcm_id                         1 
_pdbx_modification_feature.ref_comp_id                        CSO 
_pdbx_modification_feature.type                               Hydroxylation 
_pdbx_modification_feature.category                           'Named protein modification' 
# 
_struct_mon_prot_cis.pdbx_id                1 
_struct_mon_prot_cis.label_comp_id          ALA 
_struct_mon_prot_cis.label_seq_id           125 
_struct_mon_prot_cis.label_asym_id          A 
_struct_mon_prot_cis.label_alt_id           . 
_struct_mon_prot_cis.pdbx_PDB_ins_code      ? 
_struct_mon_prot_cis.auth_comp_id           ALA 
_struct_mon_prot_cis.auth_seq_id            123 
_struct_mon_prot_cis.auth_asym_id           A 
_struct_mon_prot_cis.pdbx_label_comp_id_2   PRO 
_struct_mon_prot_cis.pdbx_label_seq_id_2    126 
_struct_mon_prot_cis.pdbx_label_asym_id_2   A 
_struct_mon_prot_cis.pdbx_PDB_ins_code_2    ? 
_struct_mon_prot_cis.pdbx_auth_comp_id_2    PRO 
_struct_mon_prot_cis.pdbx_auth_seq_id_2     124 
_struct_mon_prot_cis.pdbx_auth_asym_id_2    A 
_struct_mon_prot_cis.pdbx_PDB_model_num     1 
_struct_mon_prot_cis.pdbx_omega_angle       7.33 
# 
_pdbx_entry_details.entry_id                   6VL4 
_pdbx_entry_details.has_ligand_of_interest     Y 
_pdbx_entry_details.compound_details           ? 
_pdbx_entry_details.source_details             ? 
_pdbx_entry_details.nonpolymer_details         ? 
_pdbx_entry_details.sequence_details           ? 
_pdbx_entry_details.has_protein_modification   Y 
# 
_pdbx_struct_mod_residue.id               1 
_pdbx_struct_mod_residue.label_asym_id    A 
_pdbx_struct_mod_residue.label_comp_id    CSO 
_pdbx_struct_mod_residue.label_seq_id     61 
_pdbx_struct_mod_residue.auth_asym_id     A 
_pdbx_struct_mod_residue.auth_comp_id     CSO 
_pdbx_struct_mod_residue.auth_seq_id      59 
_pdbx_struct_mod_residue.PDB_ins_code     ? 
_pdbx_struct_mod_residue.parent_comp_id   CYS 
_pdbx_struct_mod_residue.details          'modified residue' 
# 
loop_
_pdbx_unobs_or_zero_occ_residues.id 
_pdbx_unobs_or_zero_occ_residues.PDB_model_num 
_pdbx_unobs_or_zero_occ_residues.polymer_flag 
_pdbx_unobs_or_zero_occ_residues.occupancy_flag 
_pdbx_unobs_or_zero_occ_residues.auth_asym_id 
_pdbx_unobs_or_zero_occ_residues.auth_comp_id 
_pdbx_unobs_or_zero_occ_residues.auth_seq_id 
_pdbx_unobs_or_zero_occ_residues.PDB_ins_code 
_pdbx_unobs_or_zero_occ_residues.label_asym_id 
_pdbx_unobs_or_zero_occ_residues.label_comp_id 
_pdbx_unobs_or_zero_occ_residues.label_seq_id 
1  1 Y 1 A MET -1 ? A MET 1  
2  1 Y 1 A ALA 0  ? A ALA 2  
3  1 Y 1 A LEU 1  ? A LEU 3  
4  1 Y 1 A PRO 2  ? A PRO 4  
5  1 Y 1 A ALA 3  ? A ALA 5  
6  1 Y 1 A HIS 4  ? A HIS 6  
7  1 Y 1 A SER 5  ? A SER 7  
8  1 Y 1 A LEU 6  ? A LEU 8  
9  1 Y 1 A VAL 7  ? A VAL 9  
10 1 Y 1 A MET 8  ? A MET 10 
11 1 Y 1 A SER 9  ? A SER 11 
# 
loop_
_chem_comp_atom.comp_id 
_chem_comp_atom.atom_id 
_chem_comp_atom.type_symbol 
_chem_comp_atom.pdbx_aromatic_flag 
_chem_comp_atom.pdbx_stereo_config 
_chem_comp_atom.pdbx_ordinal 
ALA N      N N N 1   
ALA CA     C N S 2   
ALA C      C N N 3   
ALA O      O N N 4   
ALA CB     C N N 5   
ALA OXT    O N N 6   
ALA H      H N N 7   
ALA H2     H N N 8   
ALA HA     H N N 9   
ALA HB1    H N N 10  
ALA HB2    H N N 11  
ALA HB3    H N N 12  
ALA HXT    H N N 13  
ARG N      N N N 14  
ARG CA     C N S 15  
ARG C      C N N 16  
ARG O      O N N 17  
ARG CB     C N N 18  
ARG CG     C N N 19  
ARG CD     C N N 20  
ARG NE     N N N 21  
ARG CZ     C N N 22  
ARG NH1    N N N 23  
ARG NH2    N N N 24  
ARG OXT    O N N 25  
ARG H      H N N 26  
ARG H2     H N N 27  
ARG HA     H N N 28  
ARG HB2    H N N 29  
ARG HB3    H N N 30  
ARG HG2    H N N 31  
ARG HG3    H N N 32  
ARG HD2    H N N 33  
ARG HD3    H N N 34  
ARG HE     H N N 35  
ARG HH11   H N N 36  
ARG HH12   H N N 37  
ARG HH21   H N N 38  
ARG HH22   H N N 39  
ARG HXT    H N N 40  
ASN N      N N N 41  
ASN CA     C N S 42  
ASN C      C N N 43  
ASN O      O N N 44  
ASN CB     C N N 45  
ASN CG     C N N 46  
ASN OD1    O N N 47  
ASN ND2    N N N 48  
ASN OXT    O N N 49  
ASN H      H N N 50  
ASN H2     H N N 51  
ASN HA     H N N 52  
ASN HB2    H N N 53  
ASN HB3    H N N 54  
ASN HD21   H N N 55  
ASN HD22   H N N 56  
ASN HXT    H N N 57  
ASP N      N N N 58  
ASP CA     C N S 59  
ASP C      C N N 60  
ASP O      O N N 61  
ASP CB     C N N 62  
ASP CG     C N N 63  
ASP OD1    O N N 64  
ASP OD2    O N N 65  
ASP OXT    O N N 66  
ASP H      H N N 67  
ASP H2     H N N 68  
ASP HA     H N N 69  
ASP HB2    H N N 70  
ASP HB3    H N N 71  
ASP HD2    H N N 72  
ASP HXT    H N N 73  
BOG C1     C N R 74  
BOG O1     O N N 75  
BOG C2     C N R 76  
BOG O2     O N N 77  
BOG C3     C N S 78  
BOG O3     O N N 79  
BOG C4     C N S 80  
BOG O4     O N N 81  
BOG C5     C N R 82  
BOG O5     O N N 83  
BOG C6     C N N 84  
BOG O6     O N N 85  
BOG "C1'"  C N N 86  
BOG "C2'"  C N N 87  
BOG "C3'"  C N N 88  
BOG "C4'"  C N N 89  
BOG "C5'"  C N N 90  
BOG "C6'"  C N N 91  
BOG "C7'"  C N N 92  
BOG "C8'"  C N N 93  
BOG H1     H N N 94  
BOG H2     H N N 95  
BOG HO2    H N N 96  
BOG H3     H N N 97  
BOG HO3    H N N 98  
BOG H4     H N N 99  
BOG HO4    H N N 100 
BOG H5     H N N 101 
BOG H61    H N N 102 
BOG H62    H N N 103 
BOG HO6    H N N 104 
BOG "H1'1" H N N 105 
BOG "H1'2" H N N 106 
BOG "H2'1" H N N 107 
BOG "H2'2" H N N 108 
BOG "H3'1" H N N 109 
BOG "H3'2" H N N 110 
BOG "H4'1" H N N 111 
BOG "H4'2" H N N 112 
BOG "H5'1" H N N 113 
BOG "H5'2" H N N 114 
BOG "H6'1" H N N 115 
BOG "H6'2" H N N 116 
BOG "H7'1" H N N 117 
BOG "H7'2" H N N 118 
BOG "H8'1" H N N 119 
BOG "H8'2" H N N 120 
BOG "H8'3" H N N 121 
CSO N      N N N 122 
CSO CA     C N R 123 
CSO CB     C N N 124 
CSO SG     S N N 125 
CSO C      C N N 126 
CSO O      O N N 127 
CSO OXT    O N N 128 
CSO OD     O N N 129 
CSO H      H N N 130 
CSO H2     H N N 131 
CSO HA     H N N 132 
CSO HB2    H N N 133 
CSO HB3    H N N 134 
CSO HXT    H N N 135 
CSO HD     H N N 136 
CYS N      N N N 137 
CYS CA     C N R 138 
CYS C      C N N 139 
CYS O      O N N 140 
CYS CB     C N N 141 
CYS SG     S N N 142 
CYS OXT    O N N 143 
CYS H      H N N 144 
CYS H2     H N N 145 
CYS HA     H N N 146 
CYS HB2    H N N 147 
CYS HB3    H N N 148 
CYS HG     H N N 149 
CYS HXT    H N N 150 
GLN N      N N N 151 
GLN CA     C N S 152 
GLN C      C N N 153 
GLN O      O N N 154 
GLN CB     C N N 155 
GLN CG     C N N 156 
GLN CD     C N N 157 
GLN OE1    O N N 158 
GLN NE2    N N N 159 
GLN OXT    O N N 160 
GLN H      H N N 161 
GLN H2     H N N 162 
GLN HA     H N N 163 
GLN HB2    H N N 164 
GLN HB3    H N N 165 
GLN HG2    H N N 166 
GLN HG3    H N N 167 
GLN HE21   H N N 168 
GLN HE22   H N N 169 
GLN HXT    H N N 170 
GLU N      N N N 171 
GLU CA     C N S 172 
GLU C      C N N 173 
GLU O      O N N 174 
GLU CB     C N N 175 
GLU CG     C N N 176 
GLU CD     C N N 177 
GLU OE1    O N N 178 
GLU OE2    O N N 179 
GLU OXT    O N N 180 
GLU H      H N N 181 
GLU H2     H N N 182 
GLU HA     H N N 183 
GLU HB2    H N N 184 
GLU HB3    H N N 185 
GLU HG2    H N N 186 
GLU HG3    H N N 187 
GLU HE2    H N N 188 
GLU HXT    H N N 189 
GLY N      N N N 190 
GLY CA     C N N 191 
GLY C      C N N 192 
GLY O      O N N 193 
GLY OXT    O N N 194 
GLY H      H N N 195 
GLY H2     H N N 196 
GLY HA2    H N N 197 
GLY HA3    H N N 198 
GLY HXT    H N N 199 
HIS N      N N N 200 
HIS CA     C N S 201 
HIS C      C N N 202 
HIS O      O N N 203 
HIS CB     C N N 204 
HIS CG     C Y N 205 
HIS ND1    N Y N 206 
HIS CD2    C Y N 207 
HIS CE1    C Y N 208 
HIS NE2    N Y N 209 
HIS OXT    O N N 210 
HIS H      H N N 211 
HIS H2     H N N 212 
HIS HA     H N N 213 
HIS HB2    H N N 214 
HIS HB3    H N N 215 
HIS HD1    H N N 216 
HIS HD2    H N N 217 
HIS HE1    H N N 218 
HIS HE2    H N N 219 
HIS HXT    H N N 220 
HOH O      O N N 221 
HOH H1     H N N 222 
HOH H2     H N N 223 
ILE N      N N N 224 
ILE CA     C N S 225 
ILE C      C N N 226 
ILE O      O N N 227 
ILE CB     C N S 228 
ILE CG1    C N N 229 
ILE CG2    C N N 230 
ILE CD1    C N N 231 
ILE OXT    O N N 232 
ILE H      H N N 233 
ILE H2     H N N 234 
ILE HA     H N N 235 
ILE HB     H N N 236 
ILE HG12   H N N 237 
ILE HG13   H N N 238 
ILE HG21   H N N 239 
ILE HG22   H N N 240 
ILE HG23   H N N 241 
ILE HD11   H N N 242 
ILE HD12   H N N 243 
ILE HD13   H N N 244 
ILE HXT    H N N 245 
LEU N      N N N 246 
LEU CA     C N S 247 
LEU C      C N N 248 
LEU O      O N N 249 
LEU CB     C N N 250 
LEU CG     C N N 251 
LEU CD1    C N N 252 
LEU CD2    C N N 253 
LEU OXT    O N N 254 
LEU H      H N N 255 
LEU H2     H N N 256 
LEU HA     H N N 257 
LEU HB2    H N N 258 
LEU HB3    H N N 259 
LEU HG     H N N 260 
LEU HD11   H N N 261 
LEU HD12   H N N 262 
LEU HD13   H N N 263 
LEU HD21   H N N 264 
LEU HD22   H N N 265 
LEU HD23   H N N 266 
LEU HXT    H N N 267 
LYS N      N N N 268 
LYS CA     C N S 269 
LYS C      C N N 270 
LYS O      O N N 271 
LYS CB     C N N 272 
LYS CG     C N N 273 
LYS CD     C N N 274 
LYS CE     C N N 275 
LYS NZ     N N N 276 
LYS OXT    O N N 277 
LYS H      H N N 278 
LYS H2     H N N 279 
LYS HA     H N N 280 
LYS HB2    H N N 281 
LYS HB3    H N N 282 
LYS HG2    H N N 283 
LYS HG3    H N N 284 
LYS HD2    H N N 285 
LYS HD3    H N N 286 
LYS HE2    H N N 287 
LYS HE3    H N N 288 
LYS HZ1    H N N 289 
LYS HZ2    H N N 290 
LYS HZ3    H N N 291 
LYS HXT    H N N 292 
MET N      N N N 293 
MET CA     C N S 294 
MET C      C N N 295 
MET O      O N N 296 
MET CB     C N N 297 
MET CG     C N N 298 
MET SD     S N N 299 
MET CE     C N N 300 
MET OXT    O N N 301 
MET H      H N N 302 
MET H2     H N N 303 
MET HA     H N N 304 
MET HB2    H N N 305 
MET HB3    H N N 306 
MET HG2    H N N 307 
MET HG3    H N N 308 
MET HE1    H N N 309 
MET HE2    H N N 310 
MET HE3    H N N 311 
MET HXT    H N N 312 
PG4 O1     O N N 313 
PG4 C1     C N N 314 
PG4 C2     C N N 315 
PG4 O2     O N N 316 
PG4 C3     C N N 317 
PG4 C4     C N N 318 
PG4 O3     O N N 319 
PG4 C5     C N N 320 
PG4 C6     C N N 321 
PG4 O4     O N N 322 
PG4 C7     C N N 323 
PG4 C8     C N N 324 
PG4 O5     O N N 325 
PG4 HO1    H N N 326 
PG4 H11    H N N 327 
PG4 H12    H N N 328 
PG4 H21    H N N 329 
PG4 H22    H N N 330 
PG4 H31    H N N 331 
PG4 H32    H N N 332 
PG4 H41    H N N 333 
PG4 H42    H N N 334 
PG4 H51    H N N 335 
PG4 H52    H N N 336 
PG4 H61    H N N 337 
PG4 H62    H N N 338 
PG4 H71    H N N 339 
PG4 H72    H N N 340 
PG4 H81    H N N 341 
PG4 H82    H N N 342 
PG4 HO5    H N N 343 
PHE N      N N N 344 
PHE CA     C N S 345 
PHE C      C N N 346 
PHE O      O N N 347 
PHE CB     C N N 348 
PHE CG     C Y N 349 
PHE CD1    C Y N 350 
PHE CD2    C Y N 351 
PHE CE1    C Y N 352 
PHE CE2    C Y N 353 
PHE CZ     C Y N 354 
PHE OXT    O N N 355 
PHE H      H N N 356 
PHE H2     H N N 357 
PHE HA     H N N 358 
PHE HB2    H N N 359 
PHE HB3    H N N 360 
PHE HD1    H N N 361 
PHE HD2    H N N 362 
PHE HE1    H N N 363 
PHE HE2    H N N 364 
PHE HZ     H N N 365 
PHE HXT    H N N 366 
PRO N      N N N 367 
PRO CA     C N S 368 
PRO C      C N N 369 
PRO O      O N N 370 
PRO CB     C N N 371 
PRO CG     C N N 372 
PRO CD     C N N 373 
PRO OXT    O N N 374 
PRO H      H N N 375 
PRO HA     H N N 376 
PRO HB2    H N N 377 
PRO HB3    H N N 378 
PRO HG2    H N N 379 
PRO HG3    H N N 380 
PRO HD2    H N N 381 
PRO HD3    H N N 382 
PRO HXT    H N N 383 
QY1 C7     C Y N 384 
QY1 C6     C Y N 385 
QY1 C1     C Y N 386 
QY1 C5     C Y N 387 
QY1 C4     C Y N 388 
QY1 C3     C Y N 389 
QY1 C2     C Y N 390 
QY1 C8     C Y N 391 
QY1 C9     C Y N 392 
QY1 C10    C Y N 393 
QY1 C11    C Y N 394 
QY1 C12    C Y N 395 
QY1 C13    C Y N 396 
QY1 C14    C Y N 397 
QY1 C15    C Y N 398 
QY1 C16    C N N 399 
QY1 C17    C N N 400 
QY1 C18    C N N 401 
QY1 C19    C N N 402 
QY1 C20    C N N 403 
QY1 C21    C N N 404 
QY1 C22    C N N 405 
QY1 C23    C N R 406 
QY1 N24    N Y N 407 
QY1 O25    O N N 408 
QY1 O26    O N N 409 
QY1 O27    O N N 410 
QY1 H1     H N N 411 
QY1 H2     H N N 412 
QY1 H3     H N N 413 
QY1 H4     H N N 414 
QY1 H5     H N N 415 
QY1 H6     H N N 416 
QY1 H7     H N N 417 
QY1 H8     H N N 418 
QY1 H9     H N N 419 
QY1 H10    H N N 420 
QY1 H11    H N N 421 
QY1 H12    H N N 422 
QY1 H13    H N N 423 
QY1 H14    H N N 424 
QY1 H15    H N N 425 
QY1 H16    H N N 426 
QY1 H17    H N N 427 
QY1 H18    H N N 428 
QY1 H19    H N N 429 
QY1 H20    H N N 430 
QY1 H21    H N N 431 
QY1 H22    H N N 432 
QY1 H23    H N N 433 
SER N      N N N 434 
SER CA     C N S 435 
SER C      C N N 436 
SER O      O N N 437 
SER CB     C N N 438 
SER OG     O N N 439 
SER OXT    O N N 440 
SER H      H N N 441 
SER H2     H N N 442 
SER HA     H N N 443 
SER HB2    H N N 444 
SER HB3    H N N 445 
SER HG     H N N 446 
SER HXT    H N N 447 
THR N      N N N 448 
THR CA     C N S 449 
THR C      C N N 450 
THR O      O N N 451 
THR CB     C N R 452 
THR OG1    O N N 453 
THR CG2    C N N 454 
THR OXT    O N N 455 
THR H      H N N 456 
THR H2     H N N 457 
THR HA     H N N 458 
THR HB     H N N 459 
THR HG1    H N N 460 
THR HG21   H N N 461 
THR HG22   H N N 462 
THR HG23   H N N 463 
THR HXT    H N N 464 
TRP N      N N N 465 
TRP CA     C N S 466 
TRP C      C N N 467 
TRP O      O N N 468 
TRP CB     C N N 469 
TRP CG     C Y N 470 
TRP CD1    C Y N 471 
TRP CD2    C Y N 472 
TRP NE1    N Y N 473 
TRP CE2    C Y N 474 
TRP CE3    C Y N 475 
TRP CZ2    C Y N 476 
TRP CZ3    C Y N 477 
TRP CH2    C Y N 478 
TRP OXT    O N N 479 
TRP H      H N N 480 
TRP H2     H N N 481 
TRP HA     H N N 482 
TRP HB2    H N N 483 
TRP HB3    H N N 484 
TRP HD1    H N N 485 
TRP HE1    H N N 486 
TRP HE3    H N N 487 
TRP HZ2    H N N 488 
TRP HZ3    H N N 489 
TRP HH2    H N N 490 
TRP HXT    H N N 491 
TYR N      N N N 492 
TYR CA     C N S 493 
TYR C      C N N 494 
TYR O      O N N 495 
TYR CB     C N N 496 
TYR CG     C Y N 497 
TYR CD1    C Y N 498 
TYR CD2    C Y N 499 
TYR CE1    C Y N 500 
TYR CE2    C Y N 501 
TYR CZ     C Y N 502 
TYR OH     O N N 503 
TYR OXT    O N N 504 
TYR H      H N N 505 
TYR H2     H N N 506 
TYR HA     H N N 507 
TYR HB2    H N N 508 
TYR HB3    H N N 509 
TYR HD1    H N N 510 
TYR HD2    H N N 511 
TYR HE1    H N N 512 
TYR HE2    H N N 513 
TYR HH     H N N 514 
TYR HXT    H N N 515 
VAL N      N N N 516 
VAL CA     C N S 517 
VAL C      C N N 518 
VAL O      O N N 519 
VAL CB     C N N 520 
VAL CG1    C N N 521 
VAL CG2    C N N 522 
VAL OXT    O N N 523 
VAL H      H N N 524 
VAL H2     H N N 525 
VAL HA     H N N 526 
VAL HB     H N N 527 
VAL HG11   H N N 528 
VAL HG12   H N N 529 
VAL HG13   H N N 530 
VAL HG21   H N N 531 
VAL HG22   H N N 532 
VAL HG23   H N N 533 
VAL HXT    H N N 534 
# 
loop_
_chem_comp_bond.comp_id 
_chem_comp_bond.atom_id_1 
_chem_comp_bond.atom_id_2 
_chem_comp_bond.value_order 
_chem_comp_bond.pdbx_aromatic_flag 
_chem_comp_bond.pdbx_stereo_config 
_chem_comp_bond.pdbx_ordinal 
ALA N     CA     sing N N 1   
ALA N     H      sing N N 2   
ALA N     H2     sing N N 3   
ALA CA    C      sing N N 4   
ALA CA    CB     sing N N 5   
ALA CA    HA     sing N N 6   
ALA C     O      doub N N 7   
ALA C     OXT    sing N N 8   
ALA CB    HB1    sing N N 9   
ALA CB    HB2    sing N N 10  
ALA CB    HB3    sing N N 11  
ALA OXT   HXT    sing N N 12  
ARG N     CA     sing N N 13  
ARG N     H      sing N N 14  
ARG N     H2     sing N N 15  
ARG CA    C      sing N N 16  
ARG CA    CB     sing N N 17  
ARG CA    HA     sing N N 18  
ARG C     O      doub N N 19  
ARG C     OXT    sing N N 20  
ARG CB    CG     sing N N 21  
ARG CB    HB2    sing N N 22  
ARG CB    HB3    sing N N 23  
ARG CG    CD     sing N N 24  
ARG CG    HG2    sing N N 25  
ARG CG    HG3    sing N N 26  
ARG CD    NE     sing N N 27  
ARG CD    HD2    sing N N 28  
ARG CD    HD3    sing N N 29  
ARG NE    CZ     sing N N 30  
ARG NE    HE     sing N N 31  
ARG CZ    NH1    sing N N 32  
ARG CZ    NH2    doub N N 33  
ARG NH1   HH11   sing N N 34  
ARG NH1   HH12   sing N N 35  
ARG NH2   HH21   sing N N 36  
ARG NH2   HH22   sing N N 37  
ARG OXT   HXT    sing N N 38  
ASN N     CA     sing N N 39  
ASN N     H      sing N N 40  
ASN N     H2     sing N N 41  
ASN CA    C      sing N N 42  
ASN CA    CB     sing N N 43  
ASN CA    HA     sing N N 44  
ASN C     O      doub N N 45  
ASN C     OXT    sing N N 46  
ASN CB    CG     sing N N 47  
ASN CB    HB2    sing N N 48  
ASN CB    HB3    sing N N 49  
ASN CG    OD1    doub N N 50  
ASN CG    ND2    sing N N 51  
ASN ND2   HD21   sing N N 52  
ASN ND2   HD22   sing N N 53  
ASN OXT   HXT    sing N N 54  
ASP N     CA     sing N N 55  
ASP N     H      sing N N 56  
ASP N     H2     sing N N 57  
ASP CA    C      sing N N 58  
ASP CA    CB     sing N N 59  
ASP CA    HA     sing N N 60  
ASP C     O      doub N N 61  
ASP C     OXT    sing N N 62  
ASP CB    CG     sing N N 63  
ASP CB    HB2    sing N N 64  
ASP CB    HB3    sing N N 65  
ASP CG    OD1    doub N N 66  
ASP CG    OD2    sing N N 67  
ASP OD2   HD2    sing N N 68  
ASP OXT   HXT    sing N N 69  
BOG C1    O1     sing N N 70  
BOG C1    C2     sing N N 71  
BOG C1    O5     sing N N 72  
BOG C1    H1     sing N N 73  
BOG O1    "C1'"  sing N N 74  
BOG C2    O2     sing N N 75  
BOG C2    C3     sing N N 76  
BOG C2    H2     sing N N 77  
BOG O2    HO2    sing N N 78  
BOG C3    O3     sing N N 79  
BOG C3    C4     sing N N 80  
BOG C3    H3     sing N N 81  
BOG O3    HO3    sing N N 82  
BOG C4    O4     sing N N 83  
BOG C4    C5     sing N N 84  
BOG C4    H4     sing N N 85  
BOG O4    HO4    sing N N 86  
BOG C5    O5     sing N N 87  
BOG C5    C6     sing N N 88  
BOG C5    H5     sing N N 89  
BOG C6    O6     sing N N 90  
BOG C6    H61    sing N N 91  
BOG C6    H62    sing N N 92  
BOG O6    HO6    sing N N 93  
BOG "C1'" "C2'"  sing N N 94  
BOG "C1'" "H1'1" sing N N 95  
BOG "C1'" "H1'2" sing N N 96  
BOG "C2'" "C3'"  sing N N 97  
BOG "C2'" "H2'1" sing N N 98  
BOG "C2'" "H2'2" sing N N 99  
BOG "C3'" "C4'"  sing N N 100 
BOG "C3'" "H3'1" sing N N 101 
BOG "C3'" "H3'2" sing N N 102 
BOG "C4'" "C5'"  sing N N 103 
BOG "C4'" "H4'1" sing N N 104 
BOG "C4'" "H4'2" sing N N 105 
BOG "C5'" "C6'"  sing N N 106 
BOG "C5'" "H5'1" sing N N 107 
BOG "C5'" "H5'2" sing N N 108 
BOG "C6'" "C7'"  sing N N 109 
BOG "C6'" "H6'1" sing N N 110 
BOG "C6'" "H6'2" sing N N 111 
BOG "C7'" "C8'"  sing N N 112 
BOG "C7'" "H7'1" sing N N 113 
BOG "C7'" "H7'2" sing N N 114 
BOG "C8'" "H8'1" sing N N 115 
BOG "C8'" "H8'2" sing N N 116 
BOG "C8'" "H8'3" sing N N 117 
CSO N     CA     sing N N 118 
CSO N     H      sing N N 119 
CSO N     H2     sing N N 120 
CSO CA    CB     sing N N 121 
CSO CA    C      sing N N 122 
CSO CA    HA     sing N N 123 
CSO CB    SG     sing N N 124 
CSO CB    HB2    sing N N 125 
CSO CB    HB3    sing N N 126 
CSO SG    OD     sing N N 127 
CSO C     O      doub N N 128 
CSO C     OXT    sing N N 129 
CSO OXT   HXT    sing N N 130 
CSO OD    HD     sing N N 131 
CYS N     CA     sing N N 132 
CYS N     H      sing N N 133 
CYS N     H2     sing N N 134 
CYS CA    C      sing N N 135 
CYS CA    CB     sing N N 136 
CYS CA    HA     sing N N 137 
CYS C     O      doub N N 138 
CYS C     OXT    sing N N 139 
CYS CB    SG     sing N N 140 
CYS CB    HB2    sing N N 141 
CYS CB    HB3    sing N N 142 
CYS SG    HG     sing N N 143 
CYS OXT   HXT    sing N N 144 
GLN N     CA     sing N N 145 
GLN N     H      sing N N 146 
GLN N     H2     sing N N 147 
GLN CA    C      sing N N 148 
GLN CA    CB     sing N N 149 
GLN CA    HA     sing N N 150 
GLN C     O      doub N N 151 
GLN C     OXT    sing N N 152 
GLN CB    CG     sing N N 153 
GLN CB    HB2    sing N N 154 
GLN CB    HB3    sing N N 155 
GLN CG    CD     sing N N 156 
GLN CG    HG2    sing N N 157 
GLN CG    HG3    sing N N 158 
GLN CD    OE1    doub N N 159 
GLN CD    NE2    sing N N 160 
GLN NE2   HE21   sing N N 161 
GLN NE2   HE22   sing N N 162 
GLN OXT   HXT    sing N N 163 
GLU N     CA     sing N N 164 
GLU N     H      sing N N 165 
GLU N     H2     sing N N 166 
GLU CA    C      sing N N 167 
GLU CA    CB     sing N N 168 
GLU CA    HA     sing N N 169 
GLU C     O      doub N N 170 
GLU C     OXT    sing N N 171 
GLU CB    CG     sing N N 172 
GLU CB    HB2    sing N N 173 
GLU CB    HB3    sing N N 174 
GLU CG    CD     sing N N 175 
GLU CG    HG2    sing N N 176 
GLU CG    HG3    sing N N 177 
GLU CD    OE1    doub N N 178 
GLU CD    OE2    sing N N 179 
GLU OE2   HE2    sing N N 180 
GLU OXT   HXT    sing N N 181 
GLY N     CA     sing N N 182 
GLY N     H      sing N N 183 
GLY N     H2     sing N N 184 
GLY CA    C      sing N N 185 
GLY CA    HA2    sing N N 186 
GLY CA    HA3    sing N N 187 
GLY C     O      doub N N 188 
GLY C     OXT    sing N N 189 
GLY OXT   HXT    sing N N 190 
HIS N     CA     sing N N 191 
HIS N     H      sing N N 192 
HIS N     H2     sing N N 193 
HIS CA    C      sing N N 194 
HIS CA    CB     sing N N 195 
HIS CA    HA     sing N N 196 
HIS C     O      doub N N 197 
HIS C     OXT    sing N N 198 
HIS CB    CG     sing N N 199 
HIS CB    HB2    sing N N 200 
HIS CB    HB3    sing N N 201 
HIS CG    ND1    sing Y N 202 
HIS CG    CD2    doub Y N 203 
HIS ND1   CE1    doub Y N 204 
HIS ND1   HD1    sing N N 205 
HIS CD2   NE2    sing Y N 206 
HIS CD2   HD2    sing N N 207 
HIS CE1   NE2    sing Y N 208 
HIS CE1   HE1    sing N N 209 
HIS NE2   HE2    sing N N 210 
HIS OXT   HXT    sing N N 211 
HOH O     H1     sing N N 212 
HOH O     H2     sing N N 213 
ILE N     CA     sing N N 214 
ILE N     H      sing N N 215 
ILE N     H2     sing N N 216 
ILE CA    C      sing N N 217 
ILE CA    CB     sing N N 218 
ILE CA    HA     sing N N 219 
ILE C     O      doub N N 220 
ILE C     OXT    sing N N 221 
ILE CB    CG1    sing N N 222 
ILE CB    CG2    sing N N 223 
ILE CB    HB     sing N N 224 
ILE CG1   CD1    sing N N 225 
ILE CG1   HG12   sing N N 226 
ILE CG1   HG13   sing N N 227 
ILE CG2   HG21   sing N N 228 
ILE CG2   HG22   sing N N 229 
ILE CG2   HG23   sing N N 230 
ILE CD1   HD11   sing N N 231 
ILE CD1   HD12   sing N N 232 
ILE CD1   HD13   sing N N 233 
ILE OXT   HXT    sing N N 234 
LEU N     CA     sing N N 235 
LEU N     H      sing N N 236 
LEU N     H2     sing N N 237 
LEU CA    C      sing N N 238 
LEU CA    CB     sing N N 239 
LEU CA    HA     sing N N 240 
LEU C     O      doub N N 241 
LEU C     OXT    sing N N 242 
LEU CB    CG     sing N N 243 
LEU CB    HB2    sing N N 244 
LEU CB    HB3    sing N N 245 
LEU CG    CD1    sing N N 246 
LEU CG    CD2    sing N N 247 
LEU CG    HG     sing N N 248 
LEU CD1   HD11   sing N N 249 
LEU CD1   HD12   sing N N 250 
LEU CD1   HD13   sing N N 251 
LEU CD2   HD21   sing N N 252 
LEU CD2   HD22   sing N N 253 
LEU CD2   HD23   sing N N 254 
LEU OXT   HXT    sing N N 255 
LYS N     CA     sing N N 256 
LYS N     H      sing N N 257 
LYS N     H2     sing N N 258 
LYS CA    C      sing N N 259 
LYS CA    CB     sing N N 260 
LYS CA    HA     sing N N 261 
LYS C     O      doub N N 262 
LYS C     OXT    sing N N 263 
LYS CB    CG     sing N N 264 
LYS CB    HB2    sing N N 265 
LYS CB    HB3    sing N N 266 
LYS CG    CD     sing N N 267 
LYS CG    HG2    sing N N 268 
LYS CG    HG3    sing N N 269 
LYS CD    CE     sing N N 270 
LYS CD    HD2    sing N N 271 
LYS CD    HD3    sing N N 272 
LYS CE    NZ     sing N N 273 
LYS CE    HE2    sing N N 274 
LYS CE    HE3    sing N N 275 
LYS NZ    HZ1    sing N N 276 
LYS NZ    HZ2    sing N N 277 
LYS NZ    HZ3    sing N N 278 
LYS OXT   HXT    sing N N 279 
MET N     CA     sing N N 280 
MET N     H      sing N N 281 
MET N     H2     sing N N 282 
MET CA    C      sing N N 283 
MET CA    CB     sing N N 284 
MET CA    HA     sing N N 285 
MET C     O      doub N N 286 
MET C     OXT    sing N N 287 
MET CB    CG     sing N N 288 
MET CB    HB2    sing N N 289 
MET CB    HB3    sing N N 290 
MET CG    SD     sing N N 291 
MET CG    HG2    sing N N 292 
MET CG    HG3    sing N N 293 
MET SD    CE     sing N N 294 
MET CE    HE1    sing N N 295 
MET CE    HE2    sing N N 296 
MET CE    HE3    sing N N 297 
MET OXT   HXT    sing N N 298 
PG4 O1    C1     sing N N 299 
PG4 O1    HO1    sing N N 300 
PG4 C1    C2     sing N N 301 
PG4 C1    H11    sing N N 302 
PG4 C1    H12    sing N N 303 
PG4 C2    O2     sing N N 304 
PG4 C2    H21    sing N N 305 
PG4 C2    H22    sing N N 306 
PG4 O2    C3     sing N N 307 
PG4 C3    C4     sing N N 308 
PG4 C3    H31    sing N N 309 
PG4 C3    H32    sing N N 310 
PG4 C4    O3     sing N N 311 
PG4 C4    H41    sing N N 312 
PG4 C4    H42    sing N N 313 
PG4 O3    C5     sing N N 314 
PG4 C5    C6     sing N N 315 
PG4 C5    H51    sing N N 316 
PG4 C5    H52    sing N N 317 
PG4 C6    O4     sing N N 318 
PG4 C6    H61    sing N N 319 
PG4 C6    H62    sing N N 320 
PG4 O4    C7     sing N N 321 
PG4 C7    C8     sing N N 322 
PG4 C7    H71    sing N N 323 
PG4 C7    H72    sing N N 324 
PG4 C8    O5     sing N N 325 
PG4 C8    H81    sing N N 326 
PG4 C8    H82    sing N N 327 
PG4 O5    HO5    sing N N 328 
PHE N     CA     sing N N 329 
PHE N     H      sing N N 330 
PHE N     H2     sing N N 331 
PHE CA    C      sing N N 332 
PHE CA    CB     sing N N 333 
PHE CA    HA     sing N N 334 
PHE C     O      doub N N 335 
PHE C     OXT    sing N N 336 
PHE CB    CG     sing N N 337 
PHE CB    HB2    sing N N 338 
PHE CB    HB3    sing N N 339 
PHE CG    CD1    doub Y N 340 
PHE CG    CD2    sing Y N 341 
PHE CD1   CE1    sing Y N 342 
PHE CD1   HD1    sing N N 343 
PHE CD2   CE2    doub Y N 344 
PHE CD2   HD2    sing N N 345 
PHE CE1   CZ     doub Y N 346 
PHE CE1   HE1    sing N N 347 
PHE CE2   CZ     sing Y N 348 
PHE CE2   HE2    sing N N 349 
PHE CZ    HZ     sing N N 350 
PHE OXT   HXT    sing N N 351 
PRO N     CA     sing N N 352 
PRO N     CD     sing N N 353 
PRO N     H      sing N N 354 
PRO CA    C      sing N N 355 
PRO CA    CB     sing N N 356 
PRO CA    HA     sing N N 357 
PRO C     O      doub N N 358 
PRO C     OXT    sing N N 359 
PRO CB    CG     sing N N 360 
PRO CB    HB2    sing N N 361 
PRO CB    HB3    sing N N 362 
PRO CG    CD     sing N N 363 
PRO CG    HG2    sing N N 364 
PRO CG    HG3    sing N N 365 
PRO CD    HD2    sing N N 366 
PRO CD    HD3    sing N N 367 
PRO OXT   HXT    sing N N 368 
QY1 C18   C20    sing N N 369 
QY1 C18   C17    sing N N 370 
QY1 C8    C5     doub Y N 371 
QY1 C8    C14    sing Y N 372 
QY1 C20   C21    sing N N 373 
QY1 C5    C12    sing Y N 374 
QY1 O27   C14    sing N N 375 
QY1 O27   C22    sing N N 376 
QY1 C10   C4     doub Y N 377 
QY1 C10   C15    sing Y N 378 
QY1 C4    C11    sing Y N 379 
QY1 C14   C9     doub Y N 380 
QY1 C17   C19    sing N N 381 
QY1 C12   C23    sing N N 382 
QY1 C12   C6     doub Y N 383 
QY1 C21   C23    sing N N 384 
QY1 C21   C19    sing N N 385 
QY1 C22   C15    sing N N 386 
QY1 C15   N24    doub Y N 387 
QY1 C23   C16    sing N N 388 
QY1 C11   C3     doub Y N 389 
QY1 C11   C13    sing Y N 390 
QY1 C9    C6     sing Y N 391 
QY1 C3    C1     sing Y N 392 
QY1 N24   C13    sing Y N 393 
QY1 C13   C7     doub Y N 394 
QY1 C16   O25    doub N N 395 
QY1 C16   O26    sing N N 396 
QY1 C1    C2     doub Y N 397 
QY1 C7    C2     sing Y N 398 
QY1 C7    H1     sing N N 399 
QY1 C6    H2     sing N N 400 
QY1 C1    H3     sing N N 401 
QY1 C5    H4     sing N N 402 
QY1 C4    H5     sing N N 403 
QY1 C3    H6     sing N N 404 
QY1 C2    H7     sing N N 405 
QY1 C8    H8     sing N N 406 
QY1 C9    H9     sing N N 407 
QY1 C10   H10    sing N N 408 
QY1 C17   H11    sing N N 409 
QY1 C17   H12    sing N N 410 
QY1 C18   H13    sing N N 411 
QY1 C18   H14    sing N N 412 
QY1 C19   H15    sing N N 413 
QY1 C19   H16    sing N N 414 
QY1 C20   H17    sing N N 415 
QY1 C20   H18    sing N N 416 
QY1 C21   H19    sing N N 417 
QY1 C22   H20    sing N N 418 
QY1 C22   H21    sing N N 419 
QY1 C23   H22    sing N N 420 
QY1 O26   H23    sing N N 421 
SER N     CA     sing N N 422 
SER N     H      sing N N 423 
SER N     H2     sing N N 424 
SER CA    C      sing N N 425 
SER CA    CB     sing N N 426 
SER CA    HA     sing N N 427 
SER C     O      doub N N 428 
SER C     OXT    sing N N 429 
SER CB    OG     sing N N 430 
SER CB    HB2    sing N N 431 
SER CB    HB3    sing N N 432 
SER OG    HG     sing N N 433 
SER OXT   HXT    sing N N 434 
THR N     CA     sing N N 435 
THR N     H      sing N N 436 
THR N     H2     sing N N 437 
THR CA    C      sing N N 438 
THR CA    CB     sing N N 439 
THR CA    HA     sing N N 440 
THR C     O      doub N N 441 
THR C     OXT    sing N N 442 
THR CB    OG1    sing N N 443 
THR CB    CG2    sing N N 444 
THR CB    HB     sing N N 445 
THR OG1   HG1    sing N N 446 
THR CG2   HG21   sing N N 447 
THR CG2   HG22   sing N N 448 
THR CG2   HG23   sing N N 449 
THR OXT   HXT    sing N N 450 
TRP N     CA     sing N N 451 
TRP N     H      sing N N 452 
TRP N     H2     sing N N 453 
TRP CA    C      sing N N 454 
TRP CA    CB     sing N N 455 
TRP CA    HA     sing N N 456 
TRP C     O      doub N N 457 
TRP C     OXT    sing N N 458 
TRP CB    CG     sing N N 459 
TRP CB    HB2    sing N N 460 
TRP CB    HB3    sing N N 461 
TRP CG    CD1    doub Y N 462 
TRP CG    CD2    sing Y N 463 
TRP CD1   NE1    sing Y N 464 
TRP CD1   HD1    sing N N 465 
TRP CD2   CE2    doub Y N 466 
TRP CD2   CE3    sing Y N 467 
TRP NE1   CE2    sing Y N 468 
TRP NE1   HE1    sing N N 469 
TRP CE2   CZ2    sing Y N 470 
TRP CE3   CZ3    doub Y N 471 
TRP CE3   HE3    sing N N 472 
TRP CZ2   CH2    doub Y N 473 
TRP CZ2   HZ2    sing N N 474 
TRP CZ3   CH2    sing Y N 475 
TRP CZ3   HZ3    sing N N 476 
TRP CH2   HH2    sing N N 477 
TRP OXT   HXT    sing N N 478 
TYR N     CA     sing N N 479 
TYR N     H      sing N N 480 
TYR N     H2     sing N N 481 
TYR CA    C      sing N N 482 
TYR CA    CB     sing N N 483 
TYR CA    HA     sing N N 484 
TYR C     O      doub N N 485 
TYR C     OXT    sing N N 486 
TYR CB    CG     sing N N 487 
TYR CB    HB2    sing N N 488 
TYR CB    HB3    sing N N 489 
TYR CG    CD1    doub Y N 490 
TYR CG    CD2    sing Y N 491 
TYR CD1   CE1    sing Y N 492 
TYR CD1   HD1    sing N N 493 
TYR CD2   CE2    doub Y N 494 
TYR CD2   HD2    sing N N 495 
TYR CE1   CZ     doub Y N 496 
TYR CE1   HE1    sing N N 497 
TYR CE2   CZ     sing Y N 498 
TYR CE2   HE2    sing N N 499 
TYR CZ    OH     sing N N 500 
TYR OH    HH     sing N N 501 
TYR OXT   HXT    sing N N 502 
VAL N     CA     sing N N 503 
VAL N     H      sing N N 504 
VAL N     H2     sing N N 505 
VAL CA    C      sing N N 506 
VAL CA    CB     sing N N 507 
VAL CA    HA     sing N N 508 
VAL C     O      doub N N 509 
VAL C     OXT    sing N N 510 
VAL CB    CG1    sing N N 511 
VAL CB    CG2    sing N N 512 
VAL CB    HB     sing N N 513 
VAL CG1   HG11   sing N N 514 
VAL CG1   HG12   sing N N 515 
VAL CG1   HG13   sing N N 516 
VAL CG2   HG21   sing N N 517 
VAL CG2   HG22   sing N N 518 
VAL CG2   HG23   sing N N 519 
VAL OXT   HXT    sing N N 520 
# 
_pdbx_initial_refinement_model.accession_code   2Q7M 
_pdbx_initial_refinement_model.details          ? 
_pdbx_initial_refinement_model.entity_id_list   ? 
_pdbx_initial_refinement_model.id               1 
_pdbx_initial_refinement_model.source_name      PDB 
_pdbx_initial_refinement_model.type             'experimental model' 
# 
loop_
_pdbx_reflns_twin.domain_id 
_pdbx_reflns_twin.crystal_id 
_pdbx_reflns_twin.diffrn_id 
_pdbx_reflns_twin.fraction 
_pdbx_reflns_twin.operator 
_pdbx_reflns_twin.type 
_pdbx_reflns_twin.mean_F_square_over_mean_F2 
_pdbx_reflns_twin.mean_I2_over_mean_I_square 
1 1 1 0.439 'H,  K,  L' ? ? ? 
2 1 1 0.561 'K,  H, -L' ? ? ? 
# 
_atom_sites.entry_id                    6VL4 
_atom_sites.Cartn_transf_matrix[1][1]   ? 
_atom_sites.Cartn_transf_matrix[1][2]   ? 
_atom_sites.Cartn_transf_matrix[1][3]   ? 
_atom_sites.Cartn_transf_matrix[2][1]   ? 
_atom_sites.Cartn_transf_matrix[2][2]   ? 
_atom_sites.Cartn_transf_matrix[2][3]   ? 
_atom_sites.Cartn_transf_matrix[3][1]   ? 
_atom_sites.Cartn_transf_matrix[3][2]   ? 
_atom_sites.Cartn_transf_matrix[3][3]   ? 
_atom_sites.Cartn_transf_vector[1]      ? 
_atom_sites.Cartn_transf_vector[2]      ? 
_atom_sites.Cartn_transf_vector[3]      ? 
_atom_sites.fract_transf_matrix[1][1]   0.00890230 
_atom_sites.fract_transf_matrix[1][2]   0.00804519 
_atom_sites.fract_transf_matrix[1][3]   0.00918397 
_atom_sites.fract_transf_matrix[2][1]   0.01375995 
_atom_sites.fract_transf_matrix[2][2]   0.00422009 
_atom_sites.fract_transf_matrix[2][3]   -0.00460401 
_atom_sites.fract_transf_matrix[3][1]   -0.00309679 
_atom_sites.fract_transf_matrix[3][2]   0.00683757 
_atom_sites.fract_transf_matrix[3][3]   -0.00298793 
_atom_sites.fract_transf_vector[1]      0.141247 
_atom_sites.fract_transf_vector[2]      0.024044 
_atom_sites.fract_transf_vector[3]      0.173079 
_atom_sites.solution_primary            ? 
_atom_sites.solution_secondary          ? 
_atom_sites.solution_hydrogens          ? 
_atom_sites.special_details             ? 
# 
loop_
_atom_type.symbol 
C 
N 
O 
S 
# 
loop_
_atom_site.group_PDB 
_atom_site.id 
_atom_site.type_symbol 
_atom_site.label_atom_id 
_atom_site.label_alt_id 
_atom_site.label_comp_id 
_atom_site.label_asym_id 
_atom_site.label_entity_id 
_atom_site.label_seq_id 
_atom_site.pdbx_PDB_ins_code 
_atom_site.Cartn_x 
_atom_site.Cartn_y 
_atom_site.Cartn_z 
_atom_site.occupancy 
_atom_site.B_iso_or_equiv 
_atom_site.pdbx_formal_charge 
_atom_site.auth_seq_id 
_atom_site.auth_comp_id 
_atom_site.auth_asym_id 
_atom_site.auth_atom_id 
_atom_site.pdbx_PDB_model_num 
ATOM   1    N N     . SER A 1 12  ? 10.104  -21.027 7.995   1.00 36.84 ? 10  SER A N     1 
ATOM   2    C CA    . SER A 1 12  ? 11.031  -19.874 7.804   1.00 32.89 ? 10  SER A CA    1 
ATOM   3    C C     . SER A 1 12  ? 10.978  -18.954 9.024   1.00 30.07 ? 10  SER A C     1 
ATOM   4    O O     . SER A 1 12  ? 9.889   -18.601 9.476   1.00 30.55 ? 10  SER A O     1 
ATOM   5    C CB    . SER A 1 12  ? 10.706  -19.130 6.535   1.00 35.31 ? 10  SER A CB    1 
ATOM   6    N N     . PRO A 1 13  ? 12.140  -18.542 9.594   1.00 28.96 ? 11  PRO A N     1 
ATOM   7    C CA    . PRO A 1 13  ? 12.167  -17.683 10.783  1.00 27.25 ? 11  PRO A CA    1 
ATOM   8    C C     . PRO A 1 13  ? 11.638  -16.264 10.570  1.00 24.93 ? 11  PRO A C     1 
ATOM   9    O O     . PRO A 1 13  ? 11.204  -15.620 11.524  1.00 25.63 ? 11  PRO A O     1 
ATOM   10   C CB    . PRO A 1 13  ? 13.656  -17.619 11.165  1.00 28.08 ? 11  PRO A CB    1 
ATOM   11   C CG    . PRO A 1 13  ? 14.289  -18.784 10.435  1.00 30.82 ? 11  PRO A CG    1 
ATOM   12   C CD    . PRO A 1 13  ? 13.495  -18.909 9.151   1.00 31.22 ? 11  PRO A CD    1 
ATOM   13   N N     . ALA A 1 14  ? 11.676  -15.795 9.314   1.00 22.10 ? 12  ALA A N     1 
ATOM   14   C CA    . ALA A 1 14  ? 11.279  -14.440 8.960   1.00 22.33 ? 12  ALA A CA    1 
ATOM   15   C C     . ALA A 1 14  ? 9.795   -14.375 8.601   1.00 19.04 ? 12  ALA A C     1 
ATOM   16   O O     . ALA A 1 14  ? 9.218   -13.289 8.566   1.00 18.01 ? 12  ALA A O     1 
ATOM   17   C CB    . ALA A 1 14  ? 12.137  -13.941 7.823   1.00 24.40 ? 12  ALA A CB    1 
ATOM   18   N N     . LEU A 1 15  ? 9.191   -15.542 8.348   1.00 16.06 ? 13  LEU A N     1 
ATOM   19   C CA    . LEU A 1 15  ? 7.854   -15.642 7.777   1.00 16.52 ? 13  LEU A CA    1 
ATOM   20   C C     . LEU A 1 15  ? 6.780   -15.068 8.707   1.00 18.11 ? 13  LEU A C     1 
ATOM   21   O O     . LEU A 1 15  ? 5.920   -14.337 8.221   1.00 16.60 ? 13  LEU A O     1 
ATOM   22   C CB    . LEU A 1 15  ? 7.564   -17.088 7.353   1.00 16.34 ? 13  LEU A CB    1 
ATOM   23   C CG    . LEU A 1 15  ? 6.247   -17.329 6.613   1.00 18.53 ? 13  LEU A CG    1 
ATOM   24   C CD1   . LEU A 1 15  ? 6.232   -16.627 5.260   1.00 17.86 ? 13  LEU A CD1   1 
ATOM   25   C CD2   . LEU A 1 15  ? 5.994   -18.818 6.430   1.00 20.79 ? 13  LEU A CD2   1 
ATOM   26   N N     . PRO A 1 16  ? 6.742   -15.373 10.033  1.00 15.23 ? 14  PRO A N     1 
ATOM   27   C CA    . PRO A 1 16  ? 5.747   -14.768 10.925  1.00 16.40 ? 14  PRO A CA    1 
ATOM   28   C C     . PRO A 1 16  ? 5.697   -13.241 10.870  1.00 14.75 ? 14  PRO A C     1 
ATOM   29   O O     . PRO A 1 16  ? 4.610   -12.666 10.807  1.00 14.30 ? 14  PRO A O     1 
ATOM   30   C CB    . PRO A 1 16  ? 6.169   -15.248 12.323  1.00 17.23 ? 14  PRO A CB    1 
ATOM   31   C CG    . PRO A 1 16  ? 6.867   -16.560 12.056  1.00 18.08 ? 14  PRO A CG    1 
ATOM   32   C CD    . PRO A 1 16  ? 7.595   -16.342 10.746  1.00 16.93 ? 14  PRO A CD    1 
ATOM   33   N N     . ALA A 1 17  ? 6.875   -12.600 10.885  1.00 14.69 ? 15  ALA A N     1 
ATOM   34   C CA    . ALA A 1 17  ? 6.981   -11.149 10.817  1.00 13.26 ? 15  ALA A CA    1 
ATOM   35   C C     . ALA A 1 17  ? 6.446   -10.640 9.480   1.00 14.38 ? 15  ALA A C     1 
ATOM   36   O O     . ALA A 1 17  ? 5.735   -9.636  9.448   1.00 15.28 ? 15  ALA A O     1 
ATOM   37   C CB    . ALA A 1 17  ? 8.404   -10.706 11.046  1.00 15.29 ? 15  ALA A CB    1 
ATOM   38   N N     . PHE A 1 18  ? 6.778   -11.347 8.391   1.00 14.53 ? 16  PHE A N     1 
ATOM   39   C CA    . PHE A 1 18  ? 6.290   -10.974 7.073   1.00 13.46 ? 16  PHE A CA    1 
ATOM   40   C C     . PHE A 1 18  ? 4.765   -11.036 7.034   1.00 12.60 ? 16  PHE A C     1 
ATOM   41   O O     . PHE A 1 18  ? 4.127   -10.109 6.540   1.00 12.76 ? 16  PHE A O     1 
ATOM   42   C CB    . PHE A 1 18  ? 6.889   -11.828 5.951   1.00 14.26 ? 16  PHE A CB    1 
ATOM   43   C CG    . PHE A 1 18  ? 6.126   -11.694 4.657   1.00 12.58 ? 16  PHE A CG    1 
ATOM   44   C CD1   . PHE A 1 18  ? 6.237   -10.545 3.882   1.00 12.10 ? 16  PHE A CD1   1 
ATOM   45   C CD2   . PHE A 1 18  ? 5.245   -12.685 4.247   1.00 12.25 ? 16  PHE A CD2   1 
ATOM   46   C CE1   . PHE A 1 18  ? 5.507   -10.409 2.709   1.00 13.16 ? 16  PHE A CE1   1 
ATOM   47   C CE2   . PHE A 1 18  ? 4.505   -12.544 3.080   1.00 12.14 ? 16  PHE A CE2   1 
ATOM   48   C CZ    . PHE A 1 18  ? 4.645   -11.408 2.309   1.00 12.74 ? 16  PHE A CZ    1 
ATOM   49   N N     . LEU A 1 19  ? 4.192   -12.134 7.544   1.00 12.37 ? 17  LEU A N     1 
ATOM   50   C CA    . LEU A 1 19  ? 2.755   -12.355 7.475   1.00 13.17 ? 17  LEU A CA    1 
ATOM   51   C C     . LEU A 1 19  ? 2.007   -11.343 8.338   1.00 14.12 ? 17  LEU A C     1 
ATOM   52   O O     . LEU A 1 19  ? 0.907   -10.929 7.974   1.00 14.83 ? 17  LEU A O     1 
ATOM   53   C CB    . LEU A 1 19  ? 2.414   -13.797 7.868   1.00 13.48 ? 17  LEU A CB    1 
ATOM   54   C CG    . LEU A 1 19  ? 2.835   -14.890 6.883   1.00 13.35 ? 17  LEU A CG    1 
ATOM   55   C CD1   . LEU A 1 19  ? 2.568   -16.266 7.473   1.00 16.00 ? 17  LEU A CD1   1 
ATOM   56   C CD2   . LEU A 1 19  ? 2.132   -14.744 5.539   1.00 16.02 ? 17  LEU A CD2   1 
ATOM   57   N N     . LEU A 1 20  ? 2.615   -10.941 9.463   1.00 15.29 ? 18  LEU A N     1 
ATOM   58   C CA    . LEU A 1 20  ? 2.035   -9.943  10.350  1.00 15.30 ? 18  LEU A CA    1 
ATOM   59   C C     . LEU A 1 20  ? 1.950   -8.603  9.622   1.00 13.93 ? 18  LEU A C     1 
ATOM   60   O O     . LEU A 1 20  ? 0.877   -8.005  9.552   1.00 15.59 ? 18  LEU A O     1 
ATOM   61   C CB    . LEU A 1 20  ? 2.871   -9.845  11.634  1.00 17.02 ? 18  LEU A CB    1 
ATOM   62   C CG    . LEU A 1 20  ? 2.322   -8.915  12.717  1.00 19.69 ? 18  LEU A CG    1 
ATOM   63   C CD1   . LEU A 1 20  ? 1.343   -9.648  13.624  1.00 27.78 ? 18  LEU A CD1   1 
ATOM   64   C CD2   . LEU A 1 20  ? 3.454   -8.319  13.541  1.00 26.83 ? 18  LEU A CD2   1 
ATOM   65   N N     . CYS A 1 21  ? 3.081   -8.164  9.052   1.00 14.67 ? 19  CYS A N     1 
ATOM   66   C CA    . CYS A 1 21  ? 3.169   -6.861  8.409   1.00 13.75 ? 19  CYS A CA    1 
ATOM   67   C C     . CYS A 1 21  ? 2.281   -6.806  7.169   1.00 14.65 ? 19  CYS A C     1 
ATOM   68   O O     . CYS A 1 21  ? 1.578   -5.819  6.966   1.00 13.45 ? 19  CYS A O     1 
ATOM   69   C CB    . CYS A 1 21  ? 4.606   -6.521  8.035   1.00 15.45 ? 19  CYS A CB    1 
ATOM   70   S SG    . CYS A 1 21  ? 5.661   -6.230  9.480   1.00 18.42 ? 19  CYS A SG    1 
ATOM   71   N N     . SER A 1 22  ? 2.288   -7.888  6.377   1.00 12.94 ? 20  SER A N     1 
ATOM   72   C CA    . SER A 1 22  ? 1.526   -7.951  5.140   1.00 13.04 ? 20  SER A CA    1 
ATOM   73   C C     . SER A 1 22  ? 0.027   -7.871  5.415   1.00 13.36 ? 20  SER A C     1 
ATOM   74   O O     . SER A 1 22  ? -0.687  -7.157  4.714   1.00 13.28 ? 20  SER A O     1 
ATOM   75   C CB    A SER A 1 22  ? 1.901   -9.162  4.320   0.65 17.64 ? 20  SER A CB    1 
ATOM   76   C CB    B SER A 1 22  ? 1.845   -9.209  4.386   0.35 14.23 ? 20  SER A CB    1 
ATOM   77   O OG    A SER A 1 22  ? 1.734   -10.355 5.067   0.65 19.23 ? 20  SER A OG    1 
ATOM   78   O OG    B SER A 1 22  ? 3.192   -9.199  3.965   0.35 11.63 ? 20  SER A OG    1 
ATOM   79   N N     . THR A 1 23  ? -0.439  -8.609  6.430   1.00 12.34 ? 21  THR A N     1 
ATOM   80   C CA    . THR A 1 23  ? -1.859  -8.676  6.733   1.00 13.42 ? 21  THR A CA    1 
ATOM   81   C C     . THR A 1 23  ? -2.334  -7.326  7.265   1.00 14.23 ? 21  THR A C     1 
ATOM   82   O O     . THR A 1 23  ? -3.435  -6.886  6.930   1.00 13.64 ? 21  THR A O     1 
ATOM   83   C CB    . THR A 1 23  ? -2.188  -9.872  7.632   1.00 14.87 ? 21  THR A CB    1 
ATOM   84   O OG1   . THR A 1 23  ? -1.667  -11.035 6.989   1.00 17.94 ? 21  THR A OG1   1 
ATOM   85   C CG2   . THR A 1 23  ? -3.674  -10.048 7.853   1.00 17.26 ? 21  THR A CG2   1 
ATOM   86   N N     . LEU A 1 24  ? -1.491  -6.668  8.073   1.00 12.95 ? 22  LEU A N     1 
ATOM   87   C CA    . LEU A 1 24  ? -1.802  -5.340  8.586   1.00 13.66 ? 22  LEU A CA    1 
ATOM   88   C C     . LEU A 1 24  ? -1.942  -4.350  7.432   1.00 13.48 ? 22  LEU A C     1 
ATOM   89   O O     . LEU A 1 24  ? -2.810  -3.482  7.472   1.00 13.73 ? 22  LEU A O     1 
ATOM   90   C CB    . LEU A 1 24  ? -0.735  -4.884  9.589   1.00 15.36 ? 22  LEU A CB    1 
ATOM   91   C CG    . LEU A 1 24  ? -0.752  -5.564  10.961  1.00 15.28 ? 22  LEU A CG    1 
ATOM   92   C CD1   . LEU A 1 24  ? 0.500   -5.215  11.752  1.00 16.39 ? 22  LEU A CD1   1 
ATOM   93   C CD2   . LEU A 1 24  ? -2.002  -5.205  11.751  1.00 16.42 ? 22  LEU A CD2   1 
ATOM   94   N N     . LEU A 1 25  ? -1.105  -4.506  6.398   1.00 12.24 ? 23  LEU A N     1 
ATOM   95   C CA    . LEU A 1 25  ? -1.125  -3.623  5.240   1.00 12.25 ? 23  LEU A CA    1 
ATOM   96   C C     . LEU A 1 25  ? -2.359  -3.875  4.375   1.00 12.83 ? 23  LEU A C     1 
ATOM   97   O O     . LEU A 1 25  ? -2.906  -2.930  3.808   1.00 12.97 ? 23  LEU A O     1 
ATOM   98   C CB    . LEU A 1 25  ? 0.173   -3.786  4.444   1.00 15.49 ? 23  LEU A CB    1 
ATOM   99   C CG    . LEU A 1 25  ? 1.402   -3.152  5.092   1.00 15.04 ? 23  LEU A CG    1 
ATOM   100  C CD1   . LEU A 1 25  ? 2.678   -3.759  4.537   1.00 19.09 ? 23  LEU A CD1   1 
ATOM   101  C CD2   . LEU A 1 25  ? 1.401   -1.639  4.933   1.00 19.40 ? 23  LEU A CD2   1 
ATOM   102  N N     . VAL A 1 26  ? -2.795  -5.138  4.283   1.00 11.39 ? 24  VAL A N     1 
ATOM   103  C CA    . VAL A 1 26  ? -4.029  -5.470  3.584   1.00 11.72 ? 24  VAL A CA    1 
ATOM   104  C C     . VAL A 1 26  ? -5.207  -4.818  4.312   1.00 12.03 ? 24  VAL A C     1 
ATOM   105  O O     . VAL A 1 26  ? -6.058  -4.200  3.675   1.00 11.94 ? 24  VAL A O     1 
ATOM   106  C CB    . VAL A 1 26  ? -4.211  -6.989  3.376   1.00 13.10 ? 24  VAL A CB    1 
ATOM   107  C CG1   . VAL A 1 26  ? -5.609  -7.342  2.876   1.00 15.19 ? 24  VAL A CG1   1 
ATOM   108  C CG2   . VAL A 1 26  ? -3.166  -7.555  2.426   1.00 14.91 ? 24  VAL A CG2   1 
ATOM   109  N N     . ILE A 1 27  ? -5.232  -4.936  5.647   1.00 12.61 ? 25  ILE A N     1 
ATOM   110  C CA    . ILE A 1 27  ? -6.266  -4.315  6.466   1.00 11.57 ? 25  ILE A CA    1 
ATOM   111  C C     . ILE A 1 27  ? -6.241  -2.794  6.290   1.00 12.50 ? 25  ILE A C     1 
ATOM   112  O O     . ILE A 1 27  ? -7.297  -2.171  6.190   1.00 12.89 ? 25  ILE A O     1 
ATOM   113  C CB    . ILE A 1 27  ? -6.159  -4.770  7.941   1.00 12.97 ? 25  ILE A CB    1 
ATOM   114  C CG1   . ILE A 1 27  ? -6.505  -6.257  8.075   1.00 14.68 ? 25  ILE A CG1   1 
ATOM   115  C CG2   . ILE A 1 27  ? -7.036  -3.917  8.853   1.00 15.10 ? 25  ILE A CG2   1 
ATOM   116  C CD1   . ILE A 1 27  ? -6.022  -6.905  9.354   1.00 17.58 ? 25  ILE A CD1   1 
ATOM   117  N N     . LYS A 1 28  ? -5.037  -2.210  6.211   1.00 12.33 ? 26  LYS A N     1 
ATOM   118  C CA    . LYS A 1 28  ? -4.853  -0.781  6.002   1.00 12.46 ? 26  LYS A CA    1 
ATOM   119  C C     . LYS A 1 28  ? -5.468  -0.347  4.668   1.00 15.29 ? 26  LYS A C     1 
ATOM   120  O O     . LYS A 1 28  ? -6.022  0.749   4.572   1.00 15.62 ? 26  LYS A O     1 
ATOM   121  C CB    . LYS A 1 28  ? -3.371  -0.409  6.099   1.00 11.50 ? 26  LYS A CB    1 
ATOM   122  C CG    . LYS A 1 28  ? -3.063  1.084   6.054   1.00 14.17 ? 26  LYS A CG    1 
ATOM   123  C CD    . LYS A 1 28  ? -1.925  1.444   5.114   1.00 15.46 ? 26  LYS A CD    1 
ATOM   124  C CE    . LYS A 1 28  ? -2.260  1.253   3.648   1.00 16.16 ? 26  LYS A CE    1 
ATOM   125  N NZ    . LYS A 1 28  ? -3.309  2.194   3.186   1.00 15.20 ? 26  LYS A NZ    1 
ATOM   126  N N     . MET A 1 29  ? -5.372  -1.209  3.647   1.00 11.77 ? 27  MET A N     1 
ATOM   127  C CA    . MET A 1 29  ? -5.960  -0.925  2.346   1.00 12.34 ? 27  MET A CA    1 
ATOM   128  C C     . MET A 1 29  ? -7.486  -0.985  2.423   1.00 12.37 ? 27  MET A C     1 
ATOM   129  O O     . MET A 1 29  ? -8.168  -0.165  1.808   1.00 12.69 ? 27  MET A O     1 
ATOM   130  C CB    . MET A 1 29  ? -5.439  -1.878  1.266   1.00 12.97 ? 27  MET A CB    1 
ATOM   131  C CG    . MET A 1 29  ? -4.010  -1.573  0.857   1.00 14.05 ? 27  MET A CG    1 
ATOM   132  S SD    . MET A 1 29  ? -3.396  -2.560  -0.531  1.00 16.06 ? 27  MET A SD    1 
ATOM   133  C CE    . MET A 1 29  ? -4.547  -2.080  -1.816  1.00 19.68 ? 27  MET A CE    1 
ATOM   134  N N     . TYR A 1 30  ? -8.007  -1.943  3.202   1.00 12.59 ? 28  TYR A N     1 
ATOM   135  C CA    . TYR A 1 30  ? -9.438  -2.061  3.439   1.00 13.81 ? 28  TYR A CA    1 
ATOM   136  C C     . TYR A 1 30  ? -9.978  -0.804  4.121   1.00 13.21 ? 28  TYR A C     1 
ATOM   137  O O     . TYR A 1 30  ? -11.087 -0.373  3.813   1.00 14.49 ? 28  TYR A O     1 
ATOM   138  C CB    . TYR A 1 30  ? -9.767  -3.315  4.255   1.00 13.68 ? 28  TYR A CB    1 
ATOM   139  C CG    . TYR A 1 30  ? -9.567  -4.635  3.551   1.00 13.94 ? 28  TYR A CG    1 
ATOM   140  C CD1   . TYR A 1 30  ? -9.538  -4.730  2.165   1.00 14.49 ? 28  TYR A CD1   1 
ATOM   141  C CD2   . TYR A 1 30  ? -9.444  -5.808  4.282   1.00 14.40 ? 28  TYR A CD2   1 
ATOM   142  C CE1   . TYR A 1 30  ? -9.361  -5.948  1.526   1.00 14.93 ? 28  TYR A CE1   1 
ATOM   143  C CE2   . TYR A 1 30  ? -9.280  -7.036  3.658   1.00 14.29 ? 28  TYR A CE2   1 
ATOM   144  C CZ    . TYR A 1 30  ? -9.236  -7.108  2.274   1.00 13.91 ? 28  TYR A CZ    1 
ATOM   145  O OH    . TYR A 1 30  ? -9.075  -8.309  1.648   1.00 13.78 ? 28  TYR A OH    1 
ATOM   146  N N     . VAL A 1 31  ? -9.187  -0.223  5.035   1.00 13.26 ? 29  VAL A N     1 
ATOM   147  C CA    . VAL A 1 31  ? -9.553  1.011   5.717   1.00 14.94 ? 29  VAL A CA    1 
ATOM   148  C C     . VAL A 1 31  ? -9.725  2.125   4.683   1.00 14.63 ? 29  VAL A C     1 
ATOM   149  O O     . VAL A 1 31  ? -10.701 2.873   4.739   1.00 14.80 ? 29  VAL A O     1 
ATOM   150  C CB    . VAL A 1 31  ? -8.554  1.367   6.840   1.00 16.11 ? 29  VAL A CB    1 
ATOM   151  C CG1   . VAL A 1 31  ? -8.729  2.786   7.361   1.00 16.77 ? 29  VAL A CG1   1 
ATOM   152  C CG2   . VAL A 1 31  ? -8.625  0.377   7.995   1.00 17.83 ? 29  VAL A CG2   1 
ATOM   153  N N     . VAL A 1 32  ? -8.805  2.197   3.711   1.00 13.22 ? 30  VAL A N     1 
ATOM   154  C CA    . VAL A 1 32  ? -8.868  3.201   2.657   1.00 12.92 ? 30  VAL A CA    1 
ATOM   155  C C     . VAL A 1 32  ? -10.128 2.994   1.814   1.00 13.19 ? 30  VAL A C     1 
ATOM   156  O O     . VAL A 1 32  ? -10.788 3.969   1.455   1.00 13.23 ? 30  VAL A O     1 
ATOM   157  C CB    . VAL A 1 32  ? -7.581  3.251   1.807   1.00 14.28 ? 30  VAL A CB    1 
ATOM   158  C CG1   . VAL A 1 32  ? -7.727  4.139   0.577   1.00 14.42 ? 30  VAL A CG1   1 
ATOM   159  C CG2   . VAL A 1 32  ? -6.381  3.693   2.628   1.00 14.38 ? 30  VAL A CG2   1 
ATOM   160  N N     . ALA A 1 33  ? -10.462 1.729   1.521   1.00 12.01 ? 31  ALA A N     1 
ATOM   161  C CA    . ALA A 1 33  ? -11.643 1.388   0.738   1.00 12.15 ? 31  ALA A CA    1 
ATOM   162  C C     . ALA A 1 33  ? -12.915 1.873   1.432   1.00 13.04 ? 31  ALA A C     1 
ATOM   163  O O     . ALA A 1 33  ? -13.815 2.390   0.773   1.00 15.37 ? 31  ALA A O     1 
ATOM   164  C CB    . ALA A 1 33  ? -11.687 -0.097  0.468   1.00 11.66 ? 31  ALA A CB    1 
ATOM   165  N N     . ILE A 1 34  ? -12.971 1.700   2.759   1.00 13.38 ? 32  ILE A N     1 
ATOM   166  C CA    . ILE A 1 34  ? -14.129 2.082   3.555   1.00 15.52 ? 32  ILE A CA    1 
ATOM   167  C C     . ILE A 1 34  ? -14.224 3.607   3.619   1.00 14.50 ? 32  ILE A C     1 
ATOM   168  O O     . ILE A 1 34  ? -15.308 4.158   3.419   1.00 15.43 ? 32  ILE A O     1 
ATOM   169  C CB    . ILE A 1 34  ? -14.109 1.397   4.942   1.00 16.16 ? 32  ILE A CB    1 
ATOM   170  C CG1   . ILE A 1 34  ? -14.267 -0.123  4.816   1.00 18.28 ? 32  ILE A CG1   1 
ATOM   171  C CG2   . ILE A 1 34  ? -15.171 1.985   5.865   1.00 19.35 ? 32  ILE A CG2   1 
ATOM   172  C CD1   . ILE A 1 34  ? -13.732 -0.912  5.994   1.00 20.52 ? 32  ILE A CD1   1 
ATOM   173  N N     . ILE A 1 35  ? -13.085 4.275   3.859   1.00 13.84 ? 33  ILE A N     1 
ATOM   174  C CA    . ILE A 1 35  ? -13.022 5.732   3.892   1.00 12.64 ? 33  ILE A CA    1 
ATOM   175  C C     . ILE A 1 35  ? -13.557 6.294   2.573   1.00 13.27 ? 33  ILE A C     1 
ATOM   176  O O     . ILE A 1 35  ? -14.363 7.224   2.592   1.00 14.69 ? 33  ILE A O     1 
ATOM   177  C CB    . ILE A 1 35  ? -11.608 6.246   4.250   1.00 14.52 ? 33  ILE A CB    1 
ATOM   178  C CG1   . ILE A 1 35  ? -11.258 5.947   5.712   1.00 16.27 ? 33  ILE A CG1   1 
ATOM   179  C CG2   . ILE A 1 35  ? -11.463 7.735   3.949   1.00 15.07 ? 33  ILE A CG2   1 
ATOM   180  C CD1   . ILE A 1 35  ? -9.793  6.118   6.060   1.00 16.96 ? 33  ILE A CD1   1 
ATOM   181  N N     . THR A 1 36  ? -13.138 5.705   1.443   1.00 12.50 ? 34  THR A N     1 
ATOM   182  C CA    . THR A 1 36  ? -13.568 6.138   0.120   1.00 12.72 ? 34  THR A CA    1 
ATOM   183  C C     . THR A 1 36  ? -15.093 6.198   0.047   1.00 13.69 ? 34  THR A C     1 
ATOM   184  O O     . THR A 1 36  ? -15.645 7.203   -0.399  1.00 14.46 ? 34  THR A O     1 
ATOM   185  C CB    . THR A 1 36  ? -12.983 5.255   -0.993  1.00 12.21 ? 34  THR A CB    1 
ATOM   186  O OG1   . THR A 1 36  ? -11.557 5.254   -0.908  1.00 13.00 ? 34  THR A OG1   1 
ATOM   187  C CG2   . THR A 1 36  ? -13.391 5.708   -2.378  1.00 14.17 ? 34  THR A CG2   1 
ATOM   188  N N     . GLY A 1 37  ? -15.756 5.119   0.490   1.00 12.05 ? 35  GLY A N     1 
ATOM   189  C CA    . GLY A 1 37  ? -17.209 5.028   0.514   1.00 14.62 ? 35  GLY A CA    1 
ATOM   190  C C     . GLY A 1 37  ? -17.842 6.110   1.387   1.00 14.80 ? 35  GLY A C     1 
ATOM   191  O O     . GLY A 1 37  ? -18.828 6.730   0.988   1.00 15.43 ? 35  GLY A O     1 
ATOM   192  N N     . GLN A 1 38  ? -17.259 6.321   2.575   1.00 14.62 ? 36  GLN A N     1 
ATOM   193  C CA    . GLN A 1 38  ? -17.730 7.310   3.534   1.00 15.34 ? 36  GLN A CA    1 
ATOM   194  C C     . GLN A 1 38  ? -17.669 8.711   2.928   1.00 15.81 ? 36  GLN A C     1 
ATOM   195  O O     . GLN A 1 38  ? -18.600 9.495   3.105   1.00 16.21 ? 36  GLN A O     1 
ATOM   196  C CB    . GLN A 1 38  ? -16.936 7.233   4.841   1.00 17.85 ? 36  GLN A CB    1 
ATOM   197  C CG    . GLN A 1 38  ? -17.195 5.966   5.647   1.00 21.69 ? 36  GLN A CG    1 
ATOM   198  C CD    . GLN A 1 38  ? -16.292 5.819   6.849   1.00 25.29 ? 36  GLN A CD    1 
ATOM   199  O OE1   . GLN A 1 38  ? -15.143 6.258   6.855   1.00 27.10 ? 36  GLN A OE1   1 
ATOM   200  N NE2   . GLN A 1 38  ? -16.807 5.176   7.884   1.00 29.45 ? 36  GLN A NE2   1 
ATOM   201  N N     . VAL A 1 39  ? -16.577 9.008   2.210   1.00 15.48 ? 37  VAL A N     1 
ATOM   202  C CA    . VAL A 1 39  ? -16.364 10.314  1.599   1.00 14.86 ? 37  VAL A CA    1 
ATOM   203  C C     . VAL A 1 39  ? -17.370 10.527  0.465   1.00 16.14 ? 37  VAL A C     1 
ATOM   204  O O     . VAL A 1 39  ? -17.926 11.616  0.341   1.00 16.15 ? 37  VAL A O     1 
ATOM   205  C CB    . VAL A 1 39  ? -14.897 10.522  1.162   1.00 14.80 ? 37  VAL A CB    1 
ATOM   206  C CG1   . VAL A 1 39  ? -14.698 11.818  0.386   1.00 17.16 ? 37  VAL A CG1   1 
ATOM   207  C CG2   . VAL A 1 39  ? -13.949 10.498  2.356   1.00 15.74 ? 37  VAL A CG2   1 
ATOM   208  N N     . ARG A 1 40  ? -17.627 9.479   -0.330  1.00 14.50 ? 38  ARG A N     1 
ATOM   209  C CA    . ARG A 1 40  ? -18.592 9.534   -1.421  1.00 13.11 ? 38  ARG A CA    1 
ATOM   210  C C     . ARG A 1 40  ? -19.971 9.909   -0.884  1.00 16.71 ? 38  ARG A C     1 
ATOM   211  O O     . ARG A 1 40  ? -20.650 10.745  -1.474  1.00 16.91 ? 38  ARG A O     1 
ATOM   212  C CB    . ARG A 1 40  ? -18.672 8.200   -2.173  1.00 13.89 ? 38  ARG A CB    1 
ATOM   213  C CG    . ARG A 1 40  ? -17.515 7.944   -3.128  1.00 14.29 ? 38  ARG A CG    1 
ATOM   214  C CD    . ARG A 1 40  ? -17.876 6.878   -4.148  1.00 14.38 ? 38  ARG A CD    1 
ATOM   215  N NE    . ARG A 1 40  ? -16.801 6.631   -5.099  1.00 14.79 ? 38  ARG A NE    1 
ATOM   216  C CZ    . ARG A 1 40  ? -16.563 7.338   -6.202  1.00 14.91 ? 38  ARG A CZ    1 
ATOM   217  N NH1   . ARG A 1 40  ? -17.263 8.427   -6.473  1.00 15.04 ? 38  ARG A NH1   1 
ATOM   218  N NH2   . ARG A 1 40  ? -15.601 6.964   -7.027  1.00 14.93 ? 38  ARG A NH2   1 
ATOM   219  N N     . LEU A 1 41  ? -20.364 9.293   0.238   1.00 16.79 ? 39  LEU A N     1 
ATOM   220  C CA    . LEU A 1 41  ? -21.679 9.491   0.830   1.00 16.99 ? 39  LEU A CA    1 
ATOM   221  C C     . LEU A 1 41  ? -21.783 10.880  1.462   1.00 18.54 ? 39  LEU A C     1 
ATOM   222  O O     . LEU A 1 41  ? -22.817 11.534  1.333   1.00 20.96 ? 39  LEU A O     1 
ATOM   223  C CB    . LEU A 1 41  ? -21.947 8.380   1.852   1.00 17.93 ? 39  LEU A CB    1 
ATOM   224  C CG    . LEU A 1 41  ? -22.305 7.011   1.269   1.00 19.17 ? 39  LEU A CG    1 
ATOM   225  C CD1   . LEU A 1 41  ? -22.028 5.901   2.271   1.00 20.70 ? 39  LEU A CD1   1 
ATOM   226  C CD2   . LEU A 1 41  ? -23.757 6.965   0.816   1.00 18.76 ? 39  LEU A CD2   1 
ATOM   227  N N     . ARG A 1 42  ? -20.704 11.323  2.124   1.00 19.97 ? 40  ARG A N     1 
ATOM   228  C CA    . ARG A 1 42  ? -20.682 12.590  2.843   1.00 20.90 ? 40  ARG A CA    1 
ATOM   229  C C     . ARG A 1 42  ? -20.652 13.765  1.864   1.00 20.90 ? 40  ARG A C     1 
ATOM   230  O O     . ARG A 1 42  ? -21.337 14.764  2.084   1.00 21.23 ? 40  ARG A O     1 
ATOM   231  C CB    . ARG A 1 42  ? -19.510 12.627  3.831   1.00 24.98 ? 40  ARG A CB    1 
ATOM   232  C CG    . ARG A 1 42  ? -19.539 13.794  4.809   1.00 33.39 ? 40  ARG A CG    1 
ATOM   233  C CD    . ARG A 1 42  ? -18.413 13.771  5.828   1.00 40.21 ? 40  ARG A CD    1 
ATOM   234  N NE    . ARG A 1 42  ? -17.097 14.037  5.256   1.00 45.94 ? 40  ARG A NE    1 
ATOM   235  C CZ    . ARG A 1 42  ? -16.139 13.131  5.065   1.00 49.57 ? 40  ARG A CZ    1 
ATOM   236  N NH1   . ARG A 1 42  ? -16.291 11.888  5.492   1.00 51.41 ? 40  ARG A NH1   1 
ATOM   237  N NH2   . ARG A 1 42  ? -15.022 13.478  4.452   1.00 46.88 ? 40  ARG A NH2   1 
ATOM   238  N N     . LYS A 1 43  ? -19.862 13.632  0.789   1.00 18.39 ? 41  LYS A N     1 
ATOM   239  C CA    . LYS A 1 43  ? -19.668 14.694  -0.187  1.00 18.87 ? 41  LYS A CA    1 
ATOM   240  C C     . LYS A 1 43  ? -20.701 14.589  -1.310  1.00 17.58 ? 41  LYS A C     1 
ATOM   241  O O     . LYS A 1 43  ? -20.775 15.478  -2.159  1.00 19.88 ? 41  LYS A O     1 
ATOM   242  C CB    . LYS A 1 43  ? -18.243 14.675  -0.755  1.00 23.82 ? 41  LYS A CB    1 
ATOM   243  C CG    . LYS A 1 43  ? -17.106 14.890  0.241   1.00 24.83 ? 41  LYS A CG    1 
ATOM   244  C CD    . LYS A 1 43  ? -17.056 16.264  0.902   1.00 26.61 ? 41  LYS A CD    1 
ATOM   245  C CE    . LYS A 1 43  ? -16.666 17.400  -0.022  1.00 29.60 ? 41  LYS A CE    1 
ATOM   246  N NZ    . LYS A 1 43  ? -15.269 17.282  -0.503  1.00 29.58 ? 41  LYS A NZ    1 
ATOM   247  N N     . LYS A 1 44  ? -21.479 13.494  -1.306  1.00 18.72 ? 42  LYS A N     1 
ATOM   248  C CA    . LYS A 1 44  ? -22.494 13.188  -2.309  1.00 15.81 ? 42  LYS A CA    1 
ATOM   249  C C     . LYS A 1 44  ? -21.875 13.231  -3.707  1.00 16.31 ? 42  LYS A C     1 
ATOM   250  O O     . LYS A 1 44  ? -22.289 14.012  -4.561  1.00 17.48 ? 42  LYS A O     1 
ATOM   251  C CB    . LYS A 1 44  ? -23.737 14.074  -2.136  1.00 18.66 ? 42  LYS A CB    1 
ATOM   252  C CG    . LYS A 1 44  ? -24.413 13.982  -0.773  1.00 21.32 ? 42  LYS A CG    1 
ATOM   253  C CD    . LYS A 1 44  ? -25.725 14.739  -0.673  1.00 25.76 ? 42  LYS A CD    1 
ATOM   254  C CE    . LYS A 1 44  ? -26.925 13.960  -1.174  1.00 29.06 ? 42  LYS A CE    1 
ATOM   255  N NZ    . LYS A 1 44  ? -27.165 12.725  -0.387  1.00 25.79 ? 42  LYS A NZ    1 
ATOM   256  N N     . ALA A 1 45  ? -20.864 12.378  -3.921  1.00 14.63 ? 43  ALA A N     1 
ATOM   257  C CA    . ALA A 1 45  ? -20.147 12.309  -5.182  1.00 15.93 ? 43  ALA A CA    1 
ATOM   258  C C     . ALA A 1 45  ? -19.978 10.848  -5.589  1.00 14.16 ? 43  ALA A C     1 
ATOM   259  O O     . ALA A 1 45  ? -19.194 10.109  -4.991  1.00 15.94 ? 43  ALA A O     1 
ATOM   260  C CB    . ALA A 1 45  ? -18.823 13.023  -5.072  1.00 17.07 ? 43  ALA A CB    1 
ATOM   261  N N     . PHE A 1 46  ? -20.729 10.455  -6.619  1.00 14.06 ? 44  PHE A N     1 
ATOM   262  C CA    . PHE A 1 46  ? -20.812 9.071   -7.056  1.00 13.79 ? 44  PHE A CA    1 
ATOM   263  C C     . PHE A 1 46  ? -20.321 8.961   -8.494  1.00 15.82 ? 44  PHE A C     1 
ATOM   264  O O     . PHE A 1 46  ? -20.412 9.914   -9.263  1.00 15.92 ? 44  PHE A O     1 
ATOM   265  C CB    . PHE A 1 46  ? -22.234 8.542   -6.846  1.00 14.81 ? 44  PHE A CB    1 
ATOM   266  C CG    . PHE A 1 46  ? -22.750 8.763   -5.446  1.00 14.43 ? 44  PHE A CG    1 
ATOM   267  C CD1   . PHE A 1 46  ? -22.381 7.912   -4.411  1.00 17.11 ? 44  PHE A CD1   1 
ATOM   268  C CD2   . PHE A 1 46  ? -23.572 9.844   -5.153  1.00 14.76 ? 44  PHE A CD2   1 
ATOM   269  C CE1   . PHE A 1 46  ? -22.833 8.127   -3.117  1.00 17.41 ? 44  PHE A CE1   1 
ATOM   270  C CE2   . PHE A 1 46  ? -24.021 10.061  -3.858  1.00 15.90 ? 44  PHE A CE2   1 
ATOM   271  C CZ    . PHE A 1 46  ? -23.655 9.201   -2.843  1.00 17.00 ? 44  PHE A CZ    1 
ATOM   272  N N     . ALA A 1 47  ? -19.779 7.785   -8.829  1.00 15.05 ? 45  ALA A N     1 
ATOM   273  C CA    . ALA A 1 47  ? -19.196 7.542   -10.140 1.00 15.56 ? 45  ALA A CA    1 
ATOM   274  C C     . ALA A 1 47  ? -20.199 6.863   -11.071 1.00 15.79 ? 45  ALA A C     1 
ATOM   275  O O     . ALA A 1 47  ? -19.965 6.801   -12.279 1.00 18.50 ? 45  ALA A O     1 
ATOM   276  C CB    . ALA A 1 47  ? -17.933 6.729   -10.001 1.00 17.66 ? 45  ALA A CB    1 
ATOM   277  N N     . ASN A 1 48  ? -21.313 6.378   -10.504 1.00 14.05 ? 46  ASN A N     1 
ATOM   278  C CA    . ASN A 1 48  ? -22.312 5.625   -11.246 1.00 13.37 ? 46  ASN A CA    1 
ATOM   279  C C     . ASN A 1 48  ? -23.681 6.291   -11.114 1.00 12.75 ? 46  ASN A C     1 
ATOM   280  O O     . ASN A 1 48  ? -24.090 6.633   -10.005 1.00 14.80 ? 46  ASN A O     1 
ATOM   281  C CB    . ASN A 1 48  ? -22.401 4.173   -10.770 1.00 13.98 ? 46  ASN A CB    1 
ATOM   282  C CG    . ASN A 1 48  ? -21.086 3.434   -10.880 1.00 14.18 ? 46  ASN A CG    1 
ATOM   283  O OD1   . ASN A 1 48  ? -20.584 3.211   -11.980 1.00 15.84 ? 46  ASN A OD1   1 
ATOM   284  N ND2   . ASN A 1 48  ? -20.528 3.058   -9.742  1.00 13.34 ? 46  ASN A ND2   1 
ATOM   285  N N     . PRO A 1 49  ? -24.431 6.471   -12.230 1.00 14.33 ? 47  PRO A N     1 
ATOM   286  C CA    . PRO A 1 49  ? -25.778 7.047   -12.172 1.00 14.87 ? 47  PRO A CA    1 
ATOM   287  C C     . PRO A 1 49  ? -26.725 6.310   -11.227 1.00 15.21 ? 47  PRO A C     1 
ATOM   288  O O     . PRO A 1 49  ? -27.514 6.951   -10.535 1.00 17.88 ? 47  PRO A O     1 
ATOM   289  C CB    . PRO A 1 49  ? -26.275 6.973   -13.624 1.00 18.65 ? 47  PRO A CB    1 
ATOM   290  C CG    . PRO A 1 49  ? -25.008 6.945   -14.448 1.00 24.20 ? 47  PRO A CG    1 
ATOM   291  C CD    . PRO A 1 49  ? -24.016 6.167   -13.610 1.00 17.01 ? 47  PRO A CD    1 
ATOM   292  N N     . GLU A 1 50  ? -26.613 4.974   -11.177 1.00 14.26 ? 48  GLU A N     1 
ATOM   293  C CA    . GLU A 1 50  ? -27.469 4.151   -10.331 1.00 13.87 ? 48  GLU A CA    1 
ATOM   294  C C     . GLU A 1 50  ? -27.232 4.463   -8.851  1.00 15.55 ? 48  GLU A C     1 
ATOM   295  O O     . GLU A 1 50  ? -28.166 4.397   -8.051  1.00 16.71 ? 48  GLU A O     1 
ATOM   296  C CB    . GLU A 1 50  ? -27.389 2.655   -10.675 1.00 13.91 ? 48  GLU A CB    1 
ATOM   297  C CG    . GLU A 1 50  ? -26.028 2.009   -10.441 1.00 14.07 ? 48  GLU A CG    1 
ATOM   298  C CD    . GLU A 1 50  ? -25.064 1.998   -11.617 1.00 15.51 ? 48  GLU A CD    1 
ATOM   299  O OE1   . GLU A 1 50  ? -25.132 2.914   -12.463 1.00 16.84 ? 48  GLU A OE1   1 
ATOM   300  O OE2   . GLU A 1 50  ? -24.234 1.066   -11.683 1.00 15.71 ? 48  GLU A OE2   1 
ATOM   301  N N     . ASP A 1 51  ? -25.986 4.819   -8.504  1.00 14.17 ? 49  ASP A N     1 
ATOM   302  C CA    . ASP A 1 51  ? -25.634 5.213   -7.147  1.00 14.39 ? 49  ASP A CA    1 
ATOM   303  C C     . ASP A 1 51  ? -26.228 6.584   -6.833  1.00 15.81 ? 49  ASP A C     1 
ATOM   304  O O     . ASP A 1 51  ? -26.831 6.765   -5.778  1.00 16.39 ? 49  ASP A O     1 
ATOM   305  C CB    . ASP A 1 51  ? -24.118 5.209   -6.912  1.00 14.39 ? 49  ASP A CB    1 
ATOM   306  C CG    . ASP A 1 51  ? -23.416 3.883   -7.157  1.00 17.60 ? 49  ASP A CG    1 
ATOM   307  O OD1   . ASP A 1 51  ? -24.101 2.838   -7.203  1.00 17.85 ? 49  ASP A OD1   1 
ATOM   308  O OD2   . ASP A 1 51  ? -22.179 3.908   -7.300  1.00 17.67 ? 49  ASP A OD2   1 
ATOM   309  N N     . ALA A 1 52  ? -26.046 7.534   -7.762  1.00 16.28 ? 50  ALA A N     1 
ATOM   310  C CA    . ALA A 1 52  ? -26.481 8.914   -7.605  1.00 15.03 ? 50  ALA A CA    1 
ATOM   311  C C     . ALA A 1 52  ? -27.994 8.994   -7.399  1.00 16.50 ? 50  ALA A C     1 
ATOM   312  O O     . ALA A 1 52  ? -28.454 9.720   -6.518  1.00 17.01 ? 50  ALA A O     1 
ATOM   313  C CB    . ALA A 1 52  ? -26.028 9.732   -8.789  1.00 15.19 ? 50  ALA A CB    1 
ATOM   314  N N     . LEU A 1 53  ? -28.750 8.224   -8.196  1.00 17.42 ? 51  LEU A N     1 
ATOM   315  C CA    . LEU A 1 53  ? -30.208 8.247   -8.165  1.00 16.73 ? 51  LEU A CA    1 
ATOM   316  C C     . LEU A 1 53  ? -30.737 7.716   -6.832  1.00 19.16 ? 51  LEU A C     1 
ATOM   317  O O     . LEU A 1 53  ? -31.811 8.122   -6.392  1.00 20.31 ? 51  LEU A O     1 
ATOM   318  C CB    . LEU A 1 53  ? -30.768 7.450   -9.349  1.00 17.56 ? 51  LEU A CB    1 
ATOM   319  C CG    . LEU A 1 53  ? -30.645 8.101   -10.729 1.00 18.83 ? 51  LEU A CG    1 
ATOM   320  C CD1   . LEU A 1 53  ? -30.879 7.079   -11.831 1.00 22.30 ? 51  LEU A CD1   1 
ATOM   321  C CD2   . LEU A 1 53  ? -31.608 9.271   -10.885 1.00 20.28 ? 51  LEU A CD2   1 
ATOM   322  N N     . ARG A 1 54  ? -29.976 6.808   -6.204  1.00 16.29 ? 52  ARG A N     1 
ATOM   323  C CA    . ARG A 1 54  ? -30.300 6.235   -4.905  1.00 17.76 ? 52  ARG A CA    1 
ATOM   324  C C     . ARG A 1 54  ? -30.057 7.266   -3.801  1.00 17.53 ? 52  ARG A C     1 
ATOM   325  O O     . ARG A 1 54  ? -30.744 7.253   -2.781  1.00 20.31 ? 52  ARG A O     1 
ATOM   326  C CB    . ARG A 1 54  ? -29.473 4.960   -4.698  1.00 21.46 ? 52  ARG A CB    1 
ATOM   327  C CG    . ARG A 1 54  ? -29.564 4.329   -3.315  1.00 27.50 ? 52  ARG A CG    1 
ATOM   328  C CD    . ARG A 1 54  ? -30.373 3.048   -3.266  1.00 34.08 ? 52  ARG A CD    1 
ATOM   329  N NE    . ARG A 1 54  ? -30.157 2.318   -2.022  1.00 43.12 ? 52  ARG A NE    1 
ATOM   330  C CZ    . ARG A 1 54  ? -30.905 2.419   -0.925  1.00 46.85 ? 52  ARG A CZ    1 
ATOM   331  N NH1   . ARG A 1 54  ? -31.978 3.192   -0.910  1.00 52.88 ? 52  ARG A NH1   1 
ATOM   332  N NH2   . ARG A 1 54  ? -30.575 1.738   0.158   1.00 47.52 ? 52  ARG A NH2   1 
ATOM   333  N N     . HIS A 1 55  ? -29.085 8.160   -4.021  1.00 19.60 ? 53  HIS A N     1 
ATOM   334  C CA    . HIS A 1 55  ? -28.555 8.995   -2.954  1.00 18.21 ? 53  HIS A CA    1 
ATOM   335  C C     . HIS A 1 55  ? -28.756 10.485  -3.232  1.00 20.16 ? 53  HIS A C     1 
ATOM   336  O O     . HIS A 1 55  ? -27.910 11.297  -2.859  1.00 23.69 ? 53  HIS A O     1 
ATOM   337  C CB    . HIS A 1 55  ? -27.083 8.650   -2.697  1.00 20.05 ? 53  HIS A CB    1 
ATOM   338  C CG    . HIS A 1 55  ? -26.863 7.290   -2.127  1.00 18.74 ? 53  HIS A CG    1 
ATOM   339  N ND1   . HIS A 1 55  ? -27.168 6.982   -0.815  1.00 21.30 ? 53  HIS A ND1   1 
ATOM   340  C CD2   . HIS A 1 55  ? -26.358 6.163   -2.674  1.00 20.77 ? 53  HIS A CD2   1 
ATOM   341  C CE1   . HIS A 1 55  ? -26.874 5.719   -0.583  1.00 22.20 ? 53  HIS A CE1   1 
ATOM   342  N NE2   . HIS A 1 55  ? -26.371 5.197   -1.706  1.00 21.62 ? 53  HIS A NE2   1 
ATOM   343  N N     . GLY A 1 56  ? -29.876 10.844  -3.872  1.00 21.37 ? 54  GLY A N     1 
ATOM   344  C CA    . GLY A 1 56  ? -30.285 12.241  -3.912  1.00 19.97 ? 54  GLY A CA    1 
ATOM   345  C C     . GLY A 1 56  ? -30.671 12.752  -5.299  1.00 21.24 ? 54  GLY A C     1 
ATOM   346  O O     . GLY A 1 56  ? -31.409 13.730  -5.401  1.00 23.57 ? 54  GLY A O     1 
ATOM   347  N N     . GLY A 1 57  ? -30.156 12.109  -6.354  1.00 18.90 ? 55  GLY A N     1 
ATOM   348  C CA    . GLY A 1 57  ? -30.502 12.489  -7.714  1.00 17.48 ? 55  GLY A CA    1 
ATOM   349  C C     . GLY A 1 57  ? -29.300 12.509  -8.657  1.00 18.68 ? 55  GLY A C     1 
ATOM   350  O O     . GLY A 1 57  ? -28.163 12.346  -8.213  1.00 17.29 ? 55  GLY A O     1 
ATOM   351  N N     . PRO A 1 58  ? -29.524 12.731  -9.978  1.00 18.38 ? 56  PRO A N     1 
ATOM   352  C CA    . PRO A 1 58  ? -28.473 12.613  -10.994 1.00 19.94 ? 56  PRO A CA    1 
ATOM   353  C C     . PRO A 1 58  ? -27.353 13.649  -10.912 1.00 20.35 ? 56  PRO A C     1 
ATOM   354  O O     . PRO A 1 58  ? -26.272 13.422  -11.452 1.00 21.74 ? 56  PRO A O     1 
ATOM   355  C CB    . PRO A 1 58  ? -29.231 12.781  -12.321 1.00 19.35 ? 56  PRO A CB    1 
ATOM   356  C CG    . PRO A 1 58  ? -30.453 13.593  -11.953 1.00 20.26 ? 56  PRO A CG    1 
ATOM   357  C CD    . PRO A 1 58  ? -30.821 13.108  -10.567 1.00 18.57 ? 56  PRO A CD    1 
ATOM   358  N N     . GLN A 1 59  ? -27.624 14.773  -10.230 1.00 18.14 ? 57  GLN A N     1 
ATOM   359  C CA    . GLN A 1 59  ? -26.658 15.848  -10.043 1.00 19.73 ? 57  GLN A CA    1 
ATOM   360  C C     . GLN A 1 59  ? -25.487 15.383  -9.174  1.00 20.98 ? 57  GLN A C     1 
ATOM   361  O O     . GLN A 1 59  ? -24.442 16.032  -9.147  1.00 22.56 ? 57  GLN A O     1 
ATOM   362  C CB    . GLN A 1 59  ? -27.336 17.109  -9.491  1.00 22.35 ? 57  GLN A CB    1 
ATOM   363  C CG    . GLN A 1 59  ? -27.886 16.977  -8.074  1.00 20.55 ? 57  GLN A CG    1 
ATOM   364  C CD    . GLN A 1 59  ? -29.338 16.569  -8.017  1.00 24.04 ? 57  GLN A CD    1 
ATOM   365  O OE1   . GLN A 1 59  ? -29.789 15.674  -8.729  1.00 20.76 ? 57  GLN A OE1   1 
ATOM   366  N NE2   . GLN A 1 59  ? -30.090 17.223  -7.147  1.00 30.67 ? 57  GLN A NE2   1 
ATOM   367  N N     . TYR A 1 60  ? -25.669 14.252  -8.478  1.00 17.42 ? 58  TYR A N     1 
ATOM   368  C CA    . TYR A 1 60  ? -24.658 13.728  -7.571  1.00 18.42 ? 58  TYR A CA    1 
ATOM   369  C C     . TYR A 1 60  ? -23.766 12.696  -8.261  1.00 16.42 ? 58  TYR A C     1 
ATOM   370  O O     . TYR A 1 60  ? -22.872 12.140  -7.623  1.00 16.89 ? 58  TYR A O     1 
ATOM   371  C CB    . TYR A 1 60  ? -25.294 13.244  -6.265  1.00 16.70 ? 58  TYR A CB    1 
ATOM   372  C CG    . TYR A 1 60  ? -26.033 14.318  -5.505  1.00 18.38 ? 58  TYR A CG    1 
ATOM   373  C CD1   . TYR A 1 60  ? -25.373 15.452  -5.049  1.00 16.95 ? 58  TYR A CD1   1 
ATOM   374  C CD2   . TYR A 1 60  ? -27.391 14.206  -5.244  1.00 22.63 ? 58  TYR A CD2   1 
ATOM   375  C CE1   . TYR A 1 60  ? -26.041 16.448  -4.352  1.00 20.86 ? 58  TYR A CE1   1 
ATOM   376  C CE2   . TYR A 1 60  ? -28.074 15.193  -4.546  1.00 23.55 ? 58  TYR A CE2   1 
ATOM   377  C CZ    . TYR A 1 60  ? -27.396 16.316  -4.100  1.00 24.43 ? 58  TYR A CZ    1 
ATOM   378  O OH    . TYR A 1 60  ? -28.057 17.293  -3.413  1.00 26.80 ? 58  TYR A OH    1 
HETATM 379  N N     . CSO A 1 61  ? -23.993 12.464  -9.562  1.00 17.26 ? 59  CSO A N     1 
HETATM 380  C CA    . CSO A 1 61  ? -23.058 11.709  -10.383 1.00 19.64 ? 59  CSO A CA    1 
HETATM 381  C CB    . CSO A 1 61  ? -23.712 10.987  -11.563 1.00 22.41 ? 59  CSO A CB    1 
HETATM 382  S SG    . CSO A 1 61  ? -22.682 9.661   -12.120 1.00 26.34 ? 59  CSO A SG    1 
HETATM 383  C C     . CSO A 1 61  ? -22.040 12.757  -10.827 1.00 16.78 ? 59  CSO A C     1 
HETATM 384  O O     . CSO A 1 61  ? -22.244 13.450  -11.824 1.00 19.96 ? 59  CSO A O     1 
HETATM 385  O OD    . CSO A 1 61  ? -21.353 10.446  -12.911 1.00 36.23 ? 59  CSO A OD    1 
ATOM   386  N N     . ARG A 1 62  ? -20.956 12.873  -10.051 1.00 17.26 ? 60  ARG A N     1 
ATOM   387  C CA    . ARG A 1 62  ? -19.981 13.940  -10.207 1.00 16.59 ? 60  ARG A CA    1 
ATOM   388  C C     . ARG A 1 62  ? -18.673 13.541  -9.530  1.00 18.15 ? 60  ARG A C     1 
ATOM   389  O O     . ARG A 1 62  ? -18.664 12.669  -8.661  1.00 15.71 ? 60  ARG A O     1 
ATOM   390  C CB    . ARG A 1 62  ? -20.518 15.252  -9.619  1.00 18.44 ? 60  ARG A CB    1 
ATOM   391  C CG    . ARG A 1 62  ? -20.808 15.203  -8.125  1.00 16.84 ? 60  ARG A CG    1 
ATOM   392  C CD    . ARG A 1 62  ? -21.411 16.485  -7.585  1.00 17.95 ? 60  ARG A CD    1 
ATOM   393  N NE    . ARG A 1 62  ? -21.664 16.377  -6.154  1.00 17.02 ? 60  ARG A NE    1 
ATOM   394  C CZ    . ARG A 1 62  ? -22.067 17.369  -5.363  1.00 17.03 ? 60  ARG A CZ    1 
ATOM   395  N NH1   . ARG A 1 62  ? -22.223 18.590  -5.847  1.00 21.94 ? 60  ARG A NH1   1 
ATOM   396  N NH2   . ARG A 1 62  ? -22.309 17.134  -4.086  1.00 19.13 ? 60  ARG A NH2   1 
ATOM   397  N N     . SER A 1 63  ? -17.587 14.212  -9.931  1.00 16.70 ? 61  SER A N     1 
ATOM   398  C CA    . SER A 1 63  ? -16.283 14.055  -9.310  1.00 19.39 ? 61  SER A CA    1 
ATOM   399  C C     . SER A 1 63  ? -16.169 14.958  -8.083  1.00 18.42 ? 61  SER A C     1 
ATOM   400  O O     . SER A 1 63  ? -16.819 16.000  -8.007  1.00 20.10 ? 61  SER A O     1 
ATOM   401  C CB    . SER A 1 63  ? -15.182 14.330  -10.303 1.00 24.00 ? 61  SER A CB    1 
ATOM   402  O OG    . SER A 1 63  ? -15.247 15.666  -10.777 1.00 31.59 ? 61  SER A OG    1 
ATOM   403  N N     . ASP A 1 64  ? -15.337 14.537  -7.123  1.00 17.43 ? 62  ASP A N     1 
ATOM   404  C CA    . ASP A 1 64  ? -15.030 15.311  -5.930  1.00 17.25 ? 62  ASP A CA    1 
ATOM   405  C C     . ASP A 1 64  ? -13.538 15.180  -5.626  1.00 18.17 ? 62  ASP A C     1 
ATOM   406  O O     . ASP A 1 64  ? -13.003 14.075  -5.679  1.00 18.13 ? 62  ASP A O     1 
ATOM   407  C CB    . ASP A 1 64  ? -15.890 14.863  -4.745  1.00 18.61 ? 62  ASP A CB    1 
ATOM   408  C CG    . ASP A 1 64  ? -15.574 15.574  -3.442  1.00 23.75 ? 62  ASP A CG    1 
ATOM   409  O OD1   . ASP A 1 64  ? -16.110 16.681  -3.233  1.00 24.57 ? 62  ASP A OD1   1 
ATOM   410  O OD2   . ASP A 1 64  ? -14.785 15.019  -2.656  1.00 24.30 ? 62  ASP A OD2   1 
ATOM   411  N N     . PRO A 1 65  ? -12.823 16.287  -5.297  1.00 16.03 ? 63  PRO A N     1 
ATOM   412  C CA    . PRO A 1 65  ? -11.387 16.226  -5.003  1.00 17.23 ? 63  PRO A CA    1 
ATOM   413  C C     . PRO A 1 65  ? -10.974 15.265  -3.887  1.00 16.16 ? 63  PRO A C     1 
ATOM   414  O O     . PRO A 1 65  ? -9.917  14.643  -3.979  1.00 16.15 ? 63  PRO A O     1 
ATOM   415  C CB    . PRO A 1 65  ? -11.013 17.669  -4.624  1.00 17.63 ? 63  PRO A CB    1 
ATOM   416  C CG    . PRO A 1 65  ? -12.083 18.516  -5.279  1.00 19.57 ? 63  PRO A CG    1 
ATOM   417  C CD    . PRO A 1 65  ? -13.338 17.667  -5.242  1.00 17.07 ? 63  PRO A CD    1 
ATOM   418  N N     . ASP A 1 66  ? -11.805 15.156  -2.840  1.00 16.06 ? 64  ASP A N     1 
ATOM   419  C CA    . ASP A 1 66  ? -11.513 14.298  -1.700  1.00 14.29 ? 64  ASP A CA    1 
ATOM   420  C C     . ASP A 1 66  ? -11.657 12.829  -2.096  1.00 14.52 ? 64  ASP A C     1 
ATOM   421  O O     . ASP A 1 66  ? -10.849 12.000  -1.678  1.00 13.73 ? 64  ASP A O     1 
ATOM   422  C CB    . ASP A 1 66  ? -12.349 14.661  -0.470  1.00 17.36 ? 64  ASP A CB    1 
ATOM   423  C CG    . ASP A 1 66  ? -11.968 15.988  0.169   1.00 21.99 ? 64  ASP A CG    1 
ATOM   424  O OD1   . ASP A 1 66  ? -10.852 16.480  -0.101  1.00 22.29 ? 64  ASP A OD1   1 
ATOM   425  O OD2   . ASP A 1 66  ? -12.793 16.518  0.937   1.00 26.47 ? 64  ASP A OD2   1 
ATOM   426  N N     . VAL A 1 67  ? -12.683 12.526  -2.903  1.00 13.86 ? 65  VAL A N     1 
ATOM   427  C CA    . VAL A 1 67  ? -12.896 11.181  -3.421  1.00 13.51 ? 65  VAL A CA    1 
ATOM   428  C C     . VAL A 1 67  ? -11.706 10.790  -4.300  1.00 15.12 ? 65  VAL A C     1 
ATOM   429  O O     . VAL A 1 67  ? -11.168 9.693   -4.147  1.00 14.28 ? 65  VAL A O     1 
ATOM   430  C CB    . VAL A 1 67  ? -14.239 11.047  -4.173  1.00 14.73 ? 65  VAL A CB    1 
ATOM   431  C CG1   . VAL A 1 67  ? -14.384 9.687   -4.842  1.00 14.68 ? 65  VAL A CG1   1 
ATOM   432  C CG2   . VAL A 1 67  ? -15.435 11.313  -3.270  1.00 14.58 ? 65  VAL A CG2   1 
ATOM   433  N N     . GLU A 1 68  ? -11.291 11.701  -5.194  1.00 13.14 ? 66  GLU A N     1 
ATOM   434  C CA    A GLU A 1 68  ? -10.195 11.466  -6.126  0.50 14.04 ? 66  GLU A CA    1 
ATOM   435  C CA    B GLU A 1 68  ? -10.204 11.432  -6.124  0.50 13.20 ? 66  GLU A CA    1 
ATOM   436  C C     . GLU A 1 68  ? -8.901  11.195  -5.359  1.00 12.61 ? 66  GLU A C     1 
ATOM   437  O O     . GLU A 1 68  ? -8.093  10.360  -5.767  1.00 11.65 ? 66  GLU A O     1 
ATOM   438  C CB    A GLU A 1 68  ? -10.024 12.663  -7.065  0.50 15.53 ? 66  GLU A CB    1 
ATOM   439  C CB    B GLU A 1 68  ? -10.095 12.540  -7.174  0.50 13.55 ? 66  GLU A CB    1 
ATOM   440  C CG    A GLU A 1 68  ? -11.099 12.760  -8.133  0.50 18.64 ? 66  GLU A CG    1 
ATOM   441  C CG    B GLU A 1 68  ? -11.240 12.519  -8.172  0.50 13.52 ? 66  GLU A CG    1 
ATOM   442  C CD    A GLU A 1 68  ? -11.092 14.061  -8.917  0.50 23.25 ? 66  GLU A CD    1 
ATOM   443  C CD    B GLU A 1 68  ? -11.539 11.140  -8.735  0.50 16.44 ? 66  GLU A CD    1 
ATOM   444  O OE1   A GLU A 1 68  ? -10.369 14.993  -8.510  0.50 25.09 ? 66  GLU A OE1   1 
ATOM   445  O OE1   B GLU A 1 68  ? -10.619 10.526  -9.309  0.50 17.07 ? 66  GLU A OE1   1 
ATOM   446  O OE2   A GLU A 1 68  ? -11.807 14.139  -9.935  0.50 26.55 ? 66  GLU A OE2   1 
ATOM   447  O OE2   B GLU A 1 68  ? -12.685 10.673  -8.579  0.50 17.60 ? 66  GLU A OE2   1 
ATOM   448  N N     . ARG A 1 69  ? -8.715  11.919  -4.244  1.00 12.50 ? 67  ARG A N     1 
ATOM   449  C CA    . ARG A 1 69  ? -7.560  11.776  -3.367  1.00 12.53 ? 67  ARG A CA    1 
ATOM   450  C C     . ARG A 1 69  ? -7.529  10.371  -2.762  1.00 12.05 ? 67  ARG A C     1 
ATOM   451  O O     . ARG A 1 69  ? -6.471  9.737   -2.746  1.00 11.96 ? 67  ARG A O     1 
ATOM   452  C CB    . ARG A 1 69  ? -7.569  12.886  -2.307  1.00 13.25 ? 67  ARG A CB    1 
ATOM   453  C CG    . ARG A 1 69  ? -6.460  12.795  -1.264  1.00 13.63 ? 67  ARG A CG    1 
ATOM   454  C CD    . ARG A 1 69  ? -6.469  13.965  -0.294  1.00 14.71 ? 67  ARG A CD    1 
ATOM   455  N NE    . ARG A 1 69  ? -6.134  15.232  -0.937  1.00 14.68 ? 67  ARG A NE    1 
ATOM   456  C CZ    . ARG A 1 69  ? -4.902  15.687  -1.147  1.00 14.63 ? 67  ARG A CZ    1 
ATOM   457  N NH1   . ARG A 1 69  ? -3.854  15.064  -0.635  1.00 14.61 ? 67  ARG A NH1   1 
ATOM   458  N NH2   . ARG A 1 69  ? -4.720  16.782  -1.862  1.00 14.55 ? 67  ARG A NH2   1 
ATOM   459  N N     . CYS A 1 70  ? -8.689  9.900   -2.283  1.00 12.52 ? 68  CYS A N     1 
ATOM   460  C CA    . CYS A 1 70  ? -8.838  8.567   -1.716  1.00 11.78 ? 68  CYS A CA    1 
ATOM   461  C C     . CYS A 1 70  ? -8.454  7.509   -2.750  1.00 12.10 ? 68  CYS A C     1 
ATOM   462  O O     . CYS A 1 70  ? -7.754  6.548   -2.419  1.00 12.36 ? 68  CYS A O     1 
ATOM   463  C CB    . CYS A 1 70  ? -10.264 8.310   -1.244  1.00 14.29 ? 68  CYS A CB    1 
ATOM   464  S SG    . CYS A 1 70  ? -10.688 9.164   0.298   1.00 15.56 ? 68  CYS A SG    1 
ATOM   465  N N     . LEU A 1 71  ? -8.907  7.706   -3.996  1.00 12.18 ? 69  LEU A N     1 
ATOM   466  C CA    . LEU A 1 71  ? -8.631  6.780   -5.086  1.00 11.76 ? 69  LEU A CA    1 
ATOM   467  C C     . LEU A 1 71  ? -7.136  6.759   -5.393  1.00 10.85 ? 69  LEU A C     1 
ATOM   468  O O     . LEU A 1 71  ? -6.572  5.696   -5.634  1.00 11.39 ? 69  LEU A O     1 
ATOM   469  C CB    . LEU A 1 71  ? -9.456  7.166   -6.321  1.00 12.21 ? 69  LEU A CB    1 
ATOM   470  C CG    . LEU A 1 71  ? -10.765 6.406   -6.536  1.00 14.72 ? 69  LEU A CG    1 
ATOM   471  C CD1   . LEU A 1 71  ? -11.721 6.565   -5.364  1.00 18.68 ? 69  LEU A CD1   1 
ATOM   472  C CD2   . LEU A 1 71  ? -11.448 6.860   -7.817  1.00 15.68 ? 69  LEU A CD2   1 
ATOM   473  N N     . ARG A 1 72  ? -6.487  7.929   -5.371  1.00 10.09 ? 70  ARG A N     1 
ATOM   474  C CA    . ARG A 1 72  ? -5.057  7.992   -5.636  1.00 10.38 ? 70  ARG A CA    1 
ATOM   475  C C     . ARG A 1 72  ? -4.267  7.256   -4.554  1.00 10.22 ? 70  ARG A C     1 
ATOM   476  O O     . ARG A 1 72  ? -3.298  6.561   -4.871  1.00 10.31 ? 70  ARG A O     1 
ATOM   477  C CB    . ARG A 1 72  ? -4.569  9.437   -5.773  1.00 10.16 ? 70  ARG A CB    1 
ATOM   478  C CG    . ARG A 1 72  ? -4.927  10.099  -7.097  1.00 11.60 ? 70  ARG A CG    1 
ATOM   479  C CD    . ARG A 1 72  ? -4.201  11.413  -7.326  1.00 12.52 ? 70  ARG A CD    1 
ATOM   480  N NE    . ARG A 1 72  ? -4.413  12.409  -6.280  1.00 12.15 ? 70  ARG A NE    1 
ATOM   481  C CZ    . ARG A 1 72  ? -5.463  13.228  -6.204  1.00 13.05 ? 70  ARG A CZ    1 
ATOM   482  N NH1   . ARG A 1 72  ? -6.415  13.186  -7.122  1.00 15.10 ? 70  ARG A NH1   1 
ATOM   483  N NH2   . ARG A 1 72  ? -5.551  14.089  -5.206  1.00 15.58 ? 70  ARG A NH2   1 
ATOM   484  N N     . ALA A 1 73  ? -4.681  7.409   -3.290  1.00 10.32 ? 71  ALA A N     1 
ATOM   485  C CA    . ALA A 1 73  ? -4.032  6.732   -2.174  1.00 9.44  ? 71  ALA A CA    1 
ATOM   486  C C     . ALA A 1 73  ? -4.162  5.219   -2.326  1.00 10.54 ? 71  ALA A C     1 
ATOM   487  O O     . ALA A 1 73  ? -3.177  4.500   -2.153  1.00 10.07 ? 71  ALA A O     1 
ATOM   488  C CB    . ALA A 1 73  ? -4.591  7.220   -0.859  1.00 11.33 ? 71  ALA A CB    1 
ATOM   489  N N     . HIS A 1 74  ? -5.364  4.757   -2.688  1.00 9.51  ? 72  HIS A N     1 
ATOM   490  C CA    . HIS A 1 74  ? -5.622  3.337   -2.870  1.00 10.10 ? 72  HIS A CA    1 
ATOM   491  C C     . HIS A 1 74  ? -4.809  2.796   -4.045  1.00 9.45  ? 72  HIS A C     1 
ATOM   492  O O     . HIS A 1 74  ? -4.255  1.698   -3.965  1.00 10.30 ? 72  HIS A O     1 
ATOM   493  C CB    . HIS A 1 74  ? -7.123  3.072   -3.048  1.00 10.91 ? 72  HIS A CB    1 
ATOM   494  C CG    . HIS A 1 74  ? -7.548  1.676   -2.724  1.00 12.53 ? 72  HIS A CG    1 
ATOM   495  N ND1   . HIS A 1 74  ? -8.868  1.352   -2.491  1.00 15.08 ? 72  HIS A ND1   1 
ATOM   496  C CD2   . HIS A 1 74  ? -6.848  0.528   -2.570  1.00 14.67 ? 72  HIS A CD2   1 
ATOM   497  C CE1   . HIS A 1 74  ? -8.968  0.064   -2.228  1.00 14.83 ? 72  HIS A CE1   1 
ATOM   498  N NE2   . HIS A 1 74  ? -7.741  -0.464  -2.265  1.00 16.60 ? 72  HIS A NE2   1 
ATOM   499  N N     . ARG A 1 75  ? -4.718  3.568   -5.133  1.00 9.45  ? 73  ARG A N     1 
ATOM   500  C CA    . ARG A 1 75  ? -3.962  3.139   -6.296  1.00 9.43  ? 73  ARG A CA    1 
ATOM   501  C C     . ARG A 1 75  ? -2.478  2.987   -5.955  1.00 9.89  ? 73  ARG A C     1 
ATOM   502  O O     . ARG A 1 75  ? -1.849  2.001   -6.340  1.00 10.59 ? 73  ARG A O     1 
ATOM   503  C CB    . ARG A 1 75  ? -4.182  4.084   -7.479  1.00 11.83 ? 73  ARG A CB    1 
ATOM   504  C CG    . ARG A 1 75  ? -3.521  3.590   -8.756  1.00 18.29 ? 73  ARG A CG    1 
ATOM   505  C CD    . ARG A 1 75  ? -3.724  4.481   -9.954  1.00 22.18 ? 73  ARG A CD    1 
ATOM   506  N NE    . ARG A 1 75  ? -2.729  4.067   -10.926 1.00 25.71 ? 73  ARG A NE    1 
ATOM   507  C CZ    . ARG A 1 75  ? -2.801  4.259   -12.235 1.00 25.14 ? 73  ARG A CZ    1 
ATOM   508  N NH1   . ARG A 1 75  ? -1.764  3.947   -12.988 1.00 14.53 ? 73  ARG A NH1   1 
ATOM   509  N NH2   . ARG A 1 75  ? -3.891  4.764   -12.789 1.00 29.93 ? 73  ARG A NH2   1 
ATOM   510  N N     . ASN A 1 76  ? -1.920  3.969   -5.238  1.00 10.02 ? 74  ASN A N     1 
ATOM   511  C CA    . ASN A 1 76  ? -0.515  3.930   -4.860  1.00 9.26  ? 74  ASN A CA    1 
ATOM   512  C C     . ASN A 1 76  ? -0.243  2.717   -3.970  1.00 10.48 ? 74  ASN A C     1 
ATOM   513  O O     . ASN A 1 76  ? 0.799   2.076   -4.107  1.00 10.63 ? 74  ASN A O     1 
ATOM   514  C CB    . ASN A 1 76  ? -0.035  5.255   -4.265  1.00 10.25 ? 74  ASN A CB    1 
ATOM   515  C CG    . ASN A 1 76  ? 1.463   5.283   -4.048  1.00 11.74 ? 74  ASN A CG    1 
ATOM   516  O OD1   . ASN A 1 76  ? 1.944   4.913   -2.982  1.00 11.98 ? 74  ASN A OD1   1 
ATOM   517  N ND2   . ASN A 1 76  ? 2.208   5.722   -5.048  1.00 15.67 ? 74  ASN A ND2   1 
ATOM   518  N N     . ASP A 1 77  ? -1.197  2.406   -3.081  1.00 10.42 ? 75  ASP A N     1 
ATOM   519  C CA    . ASP A 1 77  ? -1.145  1.208   -2.256  1.00 8.93  ? 75  ASP A CA    1 
ATOM   520  C C     . ASP A 1 77  ? -1.015  -0.036  -3.136  1.00 11.38 ? 75  ASP A C     1 
ATOM   521  O O     . ASP A 1 77  ? -0.177  -0.893  -2.869  1.00 12.09 ? 75  ASP A O     1 
ATOM   522  C CB    . ASP A 1 77  ? -2.389  1.070   -1.372  1.00 11.49 ? 75  ASP A CB    1 
ATOM   523  C CG    . ASP A 1 77  ? -2.471  1.997   -0.169  1.00 13.90 ? 75  ASP A CG    1 
ATOM   524  O OD1   . ASP A 1 77  ? -1.499  2.742   0.094   1.00 13.84 ? 75  ASP A OD1   1 
ATOM   525  O OD2   . ASP A 1 77  ? -3.520  1.959   0.502   1.00 14.55 ? 75  ASP A OD2   1 
ATOM   526  N N     . MET A 1 78  ? -1.840  -0.130  -4.189  1.00 10.88 ? 76  MET A N     1 
ATOM   527  C CA    . MET A 1 78  ? -1.846  -1.306  -5.051  1.00 12.60 ? 76  MET A CA    1 
ATOM   528  C C     . MET A 1 78  ? -0.523  -1.422  -5.811  1.00 14.24 ? 76  MET A C     1 
ATOM   529  O O     . MET A 1 78  ? -0.057  -2.531  -6.071  1.00 17.43 ? 76  MET A O     1 
ATOM   530  C CB    . MET A 1 78  ? -3.002  -1.273  -6.055  1.00 12.63 ? 76  MET A CB    1 
ATOM   531  C CG    . MET A 1 78  ? -4.373  -1.339  -5.414  1.00 18.90 ? 76  MET A CG    1 
ATOM   532  S SD    . MET A 1 78  ? -5.680  -1.894  -6.537  1.00 17.84 ? 76  MET A SD    1 
ATOM   533  C CE    . MET A 1 78  ? -5.578  -0.674  -7.848  1.00 27.43 ? 76  MET A CE    1 
ATOM   534  N N     . GLU A 1 79  ? 0.079   -0.274  -6.156  1.00 10.84 ? 77  GLU A N     1 
ATOM   535  C CA    . GLU A 1 79  ? 1.326   -0.225  -6.905  1.00 10.75 ? 77  GLU A CA    1 
ATOM   536  C C     . GLU A 1 79  ? 2.515   -0.665  -6.050  1.00 10.56 ? 77  GLU A C     1 
ATOM   537  O O     . GLU A 1 79  ? 3.543   -1.052  -6.604  1.00 11.26 ? 77  GLU A O     1 
ATOM   538  C CB    . GLU A 1 79  ? 1.589   1.192   -7.416  1.00 11.06 ? 77  GLU A CB    1 
ATOM   539  C CG    . GLU A 1 79  ? 0.655   1.638   -8.526  1.00 13.11 ? 77  GLU A CG    1 
ATOM   540  C CD    . GLU A 1 79  ? 0.748   3.111   -8.890  1.00 14.68 ? 77  GLU A CD    1 
ATOM   541  O OE1   . GLU A 1 79  ? 1.577   3.828   -8.291  1.00 16.90 ? 77  GLU A OE1   1 
ATOM   542  O OE2   . GLU A 1 79  ? -0.015  3.538   -9.775  1.00 16.30 ? 77  GLU A OE2   1 
ATOM   543  N N     . THR A 1 80  ? 2.382   -0.578  -4.717  1.00 10.86 ? 78  THR A N     1 
ATOM   544  C CA    . THR A 1 80  ? 3.519   -0.738  -3.818  1.00 11.39 ? 78  THR A CA    1 
ATOM   545  C C     . THR A 1 80  ? 3.356   -1.955  -2.908  1.00 11.13 ? 78  THR A C     1 
ATOM   546  O O     . THR A 1 80  ? 4.307   -2.715  -2.726  1.00 11.49 ? 78  THR A O     1 
ATOM   547  C CB    . THR A 1 80  ? 3.799   0.542   -3.020  1.00 10.21 ? 78  THR A CB    1 
ATOM   548  O OG1   . THR A 1 80  ? 2.629   0.883   -2.276  1.00 10.26 ? 78  THR A OG1   1 
ATOM   549  C CG2   . THR A 1 80  ? 4.212   1.703   -3.898  1.00 11.67 ? 78  THR A CG2   1 
ATOM   550  N N     . ILE A 1 81  ? 2.160   -2.128  -2.331  1.00 10.70 ? 79  ILE A N     1 
ATOM   551  C CA    . ILE A 1 81  ? 1.936   -3.172  -1.338  1.00 9.06  ? 79  ILE A CA    1 
ATOM   552  C C     . ILE A 1 81  ? 1.860   -4.534  -2.028  1.00 11.09 ? 79  ILE A C     1 
ATOM   553  O O     . ILE A 1 81  ? 2.381   -5.514  -1.500  1.00 10.67 ? 79  ILE A O     1 
ATOM   554  C CB    . ILE A 1 81  ? 0.710   -2.860  -0.454  1.00 10.35 ? 79  ILE A CB    1 
ATOM   555  C CG1   . ILE A 1 81  ? 0.955   -1.608  0.395   1.00 10.77 ? 79  ILE A CG1   1 
ATOM   556  C CG2   . ILE A 1 81  ? 0.321   -4.061  0.404   1.00 12.53 ? 79  ILE A CG2   1 
ATOM   557  C CD1   . ILE A 1 81  ? -0.277  -1.041  1.061   1.00 11.92 ? 79  ILE A CD1   1 
ATOM   558  N N     . TYR A 1 82  ? 1.241   -4.592  -3.215  1.00 10.85 ? 80  TYR A N     1 
ATOM   559  C CA    . TYR A 1 82  ? 1.097   -5.859  -3.922  1.00 11.14 ? 80  TYR A CA    1 
ATOM   560  C C     . TYR A 1 82  ? 2.469   -6.442  -4.279  1.00 11.95 ? 80  TYR A C     1 
ATOM   561  O O     . TYR A 1 82  ? 2.703   -7.622  -4.012  1.00 11.60 ? 80  TYR A O     1 
ATOM   562  C CB    . TYR A 1 82  ? 0.138   -5.743  -5.114  1.00 12.45 ? 80  TYR A CB    1 
ATOM   563  C CG    . TYR A 1 82  ? -1.317  -5.464  -4.813  1.00 14.21 ? 80  TYR A CG    1 
ATOM   564  C CD1   . TYR A 1 82  ? -1.839  -5.509  -3.525  1.00 17.61 ? 80  TYR A CD1   1 
ATOM   565  C CD2   . TYR A 1 82  ? -2.195  -5.185  -5.852  1.00 16.78 ? 80  TYR A CD2   1 
ATOM   566  C CE1   . TYR A 1 82  ? -3.182  -5.254  -3.278  1.00 13.90 ? 80  TYR A CE1   1 
ATOM   567  C CE2   . TYR A 1 82  ? -3.538  -4.924  -5.624  1.00 14.35 ? 80  TYR A CE2   1 
ATOM   568  C CZ    . TYR A 1 82  ? -4.034  -4.970  -4.333  1.00 14.05 ? 80  TYR A CZ    1 
ATOM   569  O OH    . TYR A 1 82  ? -5.357  -4.729  -4.107  1.00 16.77 ? 80  TYR A OH    1 
ATOM   570  N N     . PRO A 1 83  ? 3.414   -5.676  -4.885  1.00 11.08 ? 81  PRO A N     1 
ATOM   571  C CA    . PRO A 1 83  ? 4.790   -6.146  -5.058  1.00 11.22 ? 81  PRO A CA    1 
ATOM   572  C C     . PRO A 1 83  ? 5.444   -6.637  -3.768  1.00 11.67 ? 81  PRO A C     1 
ATOM   573  O O     . PRO A 1 83  ? 6.143   -7.643  -3.793  1.00 12.03 ? 81  PRO A O     1 
ATOM   574  C CB    . PRO A 1 83  ? 5.522   -4.925  -5.635  1.00 14.37 ? 81  PRO A CB    1 
ATOM   575  C CG    . PRO A 1 83  ? 4.439   -4.211  -6.407  1.00 18.31 ? 81  PRO A CG    1 
ATOM   576  C CD    . PRO A 1 83  ? 3.209   -4.365  -5.534  1.00 11.99 ? 81  PRO A CD    1 
ATOM   577  N N     . PHE A 1 84  ? 5.196   -5.943  -2.650  1.00 10.66 ? 82  PHE A N     1 
ATOM   578  C CA    . PHE A 1 84  ? 5.749   -6.330  -1.358  1.00 10.96 ? 82  PHE A CA    1 
ATOM   579  C C     . PHE A 1 84  ? 5.234   -7.705  -0.937  1.00 12.66 ? 82  PHE A C     1 
ATOM   580  O O     . PHE A 1 84  ? 6.007   -8.509  -0.411  1.00 13.49 ? 82  PHE A O     1 
ATOM   581  C CB    . PHE A 1 84  ? 5.445   -5.283  -0.284  1.00 12.38 ? 82  PHE A CB    1 
ATOM   582  C CG    . PHE A 1 84  ? 5.851   -5.668  1.118   1.00 12.92 ? 82  PHE A CG    1 
ATOM   583  C CD1   . PHE A 1 84  ? 7.139   -5.429  1.581   1.00 12.42 ? 82  PHE A CD1   1 
ATOM   584  C CD2   . PHE A 1 84  ? 4.935   -6.253  1.985   1.00 12.95 ? 82  PHE A CD2   1 
ATOM   585  C CE1   . PHE A 1 84  ? 7.503   -5.776  2.876   1.00 14.70 ? 82  PHE A CE1   1 
ATOM   586  C CE2   . PHE A 1 84  ? 5.300   -6.606  3.277   1.00 13.86 ? 82  PHE A CE2   1 
ATOM   587  C CZ    . PHE A 1 84  ? 6.585   -6.367  3.720   1.00 13.73 ? 82  PHE A CZ    1 
ATOM   588  N N     . LEU A 1 85  ? 3.938   -7.964  -1.165  1.00 12.66 ? 83  LEU A N     1 
ATOM   589  C CA    . LEU A 1 85  ? 3.322   -9.239  -0.815  1.00 11.81 ? 83  LEU A CA    1 
ATOM   590  C C     . LEU A 1 85  ? 4.067   -10.378 -1.505  1.00 14.33 ? 83  LEU A C     1 
ATOM   591  O O     . LEU A 1 85  ? 4.269   -11.437 -0.915  1.00 16.61 ? 83  LEU A O     1 
ATOM   592  C CB    . LEU A 1 85  ? 1.837   -9.249  -1.207  1.00 13.65 ? 83  LEU A CB    1 
ATOM   593  C CG    . LEU A 1 85  ? 0.910   -8.264  -0.492  1.00 13.66 ? 83  LEU A CG    1 
ATOM   594  C CD1   . LEU A 1 85  ? -0.517  -8.411  -0.995  1.00 17.09 ? 83  LEU A CD1   1 
ATOM   595  C CD2   . LEU A 1 85  ? 0.942   -8.448  1.014   1.00 16.80 ? 83  LEU A CD2   1 
ATOM   596  N N     . PHE A 1 86  ? 4.477   -10.141 -2.757  1.00 12.39 ? 84  PHE A N     1 
ATOM   597  C CA    . PHE A 1 86  ? 5.219   -11.122 -3.531  1.00 12.08 ? 84  PHE A CA    1 
ATOM   598  C C     . PHE A 1 86  ? 6.670   -11.206 -3.059  1.00 13.26 ? 84  PHE A C     1 
ATOM   599  O O     . PHE A 1 86  ? 7.147   -12.295 -2.738  1.00 13.31 ? 84  PHE A O     1 
ATOM   600  C CB    . PHE A 1 86  ? 5.128   -10.818 -5.029  1.00 12.95 ? 84  PHE A CB    1 
ATOM   601  C CG    . PHE A 1 86  ? 5.920   -11.773 -5.888  1.00 14.72 ? 84  PHE A CG    1 
ATOM   602  C CD1   . PHE A 1 86  ? 5.441   -13.049 -6.150  1.00 17.49 ? 84  PHE A CD1   1 
ATOM   603  C CD2   . PHE A 1 86  ? 7.151   -11.402 -6.414  1.00 14.75 ? 84  PHE A CD2   1 
ATOM   604  C CE1   . PHE A 1 86  ? 6.173   -13.936 -6.927  1.00 20.19 ? 84  PHE A CE1   1 
ATOM   605  C CE2   . PHE A 1 86  ? 7.884   -12.290 -7.190  1.00 18.03 ? 84  PHE A CE2   1 
ATOM   606  C CZ    . PHE A 1 86  ? 7.392   -13.554 -7.443  1.00 15.89 ? 84  PHE A CZ    1 
ATOM   607  N N     . LEU A 1 87  ? 7.365   -10.060 -3.045  1.00 12.24 ? 85  LEU A N     1 
ATOM   608  C CA    . LEU A 1 87  ? 8.796   -10.006 -2.784  1.00 13.60 ? 85  LEU A CA    1 
ATOM   609  C C     . LEU A 1 87  ? 9.091   -10.502 -1.372  1.00 13.51 ? 85  LEU A C     1 
ATOM   610  O O     . LEU A 1 87  ? 9.996   -11.310 -1.182  1.00 14.09 ? 85  LEU A O     1 
ATOM   611  C CB    . LEU A 1 87  ? 9.310   -8.573  -2.975  1.00 11.94 ? 85  LEU A CB    1 
ATOM   612  C CG    . LEU A 1 87  ? 9.297   -8.024  -4.402  1.00 11.86 ? 85  LEU A CG    1 
ATOM   613  C CD1   . LEU A 1 87  ? 9.582   -6.532  -4.396  1.00 16.02 ? 85  LEU A CD1   1 
ATOM   614  C CD2   . LEU A 1 87  ? 10.284  -8.752  -5.304  1.00 12.36 ? 85  LEU A CD2   1 
ATOM   615  N N     . GLY A 1 88  ? 8.302   -10.026 -0.401  1.00 13.23 ? 86  GLY A N     1 
ATOM   616  C CA    . GLY A 1 88  ? 8.507   -10.350 1.003   1.00 12.55 ? 86  GLY A CA    1 
ATOM   617  C C     . GLY A 1 88  ? 8.280   -11.828 1.309   1.00 15.95 ? 86  GLY A C     1 
ATOM   618  O O     . GLY A 1 88  ? 8.959   -12.385 2.169   1.00 14.33 ? 86  GLY A O     1 
ATOM   619  N N     . PHE A 1 89  ? 7.313   -12.444 0.614   1.00 12.25 ? 87  PHE A N     1 
ATOM   620  C CA    . PHE A 1 89  ? 7.014   -13.861 0.771   1.00 12.81 ? 87  PHE A CA    1 
ATOM   621  C C     . PHE A 1 89  ? 8.214   -14.693 0.324   1.00 15.07 ? 87  PHE A C     1 
ATOM   622  O O     . PHE A 1 89  ? 8.673   -15.560 1.065   1.00 15.17 ? 87  PHE A O     1 
ATOM   623  C CB    . PHE A 1 89  ? 5.729   -14.237 0.027   1.00 16.06 ? 87  PHE A CB    1 
ATOM   624  C CG    . PHE A 1 89  ? 5.290   -15.669 0.203   1.00 21.64 ? 87  PHE A CG    1 
ATOM   625  C CD1   . PHE A 1 89  ? 4.629   -16.075 1.357   1.00 25.10 ? 87  PHE A CD1   1 
ATOM   626  C CD2   . PHE A 1 89  ? 5.537   -16.616 -0.783  1.00 23.95 ? 87  PHE A CD2   1 
ATOM   627  C CE1   . PHE A 1 89  ? 4.224   -17.394 1.520   1.00 27.60 ? 87  PHE A CE1   1 
ATOM   628  C CE2   . PHE A 1 89  ? 5.133   -17.934 -0.620  1.00 28.77 ? 87  PHE A CE2   1 
ATOM   629  C CZ    . PHE A 1 89  ? 4.477   -18.321 0.529   1.00 30.66 ? 87  PHE A CZ    1 
ATOM   630  N N     . VAL A 1 90  ? 8.721   -14.404 -0.882  1.00 12.86 ? 88  VAL A N     1 
ATOM   631  C CA    . VAL A 1 90  ? 9.849   -15.117 -1.465  1.00 13.36 ? 88  VAL A CA    1 
ATOM   632  C C     . VAL A 1 90  ? 11.097  -14.898 -0.609  1.00 15.06 ? 88  VAL A C     1 
ATOM   633  O O     . VAL A 1 90  ? 11.789  -15.860 -0.278  1.00 14.88 ? 88  VAL A O     1 
ATOM   634  C CB    . VAL A 1 90  ? 10.061  -14.742 -2.948  1.00 13.57 ? 88  VAL A CB    1 
ATOM   635  C CG1   . VAL A 1 90  ? 11.309  -15.387 -3.538  1.00 14.43 ? 88  VAL A CG1   1 
ATOM   636  C CG2   . VAL A 1 90  ? 8.840   -15.085 -3.791  1.00 16.63 ? 88  VAL A CG2   1 
ATOM   637  N N     . TYR A 1 91  ? 11.345  -13.637 -0.229  1.00 15.43 ? 89  TYR A N     1 
ATOM   638  C CA    . TYR A 1 91  ? 12.481  -13.218 0.582   1.00 14.26 ? 89  TYR A CA    1 
ATOM   639  C C     . TYR A 1 91  ? 12.517  -13.973 1.913   1.00 15.40 ? 89  TYR A C     1 
ATOM   640  O O     . TYR A 1 91  ? 13.600  -14.317 2.391   1.00 16.59 ? 89  TYR A O     1 
ATOM   641  C CB    . TYR A 1 91  ? 12.452  -11.696 0.755   1.00 14.78 ? 89  TYR A CB    1 
ATOM   642  C CG    . TYR A 1 91  ? 13.405  -11.101 1.762   1.00 14.32 ? 89  TYR A CG    1 
ATOM   643  C CD1   . TYR A 1 91  ? 14.748  -10.917 1.462   1.00 17.30 ? 89  TYR A CD1   1 
ATOM   644  C CD2   . TYR A 1 91  ? 12.952  -10.683 3.006   1.00 16.55 ? 89  TYR A CD2   1 
ATOM   645  C CE1   . TYR A 1 91  ? 15.621  -10.352 2.381   1.00 18.04 ? 89  TYR A CE1   1 
ATOM   646  C CE2   . TYR A 1 91  ? 13.809  -10.108 3.932   1.00 16.56 ? 89  TYR A CE2   1 
ATOM   647  C CZ    . TYR A 1 91  ? 15.149  -9.948  3.620   1.00 17.55 ? 89  TYR A CZ    1 
ATOM   648  O OH    . TYR A 1 91  ? 15.990  -9.382  4.534   1.00 21.06 ? 89  TYR A OH    1 
ATOM   649  N N     . SER A 1 92  ? 11.336  -14.235 2.494   1.00 14.53 ? 90  SER A N     1 
ATOM   650  C CA    . SER A 1 92  ? 11.206  -14.939 3.766   1.00 15.81 ? 90  SER A CA    1 
ATOM   651  C C     . SER A 1 92  ? 11.814  -16.341 3.703   1.00 19.30 ? 90  SER A C     1 
ATOM   652  O O     . SER A 1 92  ? 12.294  -16.846 4.718   1.00 18.89 ? 90  SER A O     1 
ATOM   653  C CB    . SER A 1 92  ? 9.768   -14.996 4.211   1.00 16.00 ? 90  SER A CB    1 
ATOM   654  O OG    . SER A 1 92  ? 9.312   -13.713 4.615   1.00 16.84 ? 90  SER A OG    1 
ATOM   655  N N     . PHE A 1 93  ? 11.798  -16.951 2.510   1.00 20.45 ? 91  PHE A N     1 
ATOM   656  C CA    . PHE A 1 93  ? 12.215  -18.336 2.328   1.00 23.58 ? 91  PHE A CA    1 
ATOM   657  C C     . PHE A 1 93  ? 13.672  -18.434 1.872   1.00 27.07 ? 91  PHE A C     1 
ATOM   658  O O     . PHE A 1 93  ? 14.170  -19.537 1.645   1.00 29.70 ? 91  PHE A O     1 
ATOM   659  C CB    . PHE A 1 93  ? 11.268  -19.062 1.367   1.00 24.48 ? 91  PHE A CB    1 
ATOM   660  C CG    . PHE A 1 93  ? 9.933   -19.436 1.961   1.00 26.01 ? 91  PHE A CG    1 
ATOM   661  C CD1   . PHE A 1 93  ? 9.802   -20.555 2.775   1.00 29.15 ? 91  PHE A CD1   1 
ATOM   662  C CD2   . PHE A 1 93  ? 8.803   -18.670 1.709   1.00 25.45 ? 91  PHE A CD2   1 
ATOM   663  C CE1   . PHE A 1 93  ? 8.573   -20.895 3.322   1.00 29.96 ? 91  PHE A CE1   1 
ATOM   664  C CE2   . PHE A 1 93  ? 7.574   -19.011 2.257   1.00 28.79 ? 91  PHE A CE2   1 
ATOM   665  C CZ    . PHE A 1 93  ? 7.461   -20.124 3.061   1.00 27.70 ? 91  PHE A CZ    1 
ATOM   666  N N     . LEU A 1 94  ? 14.354  -17.286 1.761   1.00 24.63 ? 92  LEU A N     1 
ATOM   667  C CA    . LEU A 1 94  ? 15.735  -17.251 1.299   1.00 30.00 ? 92  LEU A CA    1 
ATOM   668  C C     . LEU A 1 94  ? 16.696  -17.416 2.476   1.00 36.26 ? 92  LEU A C     1 
ATOM   669  O O     . LEU A 1 94  ? 17.907  -17.505 2.280   1.00 44.43 ? 92  LEU A O     1 
ATOM   670  C CB    . LEU A 1 94  ? 16.000  -15.941 0.545   1.00 27.38 ? 92  LEU A CB    1 
ATOM   671  C CG    . LEU A 1 94  ? 15.169  -15.684 -0.715  1.00 25.66 ? 92  LEU A CG    1 
ATOM   672  C CD1   . LEU A 1 94  ? 15.611  -14.394 -1.387  1.00 26.61 ? 92  LEU A CD1   1 
ATOM   673  C CD2   . LEU A 1 94  ? 15.250  -16.843 -1.699  1.00 25.46 ? 92  LEU A CD2   1 
ATOM   674  N N     . GLY A 1 95  ? 16.133  -17.465 3.691   1.00 36.01 ? 93  GLY A N     1 
ATOM   675  C CA    . GLY A 1 95  ? 16.886  -17.545 4.931   1.00 36.28 ? 93  GLY A CA    1 
ATOM   676  C C     . GLY A 1 95  ? 17.720  -16.290 5.190   1.00 34.54 ? 93  GLY A C     1 
ATOM   677  O O     . GLY A 1 95  ? 18.938  -16.391 5.337   1.00 37.14 ? 93  GLY A O     1 
ATOM   678  N N     . PRO A 1 96  ? 17.112  -15.076 5.252   1.00 31.18 ? 94  PRO A N     1 
ATOM   679  C CA    . PRO A 1 96  ? 17.862  -13.866 5.594   1.00 26.42 ? 94  PRO A CA    1 
ATOM   680  C C     . PRO A 1 96  ? 18.077  -13.782 7.103   1.00 27.22 ? 94  PRO A C     1 
ATOM   681  O O     . PRO A 1 96  ? 17.448  -14.520 7.862   1.00 25.73 ? 94  PRO A O     1 
ATOM   682  C CB    . PRO A 1 96  ? 16.939  -12.740 5.103   1.00 26.42 ? 94  PRO A CB    1 
ATOM   683  C CG    . PRO A 1 96  ? 15.541  -13.305 5.256   1.00 25.90 ? 94  PRO A CG    1 
ATOM   684  C CD    . PRO A 1 96  ? 15.686  -14.793 5.010   1.00 26.55 ? 94  PRO A CD    1 
ATOM   685  N N     . ASN A 1 97  ? 18.979  -12.880 7.515   1.00 28.31 ? 95  ASN A N     1 
ATOM   686  C CA    . ASN A 1 97  ? 19.202  -12.567 8.918   1.00 32.74 ? 95  ASN A CA    1 
ATOM   687  C C     . ASN A 1 97  ? 17.884  -12.097 9.533   1.00 33.68 ? 95  ASN A C     1 
ATOM   688  O O     . ASN A 1 97  ? 17.243  -11.197 8.988   1.00 26.83 ? 95  ASN A O     1 
ATOM   689  C CB    . ASN A 1 97  ? 20.327  -11.543 9.105   1.00 32.38 ? 95  ASN A CB    1 
ATOM   690  C CG    . ASN A 1 97  ? 20.583  -11.198 10.557  1.00 37.13 ? 95  ASN A CG    1 
ATOM   691  O OD1   . ASN A 1 97  ? 20.017  -10.241 11.082  1.00 33.16 ? 95  ASN A OD1   1 
ATOM   692  N ND2   . ASN A 1 97  ? 21.419  -11.980 11.220  1.00 39.02 ? 95  ASN A ND2   1 
ATOM   693  N N     . PRO A 1 98  ? 17.435  -12.706 10.661  1.00 32.99 ? 96  PRO A N     1 
ATOM   694  C CA    . PRO A 1 98  ? 16.137  -12.386 11.266  1.00 34.43 ? 96  PRO A CA    1 
ATOM   695  C C     . PRO A 1 98  ? 15.897  -10.897 11.504  1.00 32.85 ? 96  PRO A C     1 
ATOM   696  O O     . PRO A 1 98  ? 14.851  -10.379 11.116  1.00 27.92 ? 96  PRO A O     1 
ATOM   697  C CB    . PRO A 1 98  ? 16.163  -13.152 12.598  1.00 38.25 ? 96  PRO A CB    1 
ATOM   698  C CG    . PRO A 1 98  ? 17.082  -14.320 12.327  1.00 35.60 ? 96  PRO A CG    1 
ATOM   699  C CD    . PRO A 1 98  ? 18.146  -13.757 11.409  1.00 33.46 ? 96  PRO A CD    1 
ATOM   700  N N     . PHE A 1 99  ? 16.887  -10.219 12.105  1.00 28.07 ? 97  PHE A N     1 
ATOM   701  C CA    . PHE A 1 99  ? 16.783  -8.810  12.459  1.00 28.51 ? 97  PHE A CA    1 
ATOM   702  C C     . PHE A 1 99  ? 16.719  -7.946  11.202  1.00 27.22 ? 97  PHE A C     1 
ATOM   703  O O     . PHE A 1 99  ? 15.939  -6.995  11.152  1.00 25.83 ? 97  PHE A O     1 
ATOM   704  C CB    . PHE A 1 99  ? 17.918  -8.388  13.399  1.00 31.00 ? 97  PHE A CB    1 
ATOM   705  C CG    . PHE A 1 99  ? 17.919  -6.925  13.778  1.00 36.78 ? 97  PHE A CG    1 
ATOM   706  C CD1   . PHE A 1 99  ? 17.058  -6.440  14.755  1.00 43.00 ? 97  PHE A CD1   1 
ATOM   707  C CD2   . PHE A 1 99  ? 18.781  -6.031  13.157  1.00 38.10 ? 97  PHE A CD2   1 
ATOM   708  C CE1   . PHE A 1 99  ? 17.058  -5.095  15.099  1.00 42.44 ? 97  PHE A CE1   1 
ATOM   709  C CE2   . PHE A 1 99  ? 18.781  -4.685  13.501  1.00 39.03 ? 97  PHE A CE2   1 
ATOM   710  C CZ    . PHE A 1 99  ? 17.920  -4.220  14.473  1.00 40.04 ? 97  PHE A CZ    1 
ATOM   711  N N     . VAL A 1 100 ? 17.545  -8.288  10.204  1.00 23.76 ? 98  VAL A N     1 
ATOM   712  C CA    . VAL A 1 100 ? 17.605  -7.574  8.936   1.00 21.48 ? 98  VAL A CA    1 
ATOM   713  C C     . VAL A 1 100 ? 16.249  -7.687  8.237   1.00 22.48 ? 98  VAL A C     1 
ATOM   714  O O     . VAL A 1 100 ? 15.712  -6.681  7.774   1.00 18.70 ? 98  VAL A O     1 
ATOM   715  C CB    . VAL A 1 100 ? 18.778  -8.058  8.055   1.00 19.80 ? 98  VAL A CB    1 
ATOM   716  C CG1   . VAL A 1 100 ? 18.742  -7.466  6.652   1.00 22.20 ? 98  VAL A CG1   1 
ATOM   717  C CG2   . VAL A 1 100 ? 20.128  -7.778  8.705   1.00 24.68 ? 98  VAL A CG2   1 
ATOM   718  N N     . ALA A 1 101 ? 15.694  -8.908  8.208   1.00 21.81 ? 99  ALA A N     1 
ATOM   719  C CA    . ALA A 1 101 ? 14.392  -9.176  7.613   1.00 18.18 ? 99  ALA A CA    1 
ATOM   720  C C     . ALA A 1 101 ? 13.312  -8.328  8.283   1.00 19.54 ? 99  ALA A C     1 
ATOM   721  O O     . ALA A 1 101 ? 12.517  -7.695  7.592   1.00 16.73 ? 99  ALA A O     1 
ATOM   722  C CB    . ALA A 1 101 ? 14.070  -10.649 7.688   1.00 18.83 ? 99  ALA A CB    1 
ATOM   723  N N     . TRP A 1 102 ? 13.323  -8.299  9.624   1.00 20.78 ? 100 TRP A N     1 
ATOM   724  C CA    . TRP A 1 102 ? 12.387  -7.519  10.421  1.00 20.09 ? 100 TRP A CA    1 
ATOM   725  C C     . TRP A 1 102 ? 12.470  -6.039  10.051  1.00 23.31 ? 100 TRP A C     1 
ATOM   726  O O     . TRP A 1 102 ? 11.438  -5.387  9.918   1.00 21.56 ? 100 TRP A O     1 
ATOM   727  C CB    . TRP A 1 102 ? 12.610  -7.732  11.927  1.00 24.65 ? 100 TRP A CB    1 
ATOM   728  C CG    . TRP A 1 102 ? 12.424  -9.139  12.414  0.65 30.68 ? 100 TRP A CG    1 
ATOM   729  C CD1   . TRP A 1 102 ? 11.694  -10.132 11.827  0.65 33.23 ? 100 TRP A CD1   1 
ATOM   730  C CD2   . TRP A 1 102 ? 12.971  -9.710  13.619  0.65 34.23 ? 100 TRP A CD2   1 
ATOM   731  N NE1   . TRP A 1 102 ? 11.757  -11.279 12.569  0.65 34.26 ? 100 TRP A NE1   1 
ATOM   732  C CE2   . TRP A 1 102 ? 12.531  -11.053 13.675  0.65 35.70 ? 100 TRP A CE2   1 
ATOM   733  C CE3   . TRP A 1 102 ? 13.788  -9.226  14.649  0.65 38.18 ? 100 TRP A CE3   1 
ATOM   734  C CZ2   . TRP A 1 102 ? 12.883  -11.908 14.722  0.65 38.39 ? 100 TRP A CZ2   1 
ATOM   735  C CZ3   . TRP A 1 102 ? 14.136  -10.072 15.681  0.65 39.57 ? 100 TRP A CZ3   1 
ATOM   736  C CH2   . TRP A 1 102 ? 13.687  -11.396 15.715  0.65 38.21 ? 100 TRP A CH2   1 
ATOM   737  N N     . MET A 1 103 ? 13.700  -5.535  9.876   1.00 19.76 ? 101 MET A N     1 
ATOM   738  C CA    . MET A 1 103 ? 13.951  -4.141  9.539   0.99 19.85 ? 101 MET A CA    1 
ATOM   739  C C     . MET A 1 103 ? 13.346  -3.805  8.177   1.00 17.31 ? 101 MET A C     1 
ATOM   740  O O     . MET A 1 103 ? 12.721  -2.758  8.033   1.00 18.35 ? 101 MET A O     1 
ATOM   741  C CB    . MET A 1 103 ? 15.448  -3.812  9.540   0.99 22.46 ? 101 MET A CB    1 
ATOM   742  C CG    . MET A 1 103 ? 16.053  -3.670  10.932  0.99 30.88 ? 101 MET A CG    1 
ATOM   743  S SD    . MET A 1 103 ? 15.317  -2.355  11.946  0.99 41.17 ? 101 MET A SD    1 
ATOM   744  C CE    . MET A 1 103 ? 16.039  -0.897  11.193  0.99 43.81 ? 101 MET A CE    1 
ATOM   745  N N     . HIS A 1 104 ? 13.510  -4.712  7.201   1.00 15.81 ? 102 HIS A N     1 
ATOM   746  C CA    . HIS A 1 104 ? 12.921  -4.559  5.877   1.00 14.89 ? 102 HIS A CA    1 
ATOM   747  C C     . HIS A 1 104 ? 11.406  -4.397  5.986   1.00 14.89 ? 102 HIS A C     1 
ATOM   748  O O     . HIS A 1 104 ? 10.833  -3.482  5.392   1.00 15.27 ? 102 HIS A O     1 
ATOM   749  C CB    . HIS A 1 104 ? 13.263  -5.758  4.981   1.00 15.94 ? 102 HIS A CB    1 
ATOM   750  C CG    . HIS A 1 104 ? 14.597  -5.674  4.320   1.00 14.68 ? 102 HIS A CG    1 
ATOM   751  N ND1   . HIS A 1 104 ? 15.777  -5.908  5.001   1.00 16.24 ? 102 HIS A ND1   1 
ATOM   752  C CD2   . HIS A 1 104 ? 14.943  -5.397  3.046   1.00 14.16 ? 102 HIS A CD2   1 
ATOM   753  C CE1   . HIS A 1 104 ? 16.792  -5.766  4.176   1.00 14.42 ? 102 HIS A CE1   1 
ATOM   754  N NE2   . HIS A 1 104 ? 16.308  -5.462  2.968   1.00 16.64 ? 102 HIS A NE2   1 
ATOM   755  N N     . PHE A 1 105 ? 10.776  -5.288  6.761   1.00 14.06 ? 103 PHE A N     1 
ATOM   756  C CA    . PHE A 1 105 ? 9.327   -5.351  6.861   1.00 14.93 ? 103 PHE A CA    1 
ATOM   757  C C     . PHE A 1 105 ? 8.778   -4.154  7.637   1.00 15.85 ? 103 PHE A C     1 
ATOM   758  O O     . PHE A 1 105 ? 7.721   -3.637  7.275   1.00 17.02 ? 103 PHE A O     1 
ATOM   759  C CB    . PHE A 1 105 ? 8.860   -6.673  7.481   1.00 13.69 ? 103 PHE A CB    1 
ATOM   760  C CG    . PHE A 1 105 ? 9.361   -7.946  6.840   1.00 14.00 ? 103 PHE A CG    1 
ATOM   761  C CD1   . PHE A 1 105 ? 9.576   -8.041  5.470   1.00 15.80 ? 103 PHE A CD1   1 
ATOM   762  C CD2   . PHE A 1 105 ? 9.580   -9.078  7.616   1.00 15.49 ? 103 PHE A CD2   1 
ATOM   763  C CE1   . PHE A 1 105 ? 10.030  -9.224  4.898   1.00 15.26 ? 103 PHE A CE1   1 
ATOM   764  C CE2   . PHE A 1 105 ? 10.031  -10.260 7.044   1.00 17.32 ? 103 PHE A CE2   1 
ATOM   765  C CZ    . PHE A 1 105 ? 10.257  -10.333 5.686   1.00 15.29 ? 103 PHE A CZ    1 
ATOM   766  N N     . LEU A 1 106 ? 9.498   -3.730  8.691   1.00 17.05 ? 104 LEU A N     1 
ATOM   767  C CA    A LEU A 1 106 ? 9.068   -2.645  9.563   0.50 17.61 ? 104 LEU A CA    1 
ATOM   768  C CA    B LEU A 1 106 ? 9.051   -2.647  9.555   0.50 17.07 ? 104 LEU A CA    1 
ATOM   769  C C     . LEU A 1 106 ? 9.167   -1.306  8.832   1.00 16.31 ? 104 LEU A C     1 
ATOM   770  O O     . LEU A 1 106 ? 8.279   -0.466  8.962   1.00 16.15 ? 104 LEU A O     1 
ATOM   771  C CB    A LEU A 1 106 ? 9.912   -2.648  10.844  0.50 19.76 ? 104 LEU A CB    1 
ATOM   772  C CB    B LEU A 1 106 ? 9.841   -2.656  10.868  0.50 18.33 ? 104 LEU A CB    1 
ATOM   773  C CG    A LEU A 1 106 ? 9.430   -1.723  11.961  0.50 21.15 ? 104 LEU A CG    1 
ATOM   774  C CG    B LEU A 1 106 ? 9.338   -3.639  11.925  0.50 18.00 ? 104 LEU A CG    1 
ATOM   775  C CD1   A LEU A 1 106 ? 7.963   -1.971  12.278  0.50 18.67 ? 104 LEU A CD1   1 
ATOM   776  C CD1   B LEU A 1 106 ? 10.189  -3.564  13.183  0.50 20.13 ? 104 LEU A CD1   1 
ATOM   777  C CD2   A LEU A 1 106 ? 10.283  -1.889  13.209  0.50 22.30 ? 104 LEU A CD2   1 
ATOM   778  C CD2   B LEU A 1 106 ? 7.875   -3.382  12.254  0.50 17.37 ? 104 LEU A CD2   1 
ATOM   779  N N     . VAL A 1 107 ? 10.260  -1.114  8.075   1.00 15.84 ? 105 VAL A N     1 
ATOM   780  C CA    . VAL A 1 107 ? 10.446  0.102   7.294   1.00 15.53 ? 105 VAL A CA    1 
ATOM   781  C C     . VAL A 1 107 ? 9.298   0.228   6.292   1.00 15.13 ? 105 VAL A C     1 
ATOM   782  O O     . VAL A 1 107 ? 8.729   1.309   6.145   1.00 15.29 ? 105 VAL A O     1 
ATOM   783  C CB    . VAL A 1 107 ? 11.834  0.189   6.624   1.00 16.60 ? 105 VAL A CB    1 
ATOM   784  C CG1   . VAL A 1 107 ? 11.912  1.298   5.581   1.00 17.17 ? 105 VAL A CG1   1 
ATOM   785  C CG2   . VAL A 1 107 ? 12.942  0.375   7.652   1.00 17.42 ? 105 VAL A CG2   1 
ATOM   786  N N     . PHE A 1 108 ? 8.935   -0.891  5.651   1.00 12.67 ? 106 PHE A N     1 
ATOM   787  C CA    . PHE A 1 108 ? 7.851   -0.873  4.682   1.00 13.04 ? 106 PHE A CA    1 
ATOM   788  C C     . PHE A 1 108 ? 6.521   -0.560  5.363   1.00 14.50 ? 106 PHE A C     1 
ATOM   789  O O     . PHE A 1 108 ? 5.780   0.287   4.874   1.00 14.83 ? 106 PHE A O     1 
ATOM   790  C CB    . PHE A 1 108 ? 7.786   -2.156  3.846   1.00 11.47 ? 106 PHE A CB    1 
ATOM   791  C CG    . PHE A 1 108 ? 6.813   -2.048  2.700   1.00 11.79 ? 106 PHE A CG    1 
ATOM   792  C CD1   . PHE A 1 108 ? 7.129   -1.304  1.571   1.00 13.55 ? 106 PHE A CD1   1 
ATOM   793  C CD2   . PHE A 1 108 ? 5.561   -2.643  2.764   1.00 11.66 ? 106 PHE A CD2   1 
ATOM   794  C CE1   . PHE A 1 108 ? 6.227   -1.182  0.524   1.00 12.90 ? 106 PHE A CE1   1 
ATOM   795  C CE2   . PHE A 1 108 ? 4.663   -2.530  1.713   1.00 13.50 ? 106 PHE A CE2   1 
ATOM   796  C CZ    . PHE A 1 108 ? 5.001   -1.806  0.591   1.00 12.33 ? 106 PHE A CZ    1 
ATOM   797  N N     . LEU A 1 109 ? 6.232   -1.245  6.477   1.00 12.92 ? 107 LEU A N     1 
ATOM   798  C CA    . LEU A 1 109 ? 4.978   -1.082  7.197   1.00 12.80 ? 107 LEU A CA    1 
ATOM   799  C C     . LEU A 1 109 ? 4.813   0.365   7.663   1.00 13.98 ? 107 LEU A C     1 
ATOM   800  O O     . LEU A 1 109 ? 3.774   0.970   7.405   1.00 14.60 ? 107 LEU A O     1 
ATOM   801  C CB    . LEU A 1 109 ? 4.913   -2.069  8.371   1.00 15.75 ? 107 LEU A CB    1 
ATOM   802  C CG    . LEU A 1 109 ? 3.731   -1.904  9.331   1.00 15.79 ? 107 LEU A CG    1 
ATOM   803  C CD1   . LEU A 1 109 ? 2.401   -2.186  8.643   1.00 16.90 ? 107 LEU A CD1   1 
ATOM   804  C CD2   . LEU A 1 109 ? 3.900   -2.793  10.554  1.00 19.64 ? 107 LEU A CD2   1 
ATOM   805  N N     . VAL A 1 110 ? 5.839   0.899   8.346   1.00 14.93 ? 108 VAL A N     1 
ATOM   806  C CA    . VAL A 1 110 ? 5.796   2.241   8.911   1.00 16.47 ? 108 VAL A CA    1 
ATOM   807  C C     . VAL A 1 110 ? 5.682   3.264   7.779   1.00 15.64 ? 108 VAL A C     1 
ATOM   808  O O     . VAL A 1 110 ? 4.842   4.160   7.840   1.00 15.27 ? 108 VAL A O     1 
ATOM   809  C CB    . VAL A 1 110 ? 6.987   2.521   9.855   1.00 17.56 ? 108 VAL A CB    1 
ATOM   810  C CG1   . VAL A 1 110 ? 7.084   3.988   10.255  1.00 16.42 ? 108 VAL A CG1   1 
ATOM   811  C CG2   . VAL A 1 110 ? 6.941   1.645   11.099  1.00 18.92 ? 108 VAL A CG2   1 
ATOM   812  N N     . GLY A 1 111 ? 6.511   3.100   6.740   1.00 14.79 ? 109 GLY A N     1 
ATOM   813  C CA    . GLY A 1 111 ? 6.505   3.980   5.579   1.00 12.24 ? 109 GLY A CA    1 
ATOM   814  C C     . GLY A 1 111 ? 5.138   4.048   4.898   1.00 13.80 ? 109 GLY A C     1 
ATOM   815  O O     . GLY A 1 111 ? 4.682   5.127   4.523   1.00 13.51 ? 109 GLY A O     1 
ATOM   816  N N     . ARG A 1 112 ? 4.482   2.889   4.762   1.00 11.99 ? 110 ARG A N     1 
ATOM   817  C CA    . ARG A 1 112 ? 3.209   2.813   4.057   1.00 11.65 ? 110 ARG A CA    1 
ATOM   818  C C     . ARG A 1 112 ? 2.066   3.396   4.887   1.00 10.71 ? 110 ARG A C     1 
ATOM   819  O O     . ARG A 1 112 ? 1.174   4.039   4.332   1.00 10.63 ? 110 ARG A O     1 
ATOM   820  C CB    . ARG A 1 112 ? 2.910   1.382   3.606   1.00 11.01 ? 110 ARG A CB    1 
ATOM   821  C CG    . ARG A 1 112 ? 3.747   0.902   2.427   1.00 11.97 ? 110 ARG A CG    1 
ATOM   822  C CD    . ARG A 1 112 ? 3.899   1.843   1.242   1.00 10.91 ? 110 ARG A CD    1 
ATOM   823  N NE    . ARG A 1 112 ? 2.615   2.295   0.723   1.00 11.34 ? 110 ARG A NE    1 
ATOM   824  C CZ    . ARG A 1 112 ? 2.460   3.165   -0.269  1.00 11.38 ? 110 ARG A CZ    1 
ATOM   825  N NH1   . ARG A 1 112 ? 3.514   3.689   -0.873  1.00 12.72 ? 110 ARG A NH1   1 
ATOM   826  N NH2   . ARG A 1 112 ? 1.243   3.505   -0.654  1.00 13.70 ? 110 ARG A NH2   1 
ATOM   827  N N     . VAL A 1 113 ? 2.069   3.140   6.201   1.00 13.03 ? 111 VAL A N     1 
ATOM   828  C CA    . VAL A 1 113 ? 1.078   3.726   7.093   1.00 13.00 ? 111 VAL A CA    1 
ATOM   829  C C     . VAL A 1 113 ? 1.228   5.248   7.072   1.00 12.73 ? 111 VAL A C     1 
ATOM   830  O O     . VAL A 1 113 ? 0.231   5.959   6.941   1.00 13.52 ? 111 VAL A O     1 
ATOM   831  C CB    . VAL A 1 113 ? 1.137   3.126   8.515   1.00 13.14 ? 111 VAL A CB    1 
ATOM   832  C CG1   . VAL A 1 113 ? 0.272   3.898   9.503   1.00 16.60 ? 111 VAL A CG1   1 
ATOM   833  C CG2   . VAL A 1 113 ? 0.740   1.655   8.516   1.00 15.78 ? 111 VAL A CG2   1 
ATOM   834  N N     . ALA A 1 114 ? 2.475   5.731   7.151   1.00 14.21 ? 112 ALA A N     1 
ATOM   835  C CA    . ALA A 1 114 ? 2.777   7.154   7.092   1.00 13.26 ? 112 ALA A CA    1 
ATOM   836  C C     . ALA A 1 114 ? 2.316   7.751   5.761   1.00 14.42 ? 112 ALA A C     1 
ATOM   837  O O     . ALA A 1 114 ? 1.827   8.882   5.733   1.00 13.46 ? 112 ALA A O     1 
ATOM   838  C CB    . ALA A 1 114 ? 4.250   7.384   7.330   1.00 14.47 ? 112 ALA A CB    1 
ATOM   839  N N     . HIS A 1 115 ? 2.455   6.980   4.672   1.00 12.17 ? 113 HIS A N     1 
ATOM   840  C CA    . HIS A 1 115 ? 2.053   7.417   3.342   1.00 10.56 ? 113 HIS A CA    1 
ATOM   841  C C     . HIS A 1 115 ? 0.560   7.730   3.303   1.00 13.00 ? 113 HIS A C     1 
ATOM   842  O O     . HIS A 1 115 ? 0.162   8.764   2.773   1.00 12.73 ? 113 HIS A O     1 
ATOM   843  C CB    . HIS A 1 115 ? 2.451   6.395   2.264   1.00 11.60 ? 113 HIS A CB    1 
ATOM   844  C CG    . HIS A 1 115 ? 2.190   6.878   0.875   1.00 10.85 ? 113 HIS A CG    1 
ATOM   845  N ND1   . HIS A 1 115 ? 0.968   6.716   0.253   1.00 12.49 ? 113 HIS A ND1   1 
ATOM   846  C CD2   . HIS A 1 115 ? 2.981   7.522   -0.008  1.00 12.33 ? 113 HIS A CD2   1 
ATOM   847  C CE1   . HIS A 1 115 ? 1.021   7.241   -0.956  1.00 11.03 ? 113 HIS A CE1   1 
ATOM   848  N NE2   . HIS A 1 115 ? 2.246   7.744   -1.139  1.00 11.24 ? 113 HIS A NE2   1 
ATOM   849  N N     . THR A 1 116 ? -0.260  6.822   3.850   1.00 12.11 ? 114 THR A N     1 
ATOM   850  C CA    . THR A 1 116 ? -1.705  6.989   3.853   1.00 12.56 ? 114 THR A CA    1 
ATOM   851  C C     . THR A 1 116 ? -2.092  8.204   4.695   1.00 13.27 ? 114 THR A C     1 
ATOM   852  O O     . THR A 1 116 ? -2.976  8.970   4.308   1.00 13.49 ? 114 THR A O     1 
ATOM   853  C CB    . THR A 1 116 ? -2.404  5.691   4.275   1.00 14.06 ? 114 THR A CB    1 
ATOM   854  O OG1   . THR A 1 116 ? -1.986  4.668   3.373   1.00 13.27 ? 114 THR A OG1   1 
ATOM   855  C CG2   . THR A 1 116 ? -3.913  5.784   4.249   1.00 13.07 ? 114 THR A CG2   1 
ATOM   856  N N     . VAL A 1 117 ? -1.430  8.361   5.849   1.00 13.52 ? 115 VAL A N     1 
ATOM   857  C CA    . VAL A 1 117 ? -1.685  9.484   6.740   1.00 14.88 ? 115 VAL A CA    1 
ATOM   858  C C     . VAL A 1 117 ? -1.353  10.790  6.016   1.00 14.41 ? 115 VAL A C     1 
ATOM   859  O O     . VAL A 1 117 ? -2.152  11.727  6.045   1.00 14.59 ? 115 VAL A O     1 
ATOM   860  C CB    . VAL A 1 117 ? -0.950  9.329   8.089   1.00 15.45 ? 115 VAL A CB    1 
ATOM   861  C CG1   . VAL A 1 117 ? -1.013  10.593  8.939   1.00 18.03 ? 115 VAL A CG1   1 
ATOM   862  C CG2   . VAL A 1 117 ? -1.488  8.146   8.881   1.00 16.97 ? 115 VAL A CG2   1 
ATOM   863  N N     . ALA A 1 118 ? -0.200  10.821  5.332   1.00 14.30 ? 116 ALA A N     1 
ATOM   864  C CA    . ALA A 1 118 ? 0.274   12.000  4.619   1.00 13.56 ? 116 ALA A CA    1 
ATOM   865  C C     . ALA A 1 118 ? -0.639  12.338  3.440   1.00 15.43 ? 116 ALA A C     1 
ATOM   866  O O     . ALA A 1 118 ? -0.845  13.514  3.144   1.00 15.24 ? 116 ALA A O     1 
ATOM   867  C CB    . ALA A 1 118 ? 1.706   11.807  4.184   1.00 14.84 ? 116 ALA A CB    1 
ATOM   868  N N     . TYR A 1 119 ? -1.182  11.306  2.778   1.00 12.69 ? 117 TYR A N     1 
ATOM   869  C CA    . TYR A 1 119 ? -2.028  11.494  1.609   1.00 11.69 ? 117 TYR A CA    1 
ATOM   870  C C     . TYR A 1 119 ? -3.407  12.008  2.014   1.00 13.64 ? 117 TYR A C     1 
ATOM   871  O O     . TYR A 1 119 ? -3.842  13.057  1.537   1.00 14.79 ? 117 TYR A O     1 
ATOM   872  C CB    . TYR A 1 119 ? -2.163  10.213  0.775   1.00 11.39 ? 117 TYR A CB    1 
ATOM   873  C CG    . TYR A 1 119 ? -2.154  10.456  -0.715  1.00 10.41 ? 117 TYR A CG    1 
ATOM   874  C CD1   . TYR A 1 119 ? -2.519  11.693  -1.233  1.00 13.25 ? 117 TYR A CD1   1 
ATOM   875  C CD2   . TYR A 1 119 ? -1.740  9.479   -1.609  1.00 12.11 ? 117 TYR A CD2   1 
ATOM   876  C CE1   . TYR A 1 119 ? -2.487  11.949  -2.594  1.00 12.92 ? 117 TYR A CE1   1 
ATOM   877  C CE2   . TYR A 1 119 ? -1.703  9.720   -2.976  1.00 13.01 ? 117 TYR A CE2   1 
ATOM   878  C CZ    . TYR A 1 119 ? -2.074  10.962  -3.470  1.00 13.30 ? 117 TYR A CZ    1 
ATOM   879  O OH    . TYR A 1 119 ? -2.040  11.233  -4.806  1.00 14.44 ? 117 TYR A OH    1 
ATOM   880  N N     . LEU A 1 120 ? -4.092  11.249  2.877   1.00 13.19 ? 118 LEU A N     1 
ATOM   881  C CA    . LEU A 1 120 ? -5.466  11.548  3.246   1.00 13.92 ? 118 LEU A CA    1 
ATOM   882  C C     . LEU A 1 120 ? -5.518  12.749  4.191   1.00 16.49 ? 118 LEU A C     1 
ATOM   883  O O     . LEU A 1 120 ? -6.533  13.443  4.241   1.00 18.66 ? 118 LEU A O     1 
ATOM   884  C CB    . LEU A 1 120 ? -6.121  10.304  3.862   1.00 15.16 ? 118 LEU A CB    1 
ATOM   885  C CG    . LEU A 1 120 ? -6.173  9.041   2.994   1.00 15.45 ? 118 LEU A CG    1 
ATOM   886  C CD1   . LEU A 1 120 ? -6.961  7.946   3.696   1.00 18.08 ? 118 LEU A CD1   1 
ATOM   887  C CD2   . LEU A 1 120 ? -6.768  9.312   1.617   1.00 16.67 ? 118 LEU A CD2   1 
ATOM   888  N N     . GLY A 1 121 ? -4.416  12.989  4.915   1.00 16.84 ? 119 GLY A N     1 
ATOM   889  C CA    . GLY A 1 121 ? -4.294  14.116  5.831   1.00 16.59 ? 119 GLY A CA    1 
ATOM   890  C C     . GLY A 1 121 ? -3.838  15.407  5.151   1.00 18.37 ? 119 GLY A C     1 
ATOM   891  O O     . GLY A 1 121 ? -3.784  16.450  5.801   1.00 19.16 ? 119 GLY A O     1 
ATOM   892  N N     . LYS A 1 122 ? -3.503  15.321  3.853   1.00 16.72 ? 120 LYS A N     1 
ATOM   893  C CA    . LYS A 1 122 ? -3.112  16.449  3.013   1.00 17.63 ? 120 LYS A CA    1 
ATOM   894  C C     . LYS A 1 122 ? -1.913  17.181  3.621   1.00 19.54 ? 120 LYS A C     1 
ATOM   895  O O     . LYS A 1 122 ? -1.899  18.412  3.691   1.00 20.79 ? 120 LYS A O     1 
ATOM   896  C CB    . LYS A 1 122 ? -4.294  17.393  2.749   1.00 20.34 ? 120 LYS A CB    1 
ATOM   897  C CG    . LYS A 1 122 ? -5.572  16.743  2.235   1.00 19.46 ? 120 LYS A CG    1 
ATOM   898  C CD    . LYS A 1 122 ? -6.720  17.716  2.080   1.00 23.31 ? 120 LYS A CD    1 
ATOM   899  C CE    . LYS A 1 122 ? -8.028  17.033  1.739   1.00 24.36 ? 120 LYS A CE    1 
ATOM   900  N NZ    . LYS A 1 122 ? -9.136  18.007  1.594   1.00 29.50 ? 120 LYS A NZ    1 
ATOM   901  N N     . LEU A 1 123 ? -0.904  16.416  4.052   1.00 15.80 ? 121 LEU A N     1 
ATOM   902  C CA    . LEU A 1 123 ? 0.296   16.988  4.647   1.00 16.37 ? 121 LEU A CA    1 
ATOM   903  C C     . LEU A 1 123 ? 1.146   17.626  3.553   1.00 15.38 ? 121 LEU A C     1 
ATOM   904  O O     . LEU A 1 123 ? 1.078   17.222  2.394   1.00 16.39 ? 121 LEU A O     1 
ATOM   905  C CB    . LEU A 1 123 ? 1.075   15.908  5.409   1.00 16.49 ? 121 LEU A CB    1 
ATOM   906  C CG    . LEU A 1 123 ? 0.400   15.316  6.651   1.00 17.86 ? 121 LEU A CG    1 
ATOM   907  C CD1   . LEU A 1 123 ? 1.339   14.357  7.366   1.00 19.22 ? 121 LEU A CD1   1 
ATOM   908  C CD2   . LEU A 1 123 ? -0.072  16.399  7.615   1.00 23.14 ? 121 LEU A CD2   1 
ATOM   909  N N     . ARG A 1 124 ? 1.932   18.641  3.939   1.00 17.16 ? 122 ARG A N     1 
ATOM   910  C CA    . ARG A 1 124 ? 2.730   19.417  3.002   1.00 18.35 ? 122 ARG A CA    1 
ATOM   911  C C     . ARG A 1 124 ? 3.744   18.515  2.299   1.00 16.41 ? 122 ARG A C     1 
ATOM   912  O O     . ARG A 1 124 ? 4.225   17.536  2.874   1.00 16.81 ? 122 ARG A O     1 
ATOM   913  C CB    . ARG A 1 124 ? 3.409   20.595  3.712   1.00 20.29 ? 122 ARG A CB    1 
ATOM   914  C CG    . ARG A 1 124 ? 4.479   20.194  4.720   1.00 21.72 ? 122 ARG A CG    1 
ATOM   915  C CD    . ARG A 1 124 ? 5.177   21.369  5.371   1.00 24.16 ? 122 ARG A CD    1 
ATOM   916  N NE    . ARG A 1 124 ? 6.307   20.935  6.185   1.00 31.50 ? 122 ARG A NE    1 
ATOM   917  C CZ    . ARG A 1 124 ? 6.241   20.556  7.460   1.00 37.78 ? 122 ARG A CZ    1 
ATOM   918  N NH1   . ARG A 1 124 ? 5.087   20.563  8.108   1.00 38.99 ? 122 ARG A NH1   1 
ATOM   919  N NH2   . ARG A 1 124 ? 7.337   20.167  8.085   1.00 43.35 ? 122 ARG A NH2   1 
ATOM   920  N N     . ALA A 1 125 ? 4.043   18.856  1.041   1.00 15.55 ? 123 ALA A N     1 
ATOM   921  C CA    . ALA A 1 125 ? 5.110   18.214  0.291   1.00 15.59 ? 123 ALA A CA    1 
ATOM   922  C C     . ALA A 1 125 ? 6.457   18.606  0.901   1.00 16.87 ? 123 ALA A C     1 
ATOM   923  O O     . ALA A 1 125 ? 6.605   19.734  1.372   1.00 18.01 ? 123 ALA A O     1 
ATOM   924  C CB    . ALA A 1 125 ? 5.008   18.604  -1.163  1.00 15.78 ? 123 ALA A CB    1 
ATOM   925  N N     . PRO A 1 126 ? 7.442   17.691  0.903   1.00 17.00 ? 124 PRO A N     1 
ATOM   926  C CA    . PRO A 1 126 ? 7.385   16.397  0.235   1.00 16.31 ? 124 PRO A CA    1 
ATOM   927  C C     . PRO A 1 126 ? 7.193   15.187  1.153   1.00 15.88 ? 124 PRO A C     1 
ATOM   928  O O     . PRO A 1 126 ? 7.703   14.109  0.851   1.00 17.11 ? 124 PRO A O     1 
ATOM   929  C CB    . PRO A 1 126 ? 8.752   16.338  -0.465  1.00 18.96 ? 124 PRO A CB    1 
ATOM   930  C CG    . PRO A 1 126 ? 9.688   16.979  0.529   1.00 19.70 ? 124 PRO A CG    1 
ATOM   931  C CD    . PRO A 1 126 ? 8.839   18.015  1.239   1.00 18.09 ? 124 PRO A CD    1 
ATOM   932  N N     . ILE A 1 127 ? 6.425   15.359  2.239   1.00 16.57 ? 125 ILE A N     1 
ATOM   933  C CA    . ILE A 1 127 ? 6.273   14.326  3.260   1.00 14.57 ? 125 ILE A CA    1 
ATOM   934  C C     . ILE A 1 127 ? 5.788   13.019  2.628   1.00 14.46 ? 125 ILE A C     1 
ATOM   935  O O     . ILE A 1 127 ? 6.421   11.982  2.812   1.00 16.21 ? 125 ILE A O     1 
ATOM   936  C CB    . ILE A 1 127 ? 5.397   14.799  4.444   1.00 16.68 ? 125 ILE A CB    1 
ATOM   937  C CG1   . ILE A 1 127 ? 6.064   15.952  5.204   1.00 15.91 ? 125 ILE A CG1   1 
ATOM   938  C CG2   . ILE A 1 127 ? 5.049   13.639  5.373   1.00 17.07 ? 125 ILE A CG2   1 
ATOM   939  C CD1   . ILE A 1 127 ? 5.137   16.735  6.106   1.00 18.06 ? 125 ILE A CD1   1 
ATOM   940  N N     . ARG A 1 128 ? 4.697   13.082  1.853   1.00 14.01 ? 126 ARG A N     1 
ATOM   941  C CA    . ARG A 1 128 ? 4.122   11.897  1.228   1.00 12.52 ? 126 ARG A CA    1 
ATOM   942  C C     . ARG A 1 128 ? 5.138   11.232  0.300   1.00 14.85 ? 126 ARG A C     1 
ATOM   943  O O     . ARG A 1 128 ? 5.332   10.020  0.373   1.00 14.12 ? 126 ARG A O     1 
ATOM   944  C CB    . ARG A 1 128 ? 2.833   12.246  0.479   1.00 14.25 ? 126 ARG A CB    1 
ATOM   945  C CG    . ARG A 1 128 ? 2.073   11.036  -0.047  1.00 13.20 ? 126 ARG A CG    1 
ATOM   946  C CD    . ARG A 1 128 ? 1.089   11.425  -1.130  1.00 14.10 ? 126 ARG A CD    1 
ATOM   947  N NE    . ARG A 1 128 ? 1.710   11.753  -2.405  1.00 13.56 ? 126 ARG A NE    1 
ATOM   948  C CZ    . ARG A 1 128 ? 1.832   12.974  -2.923  1.00 13.93 ? 126 ARG A CZ    1 
ATOM   949  N NH1   . ARG A 1 128 ? 1.359   14.035  -2.288  1.00 14.49 ? 126 ARG A NH1   1 
ATOM   950  N NH2   . ARG A 1 128 ? 2.421   13.123  -4.095  1.00 14.39 ? 126 ARG A NH2   1 
ATOM   951  N N     . SER A 1 129 ? 5.782   12.033  -0.560  1.00 14.67 ? 127 SER A N     1 
ATOM   952  C CA    . SER A 1 129 ? 6.709   11.531  -1.563  1.00 15.15 ? 127 SER A CA    1 
ATOM   953  C C     . SER A 1 129 ? 7.926   10.874  -0.913  1.00 15.75 ? 127 SER A C     1 
ATOM   954  O O     . SER A 1 129 ? 8.446   9.892   -1.442  1.00 14.72 ? 127 SER A O     1 
ATOM   955  C CB    . SER A 1 129 ? 7.099   12.612  -2.543  1.00 15.51 ? 127 SER A CB    1 
ATOM   956  O OG    . SER A 1 129 ? 5.970   13.032  -3.299  1.00 17.70 ? 127 SER A OG    1 
ATOM   957  N N     . VAL A 1 130 ? 8.348   11.405  0.246   1.00 15.48 ? 128 VAL A N     1 
ATOM   958  C CA    . VAL A 1 130 ? 9.466   10.870  1.012   1.00 15.74 ? 128 VAL A CA    1 
ATOM   959  C C     . VAL A 1 130 ? 9.097   9.495   1.575   1.00 15.02 ? 128 VAL A C     1 
ATOM   960  O O     . VAL A 1 130 ? 9.893   8.564   1.466   1.00 15.90 ? 128 VAL A O     1 
ATOM   961  C CB    . VAL A 1 130 ? 9.954   11.855  2.098   1.00 16.15 ? 128 VAL A CB    1 
ATOM   962  C CG1   . VAL A 1 130 ? 10.875  11.198  3.119   1.00 18.54 ? 128 VAL A CG1   1 
ATOM   963  C CG2   . VAL A 1 130 ? 10.639  13.069  1.484   1.00 17.59 ? 128 VAL A CG2   1 
ATOM   964  N N     . THR A 1 131 ? 7.895   9.372   2.159   1.00 13.75 ? 129 THR A N     1 
ATOM   965  C CA    . THR A 1 131 ? 7.441   8.113   2.741   1.00 13.93 ? 129 THR A CA    1 
ATOM   966  C C     . THR A 1 131 ? 7.327   7.037   1.662   1.00 14.21 ? 129 THR A C     1 
ATOM   967  O O     . THR A 1 131 ? 7.671   5.883   1.907   1.00 14.12 ? 129 THR A O     1 
ATOM   968  C CB    . THR A 1 131 ? 6.132   8.248   3.533   1.00 14.19 ? 129 THR A CB    1 
ATOM   969  O OG1   . THR A 1 131 ? 5.053   8.547   2.647   1.00 16.01 ? 129 THR A OG1   1 
ATOM   970  C CG2   . THR A 1 131 ? 6.195   9.261   4.656   1.00 17.33 ? 129 THR A CG2   1 
ATOM   971  N N     . TYR A 1 132 ? 6.855   7.439   0.472   1.00 13.06 ? 130 TYR A N     1 
ATOM   972  C CA    . TYR A 1 132 ? 6.720   6.576   -0.693  1.00 13.90 ? 130 TYR A CA    1 
ATOM   973  C C     . TYR A 1 132 ? 8.089   6.018   -1.078  1.00 15.20 ? 130 TYR A C     1 
ATOM   974  O O     . TYR A 1 132 ? 8.256   4.800   -1.167  1.00 13.80 ? 130 TYR A O     1 
ATOM   975  C CB    . TYR A 1 132 ? 5.999   7.354   -1.800  1.00 15.47 ? 130 TYR A CB    1 
ATOM   976  C CG    . TYR A 1 132 ? 5.971   6.799   -3.205  1.00 14.44 ? 130 TYR A CG    1 
ATOM   977  C CD1   . TYR A 1 132 ? 5.847   5.441   -3.479  1.00 13.33 ? 130 TYR A CD1   1 
ATOM   978  C CD2   . TYR A 1 132 ? 5.990   7.671   -4.284  1.00 15.10 ? 130 TYR A CD2   1 
ATOM   979  C CE1   . TYR A 1 132 ? 5.797   4.971   -4.785  1.00 15.91 ? 130 TYR A CE1   1 
ATOM   980  C CE2   . TYR A 1 132 ? 5.936   7.220   -5.593  1.00 15.67 ? 130 TYR A CE2   1 
ATOM   981  C CZ    . TYR A 1 132 ? 5.837   5.862   -5.845  1.00 17.51 ? 130 TYR A CZ    1 
ATOM   982  O OH    . TYR A 1 132 ? 5.785   5.422   -7.136  1.00 18.22 ? 130 TYR A OH    1 
ATOM   983  N N     . THR A 1 133 ? 9.067   6.916   -1.251  1.00 15.51 ? 131 THR A N     1 
ATOM   984  C CA    . THR A 1 133 ? 10.415  6.573   -1.681  1.00 17.09 ? 131 THR A CA    1 
ATOM   985  C C     . THR A 1 133 ? 11.084  5.672   -0.641  1.00 17.29 ? 131 THR A C     1 
ATOM   986  O O     . THR A 1 133 ? 11.690  4.662   -1.006  1.00 16.53 ? 131 THR A O     1 
ATOM   987  C CB    . THR A 1 133 ? 11.222  7.839   -2.016  1.00 18.60 ? 131 THR A CB    1 
ATOM   988  O OG1   . THR A 1 133 ? 10.480  8.633   -2.943  1.00 19.00 ? 131 THR A OG1   1 
ATOM   989  C CG2   . THR A 1 133 ? 12.580  7.545   -2.612  1.00 20.31 ? 131 THR A CG2   1 
ATOM   990  N N     . LEU A 1 134 ? 10.950  6.041   0.642   1.00 16.17 ? 132 LEU A N     1 
ATOM   991  C CA    . LEU A 1 134 ? 11.560  5.337   1.763   1.00 19.17 ? 132 LEU A CA    1 
ATOM   992  C C     . LEU A 1 134 ? 11.081  3.886   1.805   1.00 16.75 ? 132 LEU A C     1 
ATOM   993  O O     . LEU A 1 134 ? 11.896  2.974   1.926   1.00 16.60 ? 132 LEU A O     1 
ATOM   994  C CB    . LEU A 1 134 ? 11.218  6.070   3.067   1.00 22.85 ? 132 LEU A CB    1 
ATOM   995  C CG    . LEU A 1 134 ? 11.999  5.642   4.310   1.00 33.73 ? 132 LEU A CG    1 
ATOM   996  C CD1   . LEU A 1 134 ? 13.255  6.486   4.481   1.00 38.33 ? 132 LEU A CD1   1 
ATOM   997  C CD2   . LEU A 1 134 ? 11.127  5.745   5.552   1.00 36.72 ? 132 LEU A CD2   1 
ATOM   998  N N     . ALA A 1 135 ? 9.761   3.690   1.695   1.00 13.60 ? 133 ALA A N     1 
ATOM   999  C CA    . ALA A 1 135 ? 9.159   2.367   1.763   1.00 13.35 ? 133 ALA A CA    1 
ATOM   1000 C C     . ALA A 1 135 ? 9.561   1.510   0.563   1.00 13.23 ? 133 ALA A C     1 
ATOM   1001 O O     . ALA A 1 135 ? 9.581   0.285   0.663   1.00 12.56 ? 133 ALA A O     1 
ATOM   1002 C CB    . ALA A 1 135 ? 7.662   2.477   1.909   1.00 13.17 ? 133 ALA A CB    1 
ATOM   1003 N N     . GLN A 1 136 ? 9.902   2.145   -0.567  1.00 13.73 ? 134 GLN A N     1 
ATOM   1004 C CA    . GLN A 1 136 ? 10.303  1.408   -1.757  1.00 12.92 ? 134 GLN A CA    1 
ATOM   1005 C C     . GLN A 1 136 ? 11.691  0.790   -1.589  1.00 12.04 ? 134 GLN A C     1 
ATOM   1006 O O     . GLN A 1 136 ? 12.003  -0.196  -2.258  1.00 12.98 ? 134 GLN A O     1 
ATOM   1007 C CB    . GLN A 1 136 ? 10.238  2.275   -3.020  1.00 12.14 ? 134 GLN A CB    1 
ATOM   1008 C CG    . GLN A 1 136 ? 8.826   2.612   -3.486  1.00 14.19 ? 134 GLN A CG    1 
ATOM   1009 C CD    . GLN A 1 136 ? 7.939   1.411   -3.718  1.00 14.81 ? 134 GLN A CD    1 
ATOM   1010 O OE1   . GLN A 1 136 ? 7.365   0.849   -2.788  1.00 17.59 ? 134 GLN A OE1   1 
ATOM   1011 N NE2   . GLN A 1 136 ? 7.807   1.022   -4.976  1.00 27.42 ? 134 GLN A NE2   1 
ATOM   1012 N N     . LEU A 1 137 ? 12.507  1.367   -0.695  1.00 13.57 ? 135 LEU A N     1 
ATOM   1013 C CA    . LEU A 1 137 ? 13.901  0.960   -0.551  1.00 12.82 ? 135 LEU A CA    1 
ATOM   1014 C C     . LEU A 1 137 ? 14.028  -0.493  -0.081  1.00 15.24 ? 135 LEU A C     1 
ATOM   1015 O O     . LEU A 1 137 ? 14.776  -1.243  -0.709  1.00 15.19 ? 135 LEU A O     1 
ATOM   1016 C CB    . LEU A 1 137 ? 14.666  1.941   0.348   1.00 16.99 ? 135 LEU A CB    1 
ATOM   1017 C CG    . LEU A 1 137 ? 14.871  3.351   -0.214  1.00 21.07 ? 135 LEU A CG    1 
ATOM   1018 C CD1   . LEU A 1 137 ? 15.465  4.271   0.842   1.00 24.35 ? 135 LEU A CD1   1 
ATOM   1019 C CD2   . LEU A 1 137 ? 15.748  3.339   -1.459  1.00 27.17 ? 135 LEU A CD2   1 
ATOM   1020 N N     . PRO A 1 138 ? 13.338  -0.961  0.995   1.00 13.60 ? 136 PRO A N     1 
ATOM   1021 C CA    . PRO A 1 138 ? 13.367  -2.385  1.342   1.00 15.01 ? 136 PRO A CA    1 
ATOM   1022 C C     . PRO A 1 138 ? 12.840  -3.326  0.258   1.00 14.86 ? 136 PRO A C     1 
ATOM   1023 O O     . PRO A 1 138 ? 13.303  -4.459  0.150   1.00 14.98 ? 136 PRO A O     1 
ATOM   1024 C CB    . PRO A 1 138 ? 12.545  -2.495  2.636   1.00 16.41 ? 136 PRO A CB    1 
ATOM   1025 C CG    . PRO A 1 138 ? 11.715  -1.229  2.672   1.00 15.84 ? 136 PRO A CG    1 
ATOM   1026 C CD    . PRO A 1 138 ? 12.559  -0.183  1.975   1.00 16.85 ? 136 PRO A CD    1 
ATOM   1027 N N     . CYS A 1 139 ? 11.888  -2.845  -0.553  1.00 13.25 ? 137 CYS A N     1 
ATOM   1028 C CA    . CYS A 1 139 ? 11.372  -3.614  -1.677  1.00 12.38 ? 137 CYS A CA    1 
ATOM   1029 C C     . CYS A 1 139 ? 12.449  -3.812  -2.744  1.00 14.67 ? 137 CYS A C     1 
ATOM   1030 O O     . CYS A 1 139 ? 12.610  -4.922  -3.249  1.00 12.98 ? 137 CYS A O     1 
ATOM   1031 C CB    . CYS A 1 139 ? 10.145  -2.949  -2.289  1.00 12.50 ? 137 CYS A CB    1 
ATOM   1032 S SG    . CYS A 1 139 ? 8.742   -2.879  -1.148  1.00 15.43 ? 137 CYS A SG    1 
ATOM   1033 N N     . ALA A 1 140 ? 13.190  -2.739  -3.059  1.00 14.23 ? 138 ALA A N     1 
ATOM   1034 C CA    . ALA A 1 140 ? 14.285  -2.785  -4.017  1.00 16.09 ? 138 ALA A CA    1 
ATOM   1035 C C     . ALA A 1 140 ? 15.354  -3.769  -3.541  1.00 16.69 ? 138 ALA A C     1 
ATOM   1036 O O     . ALA A 1 140 ? 15.855  -4.567  -4.331  1.00 16.08 ? 138 ALA A O     1 
ATOM   1037 C CB    . ALA A 1 140 ? 14.850  -1.400  -4.218  1.00 18.50 ? 138 ALA A CB    1 
ATOM   1038 N N     . SER A 1 141 ? 15.662  -3.706  -2.238  1.00 17.04 ? 139 SER A N     1 
ATOM   1039 C CA    . SER A 1 141 ? 16.641  -4.563  -1.589  1.00 15.66 ? 139 SER A CA    1 
ATOM   1040 C C     . SER A 1 141 ? 16.246  -6.033  -1.726  1.00 15.46 ? 139 SER A C     1 
ATOM   1041 O O     . SER A 1 141 ? 17.078  -6.857  -2.105  1.00 15.65 ? 139 SER A O     1 
ATOM   1042 C CB    . SER A 1 141 ? 16.823  -4.168  -0.146  1.00 17.49 ? 139 SER A CB    1 
ATOM   1043 O OG    . SER A 1 141 ? 17.735  -5.040  0.508   1.00 17.54 ? 139 SER A OG    1 
ATOM   1044 N N     . MET A 1 142 ? 14.977  -6.346  -1.423  1.00 13.31 ? 140 MET A N     1 
ATOM   1045 C CA    . MET A 1 142 ? 14.485  -7.714  -1.492  1.00 12.99 ? 140 MET A CA    1 
ATOM   1046 C C     . MET A 1 142 ? 14.500  -8.209  -2.935  1.00 13.98 ? 140 MET A C     1 
ATOM   1047 O O     . MET A 1 142 ? 14.871  -9.353  -3.177  1.00 15.50 ? 140 MET A O     1 
ATOM   1048 C CB    . MET A 1 142 ? 13.080  -7.853  -0.897  1.00 13.13 ? 140 MET A CB    1 
ATOM   1049 C CG    . MET A 1 142 ? 13.054  -7.698  0.616   1.00 15.23 ? 140 MET A CG    1 
ATOM   1050 S SD    . MET A 1 142 ? 11.437  -7.978  1.380   1.00 14.80 ? 140 MET A SD    1 
ATOM   1051 C CE    . MET A 1 142 ? 10.476  -6.634  0.685   1.00 14.80 ? 140 MET A CE    1 
ATOM   1052 N N     . ALA A 1 143 ? 14.121  -7.331  -3.878  1.00 13.69 ? 141 ALA A N     1 
ATOM   1053 C CA    . ALA A 1 143 ? 14.087  -7.646  -5.297  1.00 12.96 ? 141 ALA A CA    1 
ATOM   1054 C C     . ALA A 1 143 ? 15.466  -8.081  -5.792  1.00 13.07 ? 141 ALA A C     1 
ATOM   1055 O O     . ALA A 1 143 ? 15.577  -9.099  -6.472  1.00 14.10 ? 141 ALA A O     1 
ATOM   1056 C CB    . ALA A 1 143 ? 13.550  -6.475  -6.089  1.00 15.57 ? 141 ALA A CB    1 
ATOM   1057 N N     . LEU A 1 144 ? 16.501  -7.312  -5.426  1.00 14.75 ? 142 LEU A N     1 
ATOM   1058 C CA    . LEU A 1 144 ? 17.866  -7.614  -5.842  1.00 15.41 ? 142 LEU A CA    1 
ATOM   1059 C C     . LEU A 1 144 ? 18.326  -8.948  -5.254  1.00 16.98 ? 142 LEU A C     1 
ATOM   1060 O O     . LEU A 1 144 ? 18.961  -9.734  -5.953  1.00 16.64 ? 142 LEU A O     1 
ATOM   1061 C CB    . LEU A 1 144 ? 18.809  -6.466  -5.461  1.00 16.32 ? 142 LEU A CB    1 
ATOM   1062 C CG    . LEU A 1 144 ? 18.609  -5.150  -6.217  1.00 19.41 ? 142 LEU A CG    1 
ATOM   1063 C CD1   . LEU A 1 144 ? 19.486  -4.053  -5.637  1.00 21.18 ? 142 LEU A CD1   1 
ATOM   1064 C CD2   . LEU A 1 144 ? 18.871  -5.304  -7.709  1.00 22.23 ? 142 LEU A CD2   1 
ATOM   1065 N N     . GLN A 1 145 ? 17.974  -9.206  -3.987  1.00 15.49 ? 143 GLN A N     1 
ATOM   1066 C CA    . GLN A 1 145 ? 18.370  -10.429 -3.304  1.00 16.08 ? 143 GLN A CA    1 
ATOM   1067 C C     . GLN A 1 145 ? 17.729  -11.647 -3.971  1.00 17.03 ? 143 GLN A C     1 
ATOM   1068 O O     . GLN A 1 145 ? 18.378  -12.682 -4.111  1.00 17.01 ? 143 GLN A O     1 
ATOM   1069 C CB    . GLN A 1 145 ? 18.059  -10.355 -1.808  1.00 15.42 ? 143 GLN A CB    1 
ATOM   1070 C CG    . GLN A 1 145 ? 18.952  -9.381  -1.049  1.00 19.85 ? 143 GLN A CG    1 
ATOM   1071 C CD    . GLN A 1 145 ? 18.593  -9.285  0.414   1.00 22.97 ? 143 GLN A CD    1 
ATOM   1072 O OE1   . GLN A 1 145 ? 18.767  -10.230 1.179   1.00 23.20 ? 143 GLN A OE1   1 
ATOM   1073 N NE2   . GLN A 1 145 ? 18.091  -8.129  0.816   1.00 22.79 ? 143 GLN A NE2   1 
ATOM   1074 N N     . ILE A 1 146 ? 16.464  -11.507 -4.399  1.00 13.84 ? 144 ILE A N     1 
ATOM   1075 C CA    . ILE A 1 146 ? 15.739  -12.576 -5.073  1.00 12.92 ? 144 ILE A CA    1 
ATOM   1076 C C     . ILE A 1 146 ? 16.350  -12.803 -6.457  1.00 15.35 ? 144 ILE A C     1 
ATOM   1077 O O     . ILE A 1 146 ? 16.485  -13.951 -6.882  1.00 14.47 ? 144 ILE A O     1 
ATOM   1078 C CB    . ILE A 1 146 ? 14.219  -12.288 -5.122  1.00 13.46 ? 144 ILE A CB    1 
ATOM   1079 C CG1   . ILE A 1 146 ? 13.605  -12.247 -3.719  1.00 14.63 ? 144 ILE A CG1   1 
ATOM   1080 C CG2   . ILE A 1 146 ? 13.493  -13.295 -6.007  1.00 14.22 ? 144 ILE A CG2   1 
ATOM   1081 C CD1   . ILE A 1 146 ? 12.267  -11.536 -3.647  1.00 14.25 ? 144 ILE A CD1   1 
ATOM   1082 N N     . LEU A 1 147 ? 16.724  -11.709 -7.141  1.00 15.83 ? 145 LEU A N     1 
ATOM   1083 C CA    A LEU A 1 147 ? 17.338  -11.777 -8.459  0.60 16.57 ? 145 LEU A CA    1 
ATOM   1084 C CA    B LEU A 1 147 ? 17.327  -11.788 -8.461  0.40 15.59 ? 145 LEU A CA    1 
ATOM   1085 C C     . LEU A 1 147 ? 18.597  -12.638 -8.405  1.00 15.19 ? 145 LEU A C     1 
ATOM   1086 O O     . LEU A 1 147 ? 18.786  -13.515 -9.247  1.00 17.05 ? 145 LEU A O     1 
ATOM   1087 C CB    A LEU A 1 147 ? 17.677  -10.365 -8.951  0.60 19.55 ? 145 LEU A CB    1 
ATOM   1088 C CB    B LEU A 1 147 ? 17.610  -10.373 -8.978  0.40 16.68 ? 145 LEU A CB    1 
ATOM   1089 C CG    A LEU A 1 147 ? 16.773  -9.762  -10.029 0.60 22.37 ? 145 LEU A CG    1 
ATOM   1090 C CG    B LEU A 1 147 ? 17.856  -10.257 -10.482 0.40 17.03 ? 145 LEU A CG    1 
ATOM   1091 C CD1   A LEU A 1 147 ? 17.403  -8.493  -10.579 0.60 22.90 ? 145 LEU A CD1   1 
ATOM   1092 C CD1   B LEU A 1 147 ? 16.676  -10.804 -11.269 0.40 21.40 ? 145 LEU A CD1   1 
ATOM   1093 C CD2   A LEU A 1 147 ? 16.514  -10.744 -11.165 0.60 28.66 ? 145 LEU A CD2   1 
ATOM   1094 C CD2   B LEU A 1 147 ? 18.136  -8.815  -10.875 0.40 16.94 ? 145 LEU A CD2   1 
ATOM   1095 N N     . TRP A 1 148 ? 19.454  -12.378 -7.405  1.00 15.19 ? 146 TRP A N     1 
ATOM   1096 C CA    . TRP A 1 148 ? 20.719  -13.089 -7.275  1.00 14.72 ? 146 TRP A CA    1 
ATOM   1097 C C     . TRP A 1 148 ? 20.487  -14.571 -6.993  1.00 16.28 ? 146 TRP A C     1 
ATOM   1098 O O     . TRP A 1 148 ? 21.161  -15.415 -7.584  1.00 15.62 ? 146 TRP A O     1 
ATOM   1099 C CB    . TRP A 1 148 ? 21.637  -12.468 -6.211  1.00 15.90 ? 146 TRP A CB    1 
ATOM   1100 C CG    . TRP A 1 148 ? 21.821  -10.982 -6.247  1.00 15.04 ? 146 TRP A CG    1 
ATOM   1101 C CD1   . TRP A 1 148 ? 22.015  -10.178 -5.161  1.00 16.95 ? 146 TRP A CD1   1 
ATOM   1102 C CD2   . TRP A 1 148 ? 21.831  -10.111 -7.396  1.00 15.48 ? 146 TRP A CD2   1 
ATOM   1103 N NE1   . TRP A 1 148 ? 22.148  -8.874  -5.547  1.00 18.64 ? 146 TRP A NE1   1 
ATOM   1104 C CE2   . TRP A 1 148 ? 22.036  -8.798  -6.910  1.00 15.18 ? 146 TRP A CE2   1 
ATOM   1105 C CE3   . TRP A 1 148 ? 21.683  -10.295 -8.779  1.00 15.31 ? 146 TRP A CE3   1 
ATOM   1106 C CZ2   . TRP A 1 148 ? 22.101  -7.690  -7.756  1.00 18.82 ? 146 TRP A CZ2   1 
ATOM   1107 C CZ3   . TRP A 1 148 ? 21.747  -9.199  -9.615  1.00 17.06 ? 146 TRP A CZ3   1 
ATOM   1108 C CH2   . TRP A 1 148 ? 21.955  -7.914  -9.107  1.00 16.93 ? 146 TRP A CH2   1 
ATOM   1109 N N     . GLU A 1 149 ? 19.533  -14.862 -6.097  1.00 14.41 ? 147 GLU A N     1 
ATOM   1110 C CA    A GLU A 1 149 ? 19.225  -16.225 -5.693  0.50 15.20 ? 147 GLU A CA    1 
ATOM   1111 C CA    B GLU A 1 149 ? 19.229  -16.226 -5.693  0.50 16.01 ? 147 GLU A CA    1 
ATOM   1112 C C     . GLU A 1 149 ? 18.646  -16.994 -6.878  1.00 17.19 ? 147 GLU A C     1 
ATOM   1113 O O     . GLU A 1 149 ? 19.057  -18.119 -7.144  1.00 16.97 ? 147 GLU A O     1 
ATOM   1114 C CB    A GLU A 1 149 ? 18.289  -16.244 -4.481  0.50 16.97 ? 147 GLU A CB    1 
ATOM   1115 C CB    B GLU A 1 149 ? 18.307  -16.237 -4.471  0.50 19.10 ? 147 GLU A CB    1 
ATOM   1116 C CG    A GLU A 1 149 ? 18.982  -15.913 -3.171  0.50 15.12 ? 147 GLU A CG    1 
ATOM   1117 C CG    B GLU A 1 149 ? 18.288  -17.569 -3.742  0.50 19.74 ? 147 GLU A CG    1 
ATOM   1118 C CD    A GLU A 1 149 ? 20.194  -16.772 -2.847  0.50 18.86 ? 147 GLU A CD    1 
ATOM   1119 C CD    B GLU A 1 149 ? 19.606  -17.972 -3.104  0.50 22.45 ? 147 GLU A CD    1 
ATOM   1120 O OE1   A GLU A 1 149 ? 21.218  -16.204 -2.417  0.50 23.94 ? 147 GLU A OE1   1 
ATOM   1121 O OE1   B GLU A 1 149 ? 20.343  -17.074 -2.647  0.50 23.68 ? 147 GLU A OE1   1 
ATOM   1122 O OE2   A GLU A 1 149 ? 20.112  -18.004 -3.021  0.50 16.02 ? 147 GLU A OE2   1 
ATOM   1123 O OE2   B GLU A 1 149 ? 19.896  -19.184 -3.067  0.50 26.24 ? 147 GLU A OE2   1 
ATOM   1124 N N     . ALA A 1 150 ? 17.698  -16.371 -7.590  1.00 14.64 ? 148 ALA A N     1 
ATOM   1125 C CA    . ALA A 1 150 ? 17.059  -16.983 -8.744  1.00 15.54 ? 148 ALA A CA    1 
ATOM   1126 C C     . ALA A 1 150 ? 18.082  -17.278 -9.841  1.00 15.52 ? 148 ALA A C     1 
ATOM   1127 O O     . ALA A 1 150 ? 18.125  -18.395 -10.354 1.00 15.87 ? 148 ALA A O     1 
ATOM   1128 C CB    . ALA A 1 150 ? 15.932  -16.113 -9.251  1.00 14.25 ? 148 ALA A CB    1 
ATOM   1129 N N     . ALA A 1 151 ? 18.916  -16.280 -10.169 1.00 15.30 ? 149 ALA A N     1 
ATOM   1130 C CA    . ALA A 1 151 ? 19.888  -16.377 -11.250 1.00 16.81 ? 149 ALA A CA    1 
ATOM   1131 C C     . ALA A 1 151 ? 20.895  -17.496 -10.988 1.00 17.87 ? 149 ALA A C     1 
ATOM   1132 O O     . ALA A 1 151 ? 21.259  -18.222 -11.912 1.00 21.14 ? 149 ALA A O     1 
ATOM   1133 C CB    . ALA A 1 151 ? 20.582  -15.053 -11.456 1.00 16.82 ? 149 ALA A CB    1 
ATOM   1134 N N     . ARG A 1 152 ? 21.313  -17.643 -9.723  1.00 16.51 ? 150 ARG A N     1 
ATOM   1135 C CA    . ARG A 1 152 ? 22.370  -18.581 -9.373  1.00 16.64 ? 150 ARG A CA    1 
ATOM   1136 C C     . ARG A 1 152 ? 21.843  -20.017 -9.338  1.00 19.27 ? 150 ARG A C     1 
ATOM   1137 O O     . ARG A 1 152 ? 22.636  -20.958 -9.330  1.00 19.02 ? 150 ARG A O     1 
ATOM   1138 C CB    . ARG A 1 152 ? 23.088  -18.135 -8.092  1.00 16.98 ? 150 ARG A CB    1 
ATOM   1139 C CG    . ARG A 1 152 ? 22.391  -18.502 -6.790  1.00 16.34 ? 150 ARG A CG    1 
ATOM   1140 C CD    . ARG A 1 152 ? 23.168  -17.981 -5.598  1.00 17.97 ? 150 ARG A CD    1 
ATOM   1141 N NE    . ARG A 1 152 ? 22.722  -18.577 -4.346  1.00 17.37 ? 150 ARG A NE    1 
ATOM   1142 C CZ    . ARG A 1 152 ? 23.107  -19.761 -3.876  1.00 18.59 ? 150 ARG A CZ    1 
ATOM   1143 N NH1   . ARG A 1 152 ? 24.044  -20.459 -4.496  1.00 19.00 ? 150 ARG A NH1   1 
ATOM   1144 N NH2   . ARG A 1 152 ? 22.555  -20.242 -2.776  1.00 21.84 ? 150 ARG A NH2   1 
ATOM   1145 N N     . HIS A 1 153 ? 20.509  -20.172 -9.347  1.00 18.18 ? 151 HIS A N     1 
ATOM   1146 C CA    A HIS A 1 153 ? 19.863  -21.474 -9.269  0.50 19.95 ? 151 HIS A CA    1 
ATOM   1147 C CA    B HIS A 1 153 ? 19.852  -21.468 -9.267  0.50 21.25 ? 151 HIS A CA    1 
ATOM   1148 C C     . HIS A 1 153 ? 19.378  -21.930 -10.644 1.00 22.02 ? 151 HIS A C     1 
ATOM   1149 O O     . HIS A 1 153 ? 18.766  -22.994 -10.767 1.00 22.62 ? 151 HIS A O     1 
ATOM   1150 C CB    A HIS A 1 153 ? 18.738  -21.454 -8.224  0.50 18.11 ? 151 HIS A CB    1 
ATOM   1151 C CB    B HIS A 1 153 ? 18.705  -21.424 -8.247  0.50 21.62 ? 151 HIS A CB    1 
ATOM   1152 C CG    A HIS A 1 153 ? 19.207  -21.691 -6.827  0.50 18.72 ? 151 HIS A CG    1 
ATOM   1153 C CG    B HIS A 1 153 ? 19.124  -21.717 -6.845  0.50 23.57 ? 151 HIS A CG    1 
ATOM   1154 N ND1   A HIS A 1 153 ? 19.482  -20.660 -5.952  0.50 18.19 ? 151 HIS A ND1   1 
ATOM   1155 N ND1   B HIS A 1 153 ? 19.189  -23.005 -6.352  0.50 25.55 ? 151 HIS A ND1   1 
ATOM   1156 C CD2   A HIS A 1 153 ? 19.445  -22.833 -6.148  0.50 20.02 ? 151 HIS A CD2   1 
ATOM   1157 C CD2   B HIS A 1 153 ? 19.490  -20.905 -5.831  0.50 25.06 ? 151 HIS A CD2   1 
ATOM   1158 C CE1   A HIS A 1 153 ? 19.872  -21.154 -4.796  0.50 20.59 ? 151 HIS A CE1   1 
ATOM   1159 C CE1   B HIS A 1 153 ? 19.579  -22.973 -5.094  0.50 26.97 ? 151 HIS A CE1   1 
ATOM   1160 N NE2   A HIS A 1 153 ? 19.858  -22.488 -4.891  0.50 21.64 ? 151 HIS A NE2   1 
ATOM   1161 N NE2   B HIS A 1 153 ? 19.772  -21.695 -4.750  0.50 26.94 ? 151 HIS A NE2   1 
ATOM   1162 N N     . LEU A 1 154 ? 19.666  -21.129 -11.681 1.00 23.65 ? 152 LEU A N     1 
ATOM   1163 C CA    . LEU A 1 154 ? 19.244  -21.438 -13.041 1.00 27.33 ? 152 LEU A CA    1 
ATOM   1164 C C     . LEU A 1 154 ? 19.997  -22.668 -13.568 1.00 37.49 ? 152 LEU A C     1 
ATOM   1165 O O     . LEU A 1 154 ? 21.131  -22.953 -13.183 1.00 36.76 ? 152 LEU A O     1 
ATOM   1166 C CB    . LEU A 1 154 ? 19.476  -20.225 -13.950 1.00 27.24 ? 152 LEU A CB    1 
ATOM   1167 C CG    . LEU A 1 154 ? 18.456  -19.090 -13.844 1.00 29.89 ? 152 LEU A CG    1 
ATOM   1168 C CD1   . LEU A 1 154 ? 18.932  -17.872 -14.621 1.00 32.75 ? 152 LEU A CD1   1 
ATOM   1169 C CD2   . LEU A 1 154 ? 17.082  -19.525 -14.339 1.00 34.71 ? 152 LEU A CD2   1 
ATOM   1170 O OXT   . LEU A 1 154 ? 19.469  -23.408 -14.399 1.00 40.28 ? 152 LEU A OXT   1 
HETATM 1171 C C7    . QY1 B 2 .   ? 13.040  3.436   -5.081  1.00 24.26 ? 201 QY1 A C7    1 
HETATM 1172 C C6    . QY1 B 2 .   ? 6.801   9.873   -7.991  1.00 19.77 ? 201 QY1 A C6    1 
HETATM 1173 C C1    . QY1 B 2 .   ? 12.818  1.222   -6.016  1.00 27.45 ? 201 QY1 A C1    1 
HETATM 1174 C C5    . QY1 B 2 .   ? 7.822   10.414  -5.862  1.00 20.64 ? 201 QY1 A C5    1 
HETATM 1175 C C4    . QY1 B 2 .   ? 10.023  3.384   -7.177  1.00 23.38 ? 201 QY1 A C4    1 
HETATM 1176 C C3    . QY1 B 2 .   ? 11.659  1.628   -6.672  1.00 26.15 ? 201 QY1 A C3    1 
HETATM 1177 C C2    . QY1 B 2 .   ? 13.509  2.127   -5.222  1.00 25.06 ? 201 QY1 A C2    1 
HETATM 1178 C C8    . QY1 B 2 .   ? 8.692   9.338   -5.996  1.00 20.81 ? 201 QY1 A C8    1 
HETATM 1179 C C9    . QY1 B 2 .   ? 7.675   8.794   -8.128  1.00 20.49 ? 201 QY1 A C9    1 
HETATM 1180 C C10   . QY1 B 2 .   ? 9.589   4.690   -7.013  1.00 25.13 ? 201 QY1 A C10   1 
HETATM 1181 C C11   . QY1 B 2 .   ? 11.187  2.945   -6.530  1.00 23.15 ? 201 QY1 A C11   1 
HETATM 1182 C C12   . QY1 B 2 .   ? 6.887   10.686  -6.859  1.00 21.05 ? 201 QY1 A C12   1 
HETATM 1183 C C13   . QY1 B 2 .   ? 11.885  3.868   -5.725  1.00 23.11 ? 201 QY1 A C13   1 
HETATM 1184 C C14   . QY1 B 2 .   ? 8.616   8.533   -7.130  1.00 20.50 ? 201 QY1 A C14   1 
HETATM 1185 C C15   . QY1 B 2 .   ? 10.341  5.519   -6.207  1.00 22.54 ? 201 QY1 A C15   1 
HETATM 1186 C C16   . QY1 B 2 .   ? 4.617   11.259  -6.168  1.00 24.24 ? 201 QY1 A C16   1 
HETATM 1187 C C17   . QY1 B 2 .   ? 5.620   15.002  -6.934  1.00 27.72 ? 201 QY1 A C17   1 
HETATM 1188 C C18   . QY1 B 2 .   ? 7.058   14.751  -7.388  1.00 28.30 ? 201 QY1 A C18   1 
HETATM 1189 C C19   . QY1 B 2 .   ? 4.772   13.914  -7.587  1.00 30.16 ? 201 QY1 A C19   1 
HETATM 1190 C C20   . QY1 B 2 .   ? 7.021   13.506  -8.271  1.00 26.18 ? 201 QY1 A C20   1 
HETATM 1191 C C21   . QY1 B 2 .   ? 5.747   12.770  -7.861  1.00 28.19 ? 201 QY1 A C21   1 
HETATM 1192 C C22   . QY1 B 2 .   ? 9.911   6.938   -5.997  1.00 23.78 ? 201 QY1 A C22   1 
HETATM 1193 C C23   . QY1 B 2 .   ? 5.935   11.853  -6.662  1.00 24.52 ? 201 QY1 A C23   1 
HETATM 1194 N N24   . QY1 B 2 .   ? 11.466  5.138   -5.563  1.00 22.25 ? 201 QY1 A N24   1 
HETATM 1195 O O25   . QY1 B 2 .   ? 3.694   10.867  -6.868  1.00 23.76 ? 201 QY1 A O25   1 
HETATM 1196 O O26   . QY1 B 2 .   ? 4.591   11.172  -4.813  1.00 20.47 ? 201 QY1 A O26   1 
HETATM 1197 O O27   . QY1 B 2 .   ? 9.471   7.485   -7.239  1.00 20.83 ? 201 QY1 A O27   1 
HETATM 1198 C C1    . BOG C 3 .   ? -7.054  14.793  9.034   1.00 62.12 ? 202 BOG A C1    1 
HETATM 1199 O O1    . BOG C 3 .   ? -6.215  13.655  9.224   1.00 56.36 ? 202 BOG A O1    1 
HETATM 1200 C C2    . BOG C 3 .   ? -6.599  15.913  9.976   1.00 68.08 ? 202 BOG A C2    1 
HETATM 1201 O O2    . BOG C 3 .   ? -6.828  15.519  11.334  1.00 74.53 ? 202 BOG A O2    1 
HETATM 1202 C C3    . BOG C 3 .   ? -7.327  17.236  9.696   1.00 69.89 ? 202 BOG A C3    1 
HETATM 1203 O O3    . BOG C 3 .   ? -6.637  18.298  10.366  1.00 72.45 ? 202 BOG A O3    1 
HETATM 1204 C C4    . BOG C 3 .   ? -7.448  17.580  8.203   1.00 66.24 ? 202 BOG A C4    1 
HETATM 1205 O O4    . BOG C 3 .   ? -8.448  18.595  8.048   1.00 64.71 ? 202 BOG A O4    1 
HETATM 1206 C C5    . BOG C 3 .   ? -7.799  16.358  7.337   1.00 61.85 ? 202 BOG A C5    1 
HETATM 1207 O O5    . BOG C 3 .   ? -6.968  15.234  7.669   1.00 63.24 ? 202 BOG A O5    1 
HETATM 1208 C C6    . BOG C 3 .   ? -7.636  16.656  5.851   1.00 52.76 ? 202 BOG A C6    1 
HETATM 1209 O O6    . BOG C 3 .   ? -8.075  15.524  5.093   1.00 37.85 ? 202 BOG A O6    1 
HETATM 1210 C "C1'" . BOG C 3 .   ? -6.891  12.426  8.960   1.00 47.74 ? 202 BOG A "C1'" 1 
HETATM 1211 C "C2'" . BOG C 3 .   ? -5.922  11.462  8.289   1.00 40.14 ? 202 BOG A "C2'" 1 
HETATM 1212 C "C3'" . BOG C 3 .   ? -6.592  10.125  7.996   1.00 33.84 ? 202 BOG A "C3'" 1 
HETATM 1213 C "C4'" . BOG C 3 .   ? -5.555  9.019   7.860   1.00 30.07 ? 202 BOG A "C4'" 1 
HETATM 1214 C "C5'" . BOG C 3 .   ? -6.226  7.657   7.741   1.00 31.73 ? 202 BOG A "C5'" 1 
HETATM 1215 C "C6'" . BOG C 3 .   ? -5.225  6.539   8.008   1.00 35.20 ? 202 BOG A "C6'" 1 
HETATM 1216 C "C7'" . BOG C 3 .   ? -5.778  5.192   7.564   1.00 35.83 ? 202 BOG A "C7'" 1 
HETATM 1217 C "C8'" . BOG C 3 .   ? -4.740  4.104   7.728   1.00 34.88 ? 202 BOG A "C8'" 1 
HETATM 1218 O O1    . PG4 D 4 .   ? 20.669  -4.094  3.454   1.00 65.45 ? 203 PG4 A O1    1 
HETATM 1219 C C1    . PG4 D 4 .   ? 20.421  -3.396  2.228   1.00 66.22 ? 203 PG4 A C1    1 
HETATM 1220 C C2    . PG4 D 4 .   ? 20.241  -1.911  2.516   1.00 68.15 ? 203 PG4 A C2    1 
HETATM 1221 O O2    . PG4 D 4 .   ? 19.133  -1.412  1.770   1.00 68.01 ? 203 PG4 A O2    1 
HETATM 1222 C C3    . PG4 D 4 .   ? 18.624  -0.199  2.322   1.00 66.00 ? 203 PG4 A C3    1 
HETATM 1223 C C4    . PG4 D 4 .   ? 17.109  -0.293  2.467   1.00 63.19 ? 203 PG4 A C4    1 
HETATM 1224 O O3    . PG4 D 4 .   ? 16.769  -1.403  3.296   1.00 62.62 ? 203 PG4 A O3    1 
HETATM 1225 C C5    . PG4 D 4 .   ? 15.916  -1.024  4.375   1.00 61.09 ? 203 PG4 A C5    1 
HETATM 1226 C C6    . PG4 D 4 .   ? 16.138  -1.958  5.560   1.00 60.49 ? 203 PG4 A C6    1 
HETATM 1227 O O4    . PG4 D 4 .   ? 17.515  -1.953  5.931   1.00 66.91 ? 203 PG4 A O4    1 
HETATM 1228 C C7    . PG4 D 4 .   ? 17.696  -1.681  7.320   1.00 68.64 ? 203 PG4 A C7    1 
HETATM 1229 C C8    . PG4 D 4 .   ? 19.184  -1.567  7.628   1.00 70.06 ? 203 PG4 A C8    1 
HETATM 1230 O O5    . PG4 D 4 .   ? 19.830  -2.810  7.328   1.00 70.48 ? 203 PG4 A O5    1 
HETATM 1231 O O1    . PG4 E 4 .   ? -9.324  13.013  1.827   1.00 36.69 ? 204 PG4 A O1    1 
HETATM 1232 C C1    . PG4 E 4 .   ? -10.329 12.279  2.534   1.00 37.62 ? 204 PG4 A C1    1 
HETATM 1233 C C2    . PG4 E 4 .   ? -9.760  11.794  3.862   1.00 36.62 ? 204 PG4 A C2    1 
HETATM 1234 O O2    . PG4 E 4 .   ? -10.751 11.919  4.880   1.00 46.59 ? 204 PG4 A O2    1 
HETATM 1235 C C3    . PG4 E 4 .   ? -10.261 11.501  6.153   1.00 43.34 ? 204 PG4 A C3    1 
HETATM 1236 C C4    . PG4 E 4 .   ? -11.365 10.772  6.909   1.00 44.07 ? 204 PG4 A C4    1 
HETATM 1237 O O3    . PG4 E 4 .   ? -10.787 9.775   7.750   1.00 45.54 ? 204 PG4 A O3    1 
HETATM 1238 O O     . HOH F 5 .   ? 0.271   5.344   -11.546 1.00 26.19 ? 301 HOH A O     1 
HETATM 1239 O O     . HOH F 5 .   ? -14.751 11.755  -7.446  1.00 17.94 ? 302 HOH A O     1 
HETATM 1240 O O     . HOH F 5 .   ? 0.904   6.296   -7.658  1.00 20.34 ? 303 HOH A O     1 
HETATM 1241 O O     . HOH F 5 .   ? -24.022 -1.247  -10.408 1.00 14.80 ? 304 HOH A O     1 
HETATM 1242 O O     . HOH F 5 .   ? -0.734  9.629   -6.466  1.00 23.24 ? 305 HOH A O     1 
HETATM 1243 O O     . HOH F 5 .   ? 0.205   2.652   2.134   1.00 13.09 ? 306 HOH A O     1 
HETATM 1244 O O     . HOH F 5 .   ? 1.981   8.962   -6.148  1.00 21.52 ? 307 HOH A O     1 
HETATM 1245 O O     B HOH F 5 .   ? -0.706  1.774   -11.665 0.30 18.71 ? 308 HOH A O     1 
HETATM 1246 O O     . HOH F 5 .   ? -8.049  15.595  -5.649  1.00 27.64 ? 309 HOH A O     1 
HETATM 1247 O O     . HOH F 5 .   ? -1.628  5.489   0.843   1.00 14.72 ? 310 HOH A O     1 
HETATM 1248 O O     . HOH F 5 .   ? 4.301   3.229   -7.601  1.00 20.23 ? 311 HOH A O     1 
HETATM 1249 O O     . HOH F 5 .   ? 9.456   -13.680 12.167  1.00 24.83 ? 312 HOH A O     1 
HETATM 1250 O O     . HOH F 5 .   ? -32.665 9.954   -4.611  1.00 33.00 ? 313 HOH A O     1 
HETATM 1251 O O     . HOH F 5 .   ? -30.197 2.682   -8.509  1.00 14.52 ? 314 HOH A O     1 
HETATM 1252 O O     . HOH F 5 .   ? -1.633  20.637  2.166   1.00 28.81 ? 315 HOH A O     1 
HETATM 1253 O O     . HOH F 5 .   ? -25.072 10.618  0.138   1.00 27.48 ? 316 HOH A O     1 
HETATM 1254 O O     . HOH F 5 .   ? -10.427 -8.404  -0.702  1.00 15.70 ? 317 HOH A O     1 
HETATM 1255 O O     . HOH F 5 .   ? 5.249   15.651  -3.261  1.00 19.14 ? 318 HOH A O     1 
HETATM 1256 O O     . HOH F 5 .   ? 22.547  -23.282 -10.739 1.00 28.74 ? 319 HOH A O     1 
HETATM 1257 O O     . HOH F 5 .   ? -20.153 5.668   -6.811  1.00 19.84 ? 320 HOH A O     1 
HETATM 1258 O O     . HOH F 5 .   ? 18.621  -9.433  3.794   1.00 25.28 ? 321 HOH A O     1 
HETATM 1259 O O     . HOH F 5 .   ? 20.070  -6.762  3.381   1.00 36.04 ? 322 HOH A O     1 
HETATM 1260 O O     . HOH F 5 .   ? -20.295 9.155   5.230   1.00 29.02 ? 323 HOH A O     1 
HETATM 1261 O O     B HOH F 5 .   ? 22.200  -15.059 -2.534  0.50 27.82 ? 324 HOH A O     1 
HETATM 1262 O O     . HOH F 5 .   ? -18.832 16.852  -3.585  1.00 27.86 ? 325 HOH A O     1 
HETATM 1263 O O     . HOH F 5 .   ? -8.117  9.554   -8.407  1.00 15.60 ? 326 HOH A O     1 
HETATM 1264 O O     . HOH F 5 .   ? 5.136   7.104   -9.228  1.00 21.61 ? 327 HOH A O     1 
HETATM 1265 O O     . HOH F 5 .   ? -10.854 3.473   -2.901  1.00 21.32 ? 328 HOH A O     1 
HETATM 1266 O O     . HOH F 5 .   ? 2.759   15.392  1.173   1.00 15.57 ? 329 HOH A O     1 
HETATM 1267 O O     . HOH F 5 .   ? 8.587   21.309  2.503   1.00 34.93 ? 330 HOH A O     1 
HETATM 1268 O O     . HOH F 5 .   ? 1.314   12.024  -7.696  1.00 27.93 ? 331 HOH A O     1 
HETATM 1269 O O     . HOH F 5 .   ? -18.244 17.735  -6.376  1.00 29.91 ? 332 HOH A O     1 
HETATM 1270 O O     . HOH F 5 .   ? -17.035 10.423  -8.502  1.00 15.97 ? 333 HOH A O     1 
HETATM 1271 O O     . HOH F 5 .   ? -4.617  4.854   -15.472 1.00 15.46 ? 334 HOH A O     1 
HETATM 1272 O O     . HOH F 5 .   ? 6.308   2.805   -1.115  1.00 13.25 ? 335 HOH A O     1 
HETATM 1273 O O     . HOH F 5 .   ? 25.361  -20.386 -9.315  1.00 15.40 ? 336 HOH A O     1 
HETATM 1274 O O     . HOH F 5 .   ? -8.529  16.458  -1.663  1.00 19.24 ? 337 HOH A O     1 
HETATM 1275 O O     . HOH F 5 .   ? 2.838   9.365   -3.541  1.00 17.56 ? 338 HOH A O     1 
HETATM 1276 O O     . HOH F 5 .   ? 20.624  -12.861 -2.392  1.00 25.47 ? 339 HOH A O     1 
HETATM 1277 O O     A HOH F 5 .   ? -1.689  7.227   -7.171  0.30 5.22  ? 340 HOH A O     1 
HETATM 1278 O O     . HOH F 5 .   ? -14.541 8.357   -9.322  1.00 20.85 ? 341 HOH A O     1 
HETATM 1279 O O     . HOH F 5 .   ? 20.154  -11.031 5.613   1.00 33.50 ? 342 HOH A O     1 
HETATM 1280 O O     . HOH F 5 .   ? -18.050 16.133  -12.064 1.00 33.27 ? 343 HOH A O     1 
HETATM 1281 O O     . HOH F 5 .   ? -27.266 3.028   -14.436 1.00 31.76 ? 344 HOH A O     1 
HETATM 1282 O O     . HOH F 5 .   ? 5.640   0.875   -7.247  1.00 25.22 ? 345 HOH A O     1 
HETATM 1283 O O     . HOH F 5 .   ? -26.184 2.409   -2.670  1.00 25.15 ? 346 HOH A O     1 
HETATM 1284 O O     . HOH F 5 .   ? -6.937  17.622  -3.660  1.00 31.74 ? 347 HOH A O     1 
HETATM 1285 O O     . HOH F 5 .   ? 3.559   9.969   -9.709  1.00 29.31 ? 348 HOH A O     1 
HETATM 1286 O O     A HOH F 5 .   ? -15.111 4.083   -7.750  0.50 22.56 ? 349 HOH A O     1 
HETATM 1287 O O     . HOH F 5 .   ? 4.657   14.857  -0.746  1.00 16.35 ? 350 HOH A O     1 
HETATM 1288 O O     . HOH F 5 .   ? -6.661  11.538  -9.728  1.00 19.30 ? 351 HOH A O     1 
HETATM 1289 O O     . HOH F 5 .   ? -22.041 19.632  -8.849  1.00 34.66 ? 352 HOH A O     1 
HETATM 1290 O O     . HOH F 5 .   ? -3.341  21.163  5.171   1.00 81.66 ? 353 HOH A O     1 
HETATM 1291 O O     A HOH F 5 .   ? -1.638  7.230   -9.899  0.30 15.52 ? 354 HOH A O     1 
HETATM 1292 O O     . HOH F 5 .   ? -4.591  7.662   -10.749 1.00 27.99 ? 355 HOH A O     1 
HETATM 1293 O O     . HOH F 5 .   ? 2.462   7.012   -9.766  1.00 32.54 ? 356 HOH A O     1 
HETATM 1294 O O     A HOH F 5 .   ? -12.617 10.154  -9.384  0.50 18.23 ? 357 HOH A O     1 
HETATM 1295 O O     . HOH F 5 .   ? -16.354 9.832   -11.084 1.00 26.01 ? 358 HOH A O     1 
HETATM 1296 O O     . HOH F 5 .   ? -13.328 6.360   -10.934 1.00 25.81 ? 359 HOH A O     1 
HETATM 1297 O O     . HOH F 5 .   ? -6.027  20.914  -0.431  1.00 38.23 ? 360 HOH A O     1 
HETATM 1298 O O     A HOH F 5 .   ? -10.384 9.372   -10.199 0.50 21.45 ? 361 HOH A O     1 
# 
